data_2ODR
#
_entry.id   2ODR
#
_cell.length_a   119.172
_cell.length_b   133.943
_cell.length_c   208.382
_cell.angle_alpha   90.00
_cell.angle_beta   90.00
_cell.angle_gamma   90.00
#
_symmetry.space_group_name_H-M   'P 21 21 21'
#
loop_
_entity.id
_entity.type
_entity.pdbx_description
1 polymer 'phosphoseryl-tRNA synthetase'
2 polymer 'phosphoseryl-tRNA synthetase'
3 polymer 'phosphoseryl-tRNA synthetase'
4 polymer 'phosphoseryl-tRNA synthetase'
#
loop_
_entity_poly.entity_id
_entity_poly.type
_entity_poly.pdbx_seq_one_letter_code
_entity_poly.pdbx_strand_id
1 'polypeptide(L)'
;MGSHHHHHHSSGLVPRGSHMFKREEIIEMANKDFEKAWIETKDLIKAKKINESYPRIKPVFGKTHPVNDTIENLRQAYLR
MGFEEYINPVIVDERDIYKQFGPEAMAVLDRCFYLAGLPRPDVGLSDEKISQIEKLGIKVSEHKESLQKILHGYKKGTLD
GDDLVLEISNALEISSEMGLKILEDVFPEFKDLTAVSSKLTLRSHMTSGWFLTVSDLMNKKPLPFKLFSIDRCFRREQKE
DKSHLMTYHSASCAIAGEGVDINDGKAIAEGLLSQFGFTNFKFIPDEKKSKYYTPETQTEVYAYHPKLKEWLEVATFGVY
SPVALSKYGIDVPVMNLGLGVERLAMISGNFADVREMVYPQFYEHKLNDRNVASMVKLDKVPVMDEIYDLTKELIESCVK
NKDLKSPCELAIEKTFSFGKTKKNVKINIFEKEEGKNLLGPSILNEIYVYDGNVIGIPESFDGVKEEFKDFLEKGKSEGV
ATGIRYIDALCFKITSKLEEAFVSNTTEFKVKVPIVRSLSDINLKIDDIALKQIMSKNKVIDVRGPVFLNVEVKIE
(UNK)(UNK)(UNK)(UNK)(UNK)(UNK)(UNK)(UNK)(UNK)(UNK)(UNK)(UNK)(UNK)(UNK)(UNK)(UNK)
(UNK)(UNK)(UNK)(UNK)(UNK)(UNK)(UNK)(UNK)(UNK)(UNK)(UNK)(UNK)(UNK)(UNK)(UNK)(UNK)
(UNK)(UNK)(UNK)(UNK)(UNK)(UNK)(UNK)(UNK)(UNK)(UNK)(UNK)(UNK)(UNK)(UNK)(UNK)(UNK)
(UNK)(UNK)(UNK)(UNK)(UNK)(UNK)(UNK)(UNK)(UNK)(UNK)(UNK)(UNK)(UNK)(UNK)(UNK)(UNK)
(UNK)(UNK)(UNK)(UNK)(UNK)(UNK)(UNK)(UNK)(UNK)(UNK)(UNK)(UNK)(UNK)(UNK)(UNK)(UNK)
(UNK)(UNK)(UNK)(UNK)(UNK)(UNK)(UNK)(UNK)(UNK)(UNK)(UNK)(UNK)(UNK)(UNK)(UNK)(UNK)
(UNK)(UNK)(UNK)(UNK)(UNK)(UNK)(UNK)(UNK)(UNK)(UNK)(UNK)(UNK)(UNK)
;
A
2 'polypeptide(L)'
;MGSHHHHHHSSGLVPRGSHMFKREEIIEMANKDFEKAWIETKDLIKAKKINESYPRIKPVFGKTHPVNDTIENLRQAYLR
MGFEEYINPVIVDERDIYKQFGPEAMAVLDRCFYLAGLPRPDVGLSDEKISQIEKLGIKVSEHKESLQKILHGYKKGTLD
GDDLVLEISNALEISSEMGLKILEDVFPEFKDLTAVSSKLTLRSHMTSGWFLTVSDLMNKKPLPFKLFSIDRCFRREQKE
DKSHLMTYHSASCAIAGEGVDINDGKAIAEGLLSQFGFTNFKFIPDEKKSKYYTPETQTEVYAYHPKLKEWLEVATFGVY
SPVALSKYGIDVPVMNLGLGVERLAMISGNFADVREMVYPQFYEHKLNDRNVASMVKLDKVPVMDEIYDLTKELIESCVK
NKDLKSPCELAIEKTFSFGKTKKNVKINIFEKEEGKNLLGPSILNEIYVYDGNVIGIPESFDGVKEEFKDFLEKGKSEGV
ATGIRYIDALCFKITSKLEEAFVSNTTEFKVKVPIVRSLSDINLKIDDIALKQIMSKNKVIDVRGPVFLNVEVKIE
(UNK)(UNK)(UNK)(UNK)(UNK)(UNK)(UNK)(UNK)(UNK)(UNK)(UNK)(UNK)(UNK)(UNK)(UNK)(UNK)
(UNK)(UNK)(UNK)(UNK)(UNK)(UNK)(UNK)(UNK)(UNK)(UNK)(UNK)(UNK)(UNK)(UNK)(UNK)(UNK)
(UNK)(UNK)(UNK)(UNK)(UNK)(UNK)(UNK)(UNK)(UNK)(UNK)(UNK)(UNK)(UNK)(UNK)(UNK)(UNK)
(UNK)(UNK)(UNK)(UNK)(UNK)(UNK)(UNK)(UNK)(UNK)(UNK)(UNK)(UNK)(UNK)(UNK)(UNK)(UNK)
(UNK)(UNK)(UNK)(UNK)(UNK)(UNK)(UNK)(UNK)(UNK)(UNK)(UNK)(UNK)(UNK)(UNK)(UNK)(UNK)
(UNK)(UNK)(UNK)(UNK)(UNK)(UNK)(UNK)(UNK)(UNK)(UNK)(UNK)(UNK)
;
B
3 'polypeptide(L)'
;MGSHHHHHHSSGLVPRGSHMFKREEIIEMANKDFEKAWIETKDLIKAKKINESYPRIKPVFGKTHPVNDTIENLRQAYLR
MGFEEYINPVIVDERDIYKQFGPEAMAVLDRCFYLAGLPRPDVGLSDEKISQIEKLGIKVSEHKESLQKILHGYKKGTLD
GDDLVLEISNALEISSEMGLKILEDVFPEFKDLTAVSSKLTLRSHMTSGWFLTVSDLMNKKPLPFKLFSIDRCFRREQKE
DKSHLMTYHSASCAIAGEGVDINDGKAIAEGLLSQFGFTNFKFIPDEKKSKYYTPETQTEVYAYHPKLKEWLEVATFGVY
SPVALSKYGIDVPVMNLGLGVERLAMISGNFADVREMVYPQFYEHKLNDRNVASMVKLDKVPVMDEIYDLTKELIESCVK
NKDLKSPCELAIEKTFSFGKTKKNVKINIFEKEEGKNLLGPSILNEIYVYDGNVIGIPESFDGVKEEFKDFLEKGKSEGV
ATGIRYIDALCFKITSKLEEAFVSNTTEFKVKVPIVRSLSDINLKIDDIALKQIMSKNKVIDVRGPVFLNVEVKIE
(UNK)(UNK)(UNK)(UNK)(UNK)(UNK)(UNK)(UNK)(UNK)(UNK)(UNK)(UNK)(UNK)(UNK)(UNK)(UNK)
(UNK)(UNK)(UNK)(UNK)(UNK)(UNK)(UNK)(UNK)(UNK)(UNK)(UNK)(UNK)(UNK)(UNK)(UNK)(UNK)
(UNK)(UNK)(UNK)(UNK)(UNK)(UNK)(UNK)(UNK)(UNK)(UNK)(UNK)(UNK)(UNK)(UNK)(UNK)(UNK)
(UNK)(UNK)(UNK)(UNK)(UNK)(UNK)(UNK)(UNK)(UNK)(UNK)(UNK)(UNK)(UNK)(UNK)(UNK)(UNK)
(UNK)(UNK)(UNK)(UNK)(UNK)(UNK)(UNK)(UNK)(UNK)(UNK)(UNK)(UNK)(UNK)(UNK)(UNK)(UNK)
(UNK)(UNK)(UNK)(UNK)(UNK)(UNK)(UNK)(UNK)(UNK)(UNK)(UNK)(UNK)(UNK)(UNK)(UNK)(UNK)
(UNK)(UNK)(UNK)(UNK)(UNK)(UNK)(UNK)(UNK)(UNK)(UNK)(UNK)(UNK)(UNK)(UNK)(UNK)(UNK)
(UNK)(UNK)(UNK)(UNK)(UNK)(UNK)(UNK)(UNK)(UNK)(UNK)(UNK)(UNK)(UNK)(UNK)(UNK)(UNK)
(UNK)(UNK)(UNK)(UNK)(UNK)(UNK)(UNK)(UNK)(UNK)(UNK)(UNK)(UNK)(UNK)(UNK)(UNK)(UNK)
(UNK)
;
C
4 'polypeptide(L)'
;MGSHHHHHHSSGLVPRGSHMFKREEIIEMANKDFEKAWIETKDLIKAKKINESYPRIKPVFGKTHPVNDTIENLRQAYLR
MGFEEYINPVIVDERDIYKQFGPEAMAVLDRCFYLAGLPRPDVGLSDEKISQIEKLGIKVSEHKESLQKILHGYKKGTLD
GDDLVLEISNALEISSEMGLKILEDVFPEFKDLTAVSSKLTLRSHMTSGWFLTVSDLMNKKPLPFKLFSIDRCFRREQKE
DKSHLMTYHSASCAIAGEGVDINDGKAIAEGLLSQFGFTNFKFIPDEKKSKYYTPETQTEVYAYHPKLKEWLEVATFGVY
SPVALSKYGIDVPVMNLGLGVERLAMISGNFADVREMVYPQFYEHKLNDRNVASMVKLDKVPVMDEIYDLTKELIESCVK
NKDLKSPCELAIEKTFSFGKTKKNVKINIFEKEEGKNLLGPSILNEIYVYDGNVIGIPESFDGVKEEFKDFLEKGKSEGV
ATGIRYIDALCFKITSKLEEAFVSNTTEFKVKVPIVRSLSDINLKIDDIALKQIMSKNKVIDVRGPVFLNVEVKIE
(UNK)(UNK)(UNK)(UNK)(UNK)(UNK)(UNK)(UNK)(UNK)(UNK)(UNK)(UNK)(UNK)(UNK)(UNK)(UNK)
(UNK)(UNK)(UNK)(UNK)(UNK)(UNK)(UNK)(UNK)(UNK)(UNK)(UNK)(UNK)(UNK)(UNK)(UNK)(UNK)
(UNK)(UNK)(UNK)(UNK)(UNK)(UNK)(UNK)(UNK)(UNK)(UNK)(UNK)(UNK)(UNK)(UNK)(UNK)(UNK)
(UNK)(UNK)(UNK)(UNK)(UNK)(UNK)(UNK)(UNK)(UNK)(UNK)(UNK)(UNK)(UNK)(UNK)(UNK)(UNK)
(UNK)E(UNK)(UNK)(UNK)(UNK)(UNK)(UNK)(UNK)(UNK)(UNK)(UNK)(UNK)(UNK)(UNK)(UNK)
(UNK)(UNK)(UNK)(UNK)(UNK)(UNK)(UNK)(UNK)(UNK)(UNK)(UNK)(UNK)(UNK)(UNK)(UNK)(UNK)
(UNK)(UNK)(UNK)(UNK)(UNK)(UNK)(UNK)(UNK)(UNK)(UNK)(UNK)(UNK)(UNK)(UNK)(UNK)(UNK)
(UNK)(UNK)(UNK)(UNK)(UNK)(UNK)(UNK)(UNK)(UNK)(UNK)(UNK)(UNK)(UNK)(UNK)(UNK)(UNK)
(UNK)
;
D
#
# COMPACT_ATOMS: atom_id res chain seq x y z
N ARG A 23 39.01 20.50 5.93
CA ARG A 23 38.52 19.21 5.35
C ARG A 23 39.62 18.43 4.65
N GLU A 24 40.48 19.15 3.92
CA GLU A 24 41.67 18.55 3.33
C GLU A 24 42.70 18.20 4.41
N GLU A 25 42.59 18.89 5.55
CA GLU A 25 43.38 18.59 6.74
C GLU A 25 43.04 17.22 7.31
N ILE A 26 41.74 16.93 7.40
CA ILE A 26 41.27 15.67 8.00
C ILE A 26 41.80 14.46 7.23
N ILE A 27 41.83 14.57 5.90
CA ILE A 27 42.29 13.48 5.05
C ILE A 27 43.78 13.23 5.27
N GLU A 28 44.56 14.31 5.13
CA GLU A 28 46.02 14.22 5.29
C GLU A 28 46.45 13.87 6.71
N MET A 29 45.70 14.35 7.70
CA MET A 29 45.96 13.96 9.08
C MET A 29 45.69 12.48 9.28
N ALA A 30 44.65 11.98 8.62
CA ALA A 30 44.28 10.56 8.68
C ALA A 30 45.30 9.67 7.95
N ASN A 31 45.91 10.23 6.91
CA ASN A 31 46.97 9.54 6.18
C ASN A 31 48.24 9.41 7.04
N LYS A 32 48.55 10.44 7.82
CA LYS A 32 49.69 10.40 8.76
C LYS A 32 49.42 9.37 9.86
N ASP A 33 48.46 9.68 10.72
CA ASP A 33 48.01 8.76 11.76
C ASP A 33 46.49 8.75 11.74
N PHE A 34 45.92 7.58 11.44
CA PHE A 34 44.47 7.46 11.31
C PHE A 34 43.77 7.68 12.65
N GLU A 35 44.12 6.87 13.65
CA GLU A 35 43.37 6.86 14.91
C GLU A 35 43.38 8.19 15.64
N LYS A 36 44.42 9.00 15.48
CA LYS A 36 44.40 10.35 16.07
C LYS A 36 43.45 11.23 15.25
N ALA A 37 43.50 11.11 13.93
CA ALA A 37 42.54 11.78 13.04
C ALA A 37 41.09 11.39 13.39
N TRP A 38 40.89 10.11 13.71
CA TRP A 38 39.57 9.57 14.04
C TRP A 38 39.07 10.04 15.42
N ILE A 39 39.97 10.07 16.40
CA ILE A 39 39.63 10.45 17.78
C ILE A 39 39.48 11.96 17.92
N GLU A 40 40.41 12.71 17.34
CA GLU A 40 40.40 14.18 17.44
C GLU A 40 39.27 14.80 16.62
N THR A 41 38.80 14.07 15.60
CA THR A 41 37.68 14.51 14.78
C THR A 41 36.34 14.54 15.55
N LYS A 42 36.21 13.66 16.55
CA LYS A 42 35.01 13.58 17.40
C LYS A 42 34.21 14.87 17.51
N ASP A 43 34.86 15.93 17.97
CA ASP A 43 34.17 17.16 18.38
C ASP A 43 33.74 18.09 17.24
N LEU A 44 34.08 17.74 16.00
CA LEU A 44 33.51 18.42 14.83
C LEU A 44 31.99 18.33 14.84
N ILE A 45 31.50 17.09 15.03
CA ILE A 45 30.06 16.88 15.14
C ILE A 45 29.51 17.49 16.43
N LYS A 46 28.95 18.69 16.33
CA LYS A 46 28.41 19.40 17.48
C LYS A 46 27.07 18.79 17.91
N ALA A 47 26.98 18.39 19.18
CA ALA A 47 25.72 17.91 19.75
C ALA A 47 24.74 19.07 19.89
N LYS A 48 23.45 18.77 19.87
CA LYS A 48 22.39 19.77 19.85
C LYS A 48 22.20 20.40 21.24
N LYS A 49 21.30 21.38 21.37
CA LYS A 49 21.04 22.01 22.68
C LYS A 49 20.30 21.06 23.62
N ILE A 50 20.25 21.42 24.90
CA ILE A 50 19.71 20.56 25.95
C ILE A 50 18.19 20.34 25.86
N ASN A 51 17.48 21.34 25.35
CA ASN A 51 16.05 21.23 25.08
C ASN A 51 15.76 20.74 23.66
N GLU A 52 16.81 20.34 22.95
CA GLU A 52 16.68 19.67 21.66
C GLU A 52 17.32 18.27 21.70
N SER A 53 18.02 17.96 22.79
CA SER A 53 18.54 16.60 23.04
C SER A 53 17.40 15.58 22.98
N TYR A 54 17.75 14.30 22.76
CA TYR A 54 16.79 13.30 22.23
C TYR A 54 15.35 13.31 22.77
N PRO A 55 15.17 13.09 24.09
CA PRO A 55 13.81 12.82 24.56
C PRO A 55 12.88 13.96 24.19
N ARG A 56 13.36 15.19 24.34
CA ARG A 56 12.57 16.40 24.06
C ARG A 56 12.25 16.66 22.59
N ILE A 57 12.90 15.96 21.69
CA ILE A 57 12.43 15.91 20.30
C ILE A 57 11.12 15.14 20.30
N LYS A 58 10.23 15.44 19.36
CA LYS A 58 9.05 14.63 19.15
C LYS A 58 9.06 14.20 17.70
N PRO A 59 9.16 12.87 17.44
CA PRO A 59 9.12 12.41 16.04
C PRO A 59 7.79 12.77 15.39
N VAL A 60 7.80 12.90 14.08
CA VAL A 60 6.59 13.19 13.34
C VAL A 60 6.53 12.31 12.13
N PHE A 61 5.53 11.44 12.10
CA PHE A 61 5.24 10.60 10.96
C PHE A 61 3.75 10.52 10.80
N GLY A 62 3.31 10.20 9.59
CA GLY A 62 1.89 10.02 9.33
C GLY A 62 1.33 8.86 10.13
N LYS A 63 0.14 9.05 10.67
CA LYS A 63 -0.50 8.00 11.43
C LYS A 63 -1.83 7.70 10.77
N THR A 64 -2.35 6.52 11.04
CA THR A 64 -3.42 5.95 10.24
C THR A 64 -4.53 5.47 11.16
N HIS A 65 -5.78 5.50 10.68
CA HIS A 65 -6.94 5.16 11.51
C HIS A 65 -7.31 3.68 11.37
N PRO A 66 -7.64 3.01 12.49
CA PRO A 66 -7.92 1.57 12.43
C PRO A 66 -9.07 1.18 11.50
N VAL A 67 -10.24 1.77 11.69
CA VAL A 67 -11.36 1.53 10.77
C VAL A 67 -10.91 1.66 9.31
N ASN A 68 -10.14 2.68 9.02
CA ASN A 68 -9.70 2.90 7.64
C ASN A 68 -8.73 1.81 7.17
N ASP A 69 -7.83 1.40 8.06
CA ASP A 69 -6.89 0.35 7.72
C ASP A 69 -7.62 -0.96 7.43
N THR A 70 -8.60 -1.29 8.27
CA THR A 70 -9.45 -2.47 8.05
C THR A 70 -10.13 -2.41 6.69
N ILE A 71 -10.72 -1.26 6.37
CA ILE A 71 -11.39 -1.11 5.10
C ILE A 71 -10.41 -1.42 3.96
N GLU A 72 -9.14 -1.08 4.14
CA GLU A 72 -8.17 -1.32 3.09
C GLU A 72 -7.79 -2.79 3.07
N ASN A 73 -7.54 -3.34 4.24
CA ASN A 73 -7.17 -4.76 4.34
C ASN A 73 -8.26 -5.67 3.81
N LEU A 74 -9.51 -5.26 3.99
CA LEU A 74 -10.64 -6.00 3.45
C LEU A 74 -10.62 -5.90 1.93
N ARG A 75 -10.58 -4.70 1.41
CA ARG A 75 -10.58 -4.59 -0.04
C ARG A 75 -9.36 -5.29 -0.67
N GLN A 76 -8.32 -5.55 0.12
CA GLN A 76 -7.19 -6.33 -0.38
C GLN A 76 -7.48 -7.82 -0.30
N ALA A 77 -8.12 -8.25 0.79
CA ALA A 77 -8.50 -9.64 0.93
C ALA A 77 -9.41 -10.04 -0.23
N TYR A 78 -10.41 -9.20 -0.55
CA TYR A 78 -11.30 -9.46 -1.69
C TYR A 78 -10.54 -9.44 -3.01
N LEU A 79 -9.61 -8.51 -3.16
CA LEU A 79 -8.89 -8.38 -4.43
C LEU A 79 -8.08 -9.62 -4.74
N ARG A 80 -7.56 -10.26 -3.69
CA ARG A 80 -6.79 -11.48 -3.85
C ARG A 80 -7.63 -12.72 -4.11
N MET A 81 -8.92 -12.65 -3.77
CA MET A 81 -9.87 -13.70 -4.10
C MET A 81 -10.47 -13.42 -5.47
N GLY A 82 -9.91 -12.47 -6.19
CA GLY A 82 -10.29 -12.22 -7.56
C GLY A 82 -11.61 -11.49 -7.73
N PHE A 83 -12.10 -10.86 -6.68
CA PHE A 83 -13.38 -10.13 -6.74
C PHE A 83 -13.23 -8.80 -7.47
N GLU A 84 -14.34 -8.23 -7.93
CA GLU A 84 -14.31 -6.96 -8.64
C GLU A 84 -15.06 -5.92 -7.82
N GLU A 85 -14.55 -4.69 -7.82
CA GLU A 85 -15.01 -3.69 -6.84
C GLU A 85 -16.15 -2.85 -7.35
N TYR A 86 -17.08 -2.54 -6.45
CA TYR A 86 -18.26 -1.76 -6.82
C TYR A 86 -18.69 -0.74 -5.76
N ILE A 87 -19.27 0.36 -6.23
CA ILE A 87 -20.01 1.29 -5.36
C ILE A 87 -21.51 1.11 -5.70
N ASN A 88 -22.30 0.68 -4.72
CA ASN A 88 -23.74 0.53 -4.89
C ASN A 88 -24.45 1.72 -4.24
N PRO A 89 -25.68 2.01 -4.67
CA PRO A 89 -26.47 3.08 -4.08
C PRO A 89 -26.43 3.07 -2.55
N VAL A 90 -26.28 4.28 -1.98
CA VAL A 90 -26.42 4.51 -0.53
C VAL A 90 -27.82 5.05 -0.23
N ILE A 91 -28.42 5.75 -1.18
CA ILE A 91 -29.80 6.21 -1.04
C ILE A 91 -30.71 5.22 -1.78
N VAL A 92 -31.44 4.42 -1.01
CA VAL A 92 -32.35 3.41 -1.55
C VAL A 92 -33.80 3.86 -1.33
N ASP A 93 -34.56 3.87 -2.41
CA ASP A 93 -35.95 4.33 -2.42
C ASP A 93 -36.84 3.37 -1.64
N GLU A 94 -37.84 3.90 -0.93
CA GLU A 94 -38.76 3.08 -0.13
C GLU A 94 -39.27 1.88 -0.92
N ARG A 95 -39.72 2.13 -2.15
CA ARG A 95 -40.15 1.09 -3.09
C ARG A 95 -39.30 -0.19 -3.00
N ASP A 96 -38.01 -0.04 -3.24
CA ASP A 96 -37.11 -1.17 -3.36
C ASP A 96 -37.01 -1.96 -2.07
N ILE A 97 -37.03 -1.26 -0.93
CA ILE A 97 -36.99 -1.93 0.37
C ILE A 97 -38.21 -2.81 0.54
N TYR A 98 -39.37 -2.35 0.07
CA TYR A 98 -40.58 -3.16 0.12
C TYR A 98 -40.42 -4.41 -0.74
N LYS A 99 -39.99 -4.25 -1.98
CA LYS A 99 -39.90 -5.38 -2.91
C LYS A 99 -38.77 -6.34 -2.49
N GLN A 100 -37.77 -5.82 -1.79
CA GLN A 100 -36.66 -6.65 -1.30
C GLN A 100 -37.02 -7.49 -0.09
N PHE A 101 -37.52 -6.84 0.96
CA PHE A 101 -37.75 -7.50 2.25
C PHE A 101 -39.18 -7.98 2.46
N GLY A 102 -40.06 -7.70 1.51
CA GLY A 102 -41.43 -8.20 1.56
C GLY A 102 -42.11 -7.87 2.86
N PRO A 103 -42.54 -8.89 3.63
CA PRO A 103 -43.15 -8.66 4.94
C PRO A 103 -42.23 -7.95 5.93
N GLU A 104 -40.93 -8.21 5.81
CA GLU A 104 -39.95 -7.64 6.72
C GLU A 104 -39.66 -6.16 6.42
N ALA A 105 -40.23 -5.64 5.33
CA ALA A 105 -40.11 -4.22 5.00
C ALA A 105 -40.49 -3.32 6.17
N MET A 106 -41.52 -3.70 6.93
CA MET A 106 -41.94 -2.90 8.07
C MET A 106 -40.85 -2.85 9.13
N ALA A 107 -40.27 -4.01 9.43
CA ALA A 107 -39.20 -4.10 10.43
C ALA A 107 -38.00 -3.27 10.00
N VAL A 108 -37.66 -3.34 8.71
CA VAL A 108 -36.51 -2.62 8.19
C VAL A 108 -36.76 -1.10 8.16
N LEU A 109 -37.89 -0.69 7.60
CA LEU A 109 -38.17 0.74 7.44
C LEU A 109 -38.31 1.46 8.79
N ASP A 110 -38.72 0.74 9.82
CA ASP A 110 -38.78 1.30 11.16
C ASP A 110 -37.39 1.74 11.62
N ARG A 111 -36.37 0.95 11.28
CA ARG A 111 -35.00 1.26 11.68
C ARG A 111 -34.20 1.89 10.53
N CYS A 112 -34.82 2.84 9.85
CA CYS A 112 -34.18 3.55 8.73
C CYS A 112 -34.03 5.01 9.03
N PHE A 113 -33.21 5.67 8.22
CA PHE A 113 -33.23 7.10 8.18
C PHE A 113 -33.90 7.47 6.88
N TYR A 114 -35.00 8.22 6.97
CA TYR A 114 -35.62 8.80 5.78
C TYR A 114 -34.97 10.13 5.53
N LEU A 115 -34.72 10.44 4.27
CA LEU A 115 -34.10 11.71 3.89
C LEU A 115 -35.15 12.81 3.79
N ALA A 116 -35.05 13.81 4.65
CA ALA A 116 -35.95 14.95 4.63
C ALA A 116 -35.23 16.17 4.10
N GLY A 117 -36.00 17.22 3.80
CA GLY A 117 -35.44 18.46 3.28
C GLY A 117 -36.36 19.65 3.50
N LEU A 118 -35.76 20.83 3.67
CA LEU A 118 -36.52 22.04 3.94
C LEU A 118 -37.24 22.52 2.69
N PRO A 119 -38.54 22.90 2.83
CA PRO A 119 -39.26 23.45 1.70
C PRO A 119 -38.85 24.89 1.43
N ARG A 120 -39.15 25.37 0.22
CA ARG A 120 -38.87 26.75 -0.14
C ARG A 120 -39.98 27.29 -1.01
N PHE A 190 -38.99 33.48 5.61
CA PHE A 190 -39.07 33.91 7.01
C PHE A 190 -38.35 32.99 7.99
N LYS A 191 -37.62 32.00 7.47
CA LYS A 191 -36.85 31.03 8.27
C LYS A 191 -37.75 30.22 9.23
N ASP A 192 -37.11 29.41 10.08
CA ASP A 192 -37.81 28.55 11.05
C ASP A 192 -38.77 27.60 10.36
N LEU A 193 -38.20 26.79 9.46
CA LEU A 193 -38.96 25.85 8.66
C LEU A 193 -38.74 24.43 9.17
N THR A 194 -39.78 23.61 9.02
CA THR A 194 -39.69 22.17 9.32
C THR A 194 -39.26 21.44 8.06
N ALA A 195 -38.37 20.47 8.20
CA ALA A 195 -38.01 19.60 7.07
C ALA A 195 -39.14 18.61 6.79
N VAL A 196 -39.33 18.31 5.52
CA VAL A 196 -40.37 17.37 5.08
C VAL A 196 -39.71 16.08 4.58
N SER A 197 -40.20 14.93 5.04
CA SER A 197 -39.63 13.64 4.65
C SER A 197 -39.93 13.34 3.19
N SER A 198 -39.31 12.31 2.65
CA SER A 198 -39.32 12.13 1.19
C SER A 198 -39.32 10.70 0.67
N LYS A 199 -39.78 9.73 1.45
CA LYS A 199 -39.90 8.34 0.96
C LYS A 199 -38.60 7.83 0.31
N LEU A 200 -37.47 8.39 0.76
CA LEU A 200 -36.16 8.10 0.20
C LEU A 200 -35.23 7.73 1.36
N THR A 201 -34.83 6.46 1.41
CA THR A 201 -34.16 5.90 2.59
C THR A 201 -32.64 5.91 2.47
N LEU A 202 -31.97 5.95 3.61
CA LEU A 202 -30.52 5.71 3.68
C LEU A 202 -30.26 4.22 3.90
N ARG A 203 -29.45 3.64 3.02
CA ARG A 203 -29.12 2.22 3.07
C ARG A 203 -28.58 1.77 4.40
N SER A 204 -29.30 0.88 5.06
CA SER A 204 -28.81 0.26 6.30
C SER A 204 -28.20 -1.09 6.01
N HIS A 205 -28.74 -1.80 5.02
CA HIS A 205 -28.21 -3.11 4.60
C HIS A 205 -27.44 -3.00 3.28
N MET A 206 -26.20 -3.48 3.25
CA MET A 206 -25.43 -3.52 2.00
C MET A 206 -26.16 -4.29 0.91
N THR A 207 -26.85 -5.34 1.34
CA THR A 207 -27.62 -6.22 0.46
C THR A 207 -28.64 -5.45 -0.39
N SER A 208 -29.30 -4.47 0.20
CA SER A 208 -30.30 -3.70 -0.56
C SER A 208 -29.68 -2.94 -1.73
N GLY A 209 -28.37 -2.72 -1.71
CA GLY A 209 -27.69 -2.15 -2.85
C GLY A 209 -27.32 -3.18 -3.92
N TRP A 210 -27.07 -4.42 -3.48
CA TRP A 210 -26.71 -5.49 -4.42
C TRP A 210 -27.84 -5.81 -5.39
N PHE A 211 -29.04 -5.97 -4.84
CA PHE A 211 -30.23 -6.21 -5.67
C PHE A 211 -30.27 -5.21 -6.82
N LEU A 212 -30.01 -3.94 -6.51
CA LEU A 212 -30.03 -2.92 -7.53
C LEU A 212 -28.89 -3.06 -8.55
N THR A 213 -27.68 -3.25 -8.07
CA THR A 213 -26.51 -3.40 -8.94
C THR A 213 -26.57 -4.66 -9.80
N VAL A 214 -26.79 -5.81 -9.16
CA VAL A 214 -26.87 -7.08 -9.88
C VAL A 214 -27.99 -7.05 -10.91
N SER A 215 -29.17 -6.58 -10.52
CA SER A 215 -30.29 -6.53 -11.45
C SER A 215 -29.88 -5.88 -12.76
N ASP A 216 -29.25 -4.72 -12.67
CA ASP A 216 -28.87 -3.96 -13.85
C ASP A 216 -27.69 -4.56 -14.61
N LEU A 217 -26.93 -5.45 -13.95
CA LEU A 217 -25.82 -6.16 -14.59
C LEU A 217 -26.30 -7.33 -15.46
N MET A 218 -27.44 -7.93 -15.10
CA MET A 218 -27.90 -9.13 -15.81
C MET A 218 -28.14 -8.82 -17.28
N ASN A 219 -27.65 -9.70 -18.14
CA ASN A 219 -27.74 -9.53 -19.59
C ASN A 219 -26.91 -8.35 -20.13
N LYS A 220 -25.94 -7.89 -19.34
CA LYS A 220 -24.92 -6.97 -19.78
C LYS A 220 -23.57 -7.62 -19.52
N LYS A 221 -23.26 -7.78 -18.24
CA LYS A 221 -22.01 -8.34 -17.81
C LYS A 221 -22.14 -9.86 -17.83
N PRO A 222 -21.22 -10.55 -18.53
CA PRO A 222 -21.30 -11.99 -18.56
C PRO A 222 -21.07 -12.61 -17.18
N LEU A 223 -21.85 -13.63 -16.86
CA LEU A 223 -21.74 -14.36 -15.59
C LEU A 223 -20.61 -15.38 -15.65
N PRO A 224 -20.13 -15.84 -14.49
CA PRO A 224 -20.54 -15.42 -13.18
C PRO A 224 -19.81 -14.13 -12.85
N PHE A 225 -20.20 -13.48 -11.76
CA PHE A 225 -19.39 -12.41 -11.27
C PHE A 225 -19.25 -12.44 -9.76
N LYS A 226 -18.02 -12.22 -9.31
CA LYS A 226 -17.69 -12.01 -7.91
C LYS A 226 -17.56 -10.51 -7.72
N LEU A 227 -18.41 -9.93 -6.88
CA LEU A 227 -18.46 -8.47 -6.67
C LEU A 227 -18.28 -8.20 -5.20
N PHE A 228 -17.50 -7.17 -4.86
CA PHE A 228 -17.35 -6.77 -3.46
C PHE A 228 -17.47 -5.27 -3.31
N SER A 229 -17.74 -4.84 -2.08
CA SER A 229 -17.84 -3.43 -1.75
C SER A 229 -17.83 -3.20 -0.25
N ILE A 230 -16.76 -2.60 0.25
CA ILE A 230 -16.74 -2.14 1.65
C ILE A 230 -17.13 -0.66 1.66
N ASP A 231 -18.15 -0.30 2.42
CA ASP A 231 -18.78 1.01 2.29
C ASP A 231 -19.62 1.36 3.51
N ARG A 232 -20.11 2.60 3.52
CA ARG A 232 -20.80 3.17 4.67
C ARG A 232 -22.30 2.83 4.66
N CYS A 233 -22.88 2.75 5.85
CA CYS A 233 -24.28 2.39 6.03
C CYS A 233 -24.85 3.09 7.28
N PHE A 234 -26.16 3.22 7.32
CA PHE A 234 -26.82 4.04 8.32
C PHE A 234 -28.04 3.34 8.88
N ARG A 235 -28.10 3.23 10.20
CA ARG A 235 -29.20 2.57 10.85
C ARG A 235 -29.63 3.39 12.07
N ARG A 236 -30.91 3.70 12.13
CA ARG A 236 -31.45 4.49 13.19
C ARG A 236 -31.22 3.73 14.50
N GLU A 237 -30.64 4.41 15.50
CA GLU A 237 -30.34 3.80 16.80
C GLU A 237 -30.75 4.73 17.93
N GLN A 238 -31.60 4.24 18.83
CA GLN A 238 -32.09 5.03 19.98
C GLN A 238 -30.96 5.63 20.82
N LYS A 239 -29.81 4.94 20.81
CA LYS A 239 -28.67 5.35 21.61
C LYS A 239 -27.41 4.65 21.19
N GLU A 240 -26.39 5.44 20.88
CA GLU A 240 -25.10 4.88 20.59
C GLU A 240 -24.51 4.44 21.94
N ASP A 241 -23.56 3.51 21.88
CA ASP A 241 -22.88 3.04 23.08
C ASP A 241 -21.52 2.46 22.69
N LYS A 242 -21.04 1.51 23.49
CA LYS A 242 -19.81 0.78 23.18
C LYS A 242 -19.97 -0.13 21.95
N SER A 243 -21.20 -0.58 21.72
CA SER A 243 -21.48 -1.60 20.72
C SER A 243 -22.46 -1.20 19.63
N HIS A 244 -22.84 0.07 19.54
CA HIS A 244 -23.83 0.53 18.54
C HIS A 244 -23.56 1.91 18.02
N LEU A 245 -23.53 2.05 16.69
CA LEU A 245 -23.35 3.36 16.06
C LEU A 245 -24.39 3.60 14.96
N MET A 246 -24.72 4.88 14.73
CA MET A 246 -25.73 5.23 13.75
C MET A 246 -25.19 5.17 12.34
N THR A 247 -23.92 5.51 12.15
CA THR A 247 -23.23 5.23 10.90
C THR A 247 -22.26 4.12 11.16
N TYR A 248 -21.85 3.41 10.11
CA TYR A 248 -20.87 2.34 10.21
C TYR A 248 -20.47 1.92 8.81
N HIS A 249 -19.50 1.01 8.74
CA HIS A 249 -19.04 0.49 7.47
C HIS A 249 -19.23 -1.01 7.44
N SER A 250 -19.60 -1.51 6.27
CA SER A 250 -19.91 -2.92 6.08
C SER A 250 -19.13 -3.44 4.90
N ALA A 251 -18.38 -4.53 5.10
CA ALA A 251 -17.71 -5.24 4.02
C ALA A 251 -18.70 -6.23 3.43
N SER A 252 -18.83 -6.26 2.11
CA SER A 252 -19.89 -7.06 1.51
C SER A 252 -19.51 -7.54 0.13
N CYS A 253 -20.00 -8.73 -0.22
CA CYS A 253 -19.78 -9.26 -1.56
C CYS A 253 -20.97 -10.03 -2.05
N ALA A 254 -21.06 -10.16 -3.38
CA ALA A 254 -22.15 -10.88 -4.04
C ALA A 254 -21.56 -11.74 -5.15
N ILE A 255 -21.89 -13.03 -5.15
CA ILE A 255 -21.52 -13.94 -6.25
C ILE A 255 -22.78 -14.45 -6.96
N ALA A 256 -22.95 -14.07 -8.22
CA ALA A 256 -24.09 -14.57 -8.99
C ALA A 256 -23.59 -15.50 -10.07
N GLY A 257 -24.22 -16.66 -10.18
CA GLY A 257 -23.85 -17.61 -11.22
C GLY A 257 -24.60 -18.92 -11.15
N GLU A 258 -24.49 -19.70 -12.22
CA GLU A 258 -25.00 -21.06 -12.25
C GLU A 258 -24.38 -21.83 -11.09
N GLY A 259 -25.23 -22.52 -10.34
CA GLY A 259 -24.79 -23.46 -9.31
C GLY A 259 -24.15 -22.84 -8.09
N VAL A 260 -24.44 -21.56 -7.84
CA VAL A 260 -23.93 -20.87 -6.66
C VAL A 260 -24.81 -21.25 -5.47
N ASP A 261 -24.20 -21.54 -4.33
CA ASP A 261 -24.94 -22.05 -3.17
C ASP A 261 -24.21 -21.78 -1.86
N ILE A 262 -24.70 -22.36 -0.76
CA ILE A 262 -24.08 -22.20 0.57
C ILE A 262 -22.58 -22.45 0.59
N ASN A 263 -22.13 -23.42 -0.19
CA ASN A 263 -20.70 -23.75 -0.23
C ASN A 263 -19.84 -22.56 -0.62
N ASP A 264 -20.33 -21.77 -1.56
CA ASP A 264 -19.63 -20.55 -1.96
C ASP A 264 -19.51 -19.58 -0.80
N GLY A 265 -20.57 -19.45 0.00
CA GLY A 265 -20.51 -18.63 1.21
C GLY A 265 -19.41 -19.07 2.15
N LYS A 266 -19.33 -20.37 2.39
CA LYS A 266 -18.35 -20.93 3.32
C LYS A 266 -16.94 -20.78 2.78
N ALA A 267 -16.78 -20.94 1.47
CA ALA A 267 -15.46 -20.88 0.85
C ALA A 267 -14.89 -19.45 0.92
N ILE A 268 -15.73 -18.44 0.67
CA ILE A 268 -15.32 -17.03 0.79
C ILE A 268 -15.12 -16.63 2.25
N ALA A 269 -16.10 -16.96 3.10
CA ALA A 269 -15.98 -16.73 4.53
C ALA A 269 -14.60 -17.14 5.03
N GLU A 270 -14.13 -18.30 4.57
CA GLU A 270 -12.81 -18.80 4.96
C GLU A 270 -11.70 -17.98 4.30
N GLY A 271 -11.76 -17.87 2.98
CA GLY A 271 -10.71 -17.18 2.25
C GLY A 271 -10.48 -15.75 2.73
N LEU A 272 -11.59 -15.05 3.03
CA LEU A 272 -11.54 -13.70 3.59
C LEU A 272 -10.95 -13.74 5.01
N LEU A 273 -11.67 -14.40 5.93
CA LEU A 273 -11.32 -14.33 7.35
C LEU A 273 -10.01 -15.01 7.68
N SER A 274 -9.54 -15.93 6.84
CA SER A 274 -8.26 -16.60 7.12
C SER A 274 -7.12 -15.64 6.80
N GLN A 275 -7.37 -14.70 5.89
CA GLN A 275 -6.41 -13.62 5.60
C GLN A 275 -6.29 -12.62 6.75
N PHE A 276 -7.11 -12.76 7.80
CA PHE A 276 -7.01 -11.93 8.99
C PHE A 276 -6.58 -12.73 10.20
N GLY A 277 -5.85 -13.82 9.95
CA GLY A 277 -5.28 -14.61 11.02
C GLY A 277 -6.23 -15.49 11.80
N PHE A 278 -7.46 -15.65 11.31
CA PHE A 278 -8.39 -16.62 11.90
C PHE A 278 -8.06 -18.00 11.37
N THR A 279 -8.09 -18.99 12.24
CA THR A 279 -7.54 -20.31 11.98
C THR A 279 -8.58 -21.38 11.68
N ASN A 280 -9.57 -21.47 12.57
CA ASN A 280 -10.67 -22.40 12.40
C ASN A 280 -11.99 -21.66 12.12
N PHE A 281 -13.03 -22.40 11.73
CA PHE A 281 -14.32 -21.81 11.35
C PHE A 281 -15.51 -22.71 11.68
N LYS A 282 -16.61 -22.11 12.13
CA LYS A 282 -17.89 -22.81 12.28
C LYS A 282 -18.98 -22.06 11.51
N PHE A 283 -19.96 -22.80 11.00
CA PHE A 283 -21.04 -22.21 10.22
C PHE A 283 -22.39 -22.56 10.82
N ILE A 284 -22.76 -21.83 11.86
CA ILE A 284 -24.03 -22.00 12.57
C ILE A 284 -25.19 -21.39 11.78
N PRO A 285 -26.30 -22.15 11.59
CA PRO A 285 -27.45 -21.57 10.92
C PRO A 285 -28.13 -20.49 11.76
N ASP A 286 -28.52 -19.39 11.12
CA ASP A 286 -29.11 -18.24 11.80
C ASP A 286 -30.57 -18.50 12.12
N GLU A 287 -30.92 -18.42 13.39
CA GLU A 287 -32.29 -18.68 13.85
C GLU A 287 -33.27 -17.68 13.25
N LYS A 288 -32.79 -16.53 12.79
CA LYS A 288 -33.65 -15.54 12.18
C LYS A 288 -34.46 -16.10 11.02
N LYS A 289 -33.75 -16.69 10.05
CA LYS A 289 -34.35 -17.15 8.79
C LYS A 289 -35.00 -15.97 8.05
N SER A 290 -34.18 -14.96 7.78
CA SER A 290 -34.63 -13.77 7.06
C SER A 290 -35.11 -14.18 5.69
N LYS A 291 -36.30 -13.68 5.31
CA LYS A 291 -37.04 -14.22 4.17
C LYS A 291 -36.65 -13.61 2.82
N TYR A 292 -35.60 -12.79 2.81
CA TYR A 292 -34.94 -12.42 1.55
C TYR A 292 -33.76 -13.38 1.29
N TYR A 293 -33.61 -14.37 2.14
CA TYR A 293 -32.68 -15.47 1.93
C TYR A 293 -33.43 -16.79 1.81
N THR A 294 -33.02 -17.64 0.87
CA THR A 294 -33.52 -19.00 0.77
C THR A 294 -33.55 -19.69 2.14
N PRO A 295 -34.64 -20.42 2.47
CA PRO A 295 -34.82 -21.00 3.79
C PRO A 295 -33.56 -21.58 4.48
N GLU A 296 -33.06 -22.71 4.00
CA GLU A 296 -32.04 -23.46 4.76
C GLU A 296 -30.65 -22.85 4.60
N THR A 297 -30.59 -21.75 3.85
CA THR A 297 -29.41 -20.92 3.72
C THR A 297 -29.39 -19.94 4.90
N GLN A 298 -28.55 -18.91 4.79
CA GLN A 298 -28.34 -17.89 5.84
C GLN A 298 -27.60 -18.47 7.02
N THR A 299 -26.29 -18.24 7.01
CA THR A 299 -25.40 -18.74 8.02
C THR A 299 -24.76 -17.57 8.75
N GLU A 300 -24.43 -17.77 10.02
CA GLU A 300 -23.58 -16.84 10.75
C GLU A 300 -22.22 -17.51 10.99
N VAL A 301 -21.17 -16.84 10.52
CA VAL A 301 -19.81 -17.38 10.57
C VAL A 301 -19.17 -17.09 11.91
N TYR A 302 -18.60 -18.11 12.51
CA TYR A 302 -17.83 -17.98 13.74
C TYR A 302 -16.39 -18.37 13.45
N ALA A 303 -15.48 -17.41 13.49
CA ALA A 303 -14.07 -17.70 13.29
C ALA A 303 -13.35 -17.79 14.63
N TYR A 304 -12.31 -18.60 14.69
CA TYR A 304 -11.45 -18.72 15.86
C TYR A 304 -10.18 -17.93 15.64
N HIS A 305 -9.75 -17.17 16.66
CA HIS A 305 -8.49 -16.44 16.56
C HIS A 305 -7.56 -16.84 17.68
N PRO A 306 -6.32 -17.27 17.33
CA PRO A 306 -5.42 -17.82 18.35
C PRO A 306 -4.92 -16.77 19.34
N LYS A 307 -4.52 -15.61 18.83
CA LYS A 307 -4.16 -14.45 19.66
C LYS A 307 -5.22 -14.20 20.74
N LEU A 308 -6.49 -14.06 20.32
CA LEU A 308 -7.60 -13.89 21.25
C LEU A 308 -7.89 -15.18 22.01
N LYS A 309 -7.58 -16.32 21.39
CA LYS A 309 -7.85 -17.66 21.99
C LYS A 309 -9.35 -17.83 22.28
N GLU A 310 -10.14 -17.64 21.23
CA GLU A 310 -11.59 -17.40 21.36
C GLU A 310 -12.30 -17.53 20.01
N TRP A 311 -13.48 -18.15 20.02
CA TRP A 311 -14.38 -18.13 18.86
C TRP A 311 -15.19 -16.85 18.87
N LEU A 312 -15.34 -16.23 17.69
CA LEU A 312 -16.07 -14.97 17.58
C LEU A 312 -16.96 -14.98 16.36
N GLU A 313 -18.21 -14.58 16.54
CA GLU A 313 -19.04 -14.25 15.40
C GLU A 313 -18.37 -13.09 14.66
N VAL A 314 -18.36 -13.15 13.33
CA VAL A 314 -17.53 -12.23 12.59
C VAL A 314 -18.09 -11.87 11.23
N ALA A 315 -18.66 -12.84 10.53
CA ALA A 315 -19.41 -12.55 9.29
C ALA A 315 -20.72 -13.31 9.21
N THR A 316 -21.48 -13.01 8.15
CA THR A 316 -22.78 -13.62 7.90
C THR A 316 -23.04 -13.67 6.43
N PHE A 317 -23.44 -14.84 5.94
CA PHE A 317 -23.80 -14.98 4.52
C PHE A 317 -25.11 -15.71 4.37
N GLY A 318 -25.73 -15.53 3.20
CA GLY A 318 -26.91 -16.29 2.80
C GLY A 318 -26.99 -16.33 1.29
N VAL A 319 -27.94 -17.08 0.76
CA VAL A 319 -28.22 -17.09 -0.68
C VAL A 319 -29.58 -16.44 -0.89
N TYR A 320 -29.64 -15.38 -1.71
CA TYR A 320 -30.88 -14.64 -1.86
C TYR A 320 -32.00 -15.53 -2.34
N SER A 321 -33.20 -15.32 -1.81
CA SER A 321 -34.36 -16.09 -2.25
C SER A 321 -34.68 -15.77 -3.71
N PRO A 322 -34.94 -16.82 -4.52
CA PRO A 322 -35.51 -16.64 -5.85
C PRO A 322 -36.71 -15.68 -5.93
N VAL A 323 -37.53 -15.61 -4.87
CA VAL A 323 -38.66 -14.68 -4.85
C VAL A 323 -38.19 -13.23 -5.02
N ALA A 324 -37.30 -12.79 -4.14
CA ALA A 324 -36.77 -11.42 -4.19
C ALA A 324 -35.92 -11.21 -5.45
N LEU A 325 -35.17 -12.24 -5.83
CA LEU A 325 -34.31 -12.19 -7.02
C LEU A 325 -35.11 -12.01 -8.31
N SER A 326 -36.18 -12.80 -8.46
CA SER A 326 -36.99 -12.72 -9.68
C SER A 326 -37.82 -11.45 -9.72
N LYS A 327 -38.14 -10.87 -8.56
CA LYS A 327 -38.71 -9.52 -8.50
C LYS A 327 -37.74 -8.47 -9.07
N TYR A 328 -36.44 -8.78 -9.06
CA TYR A 328 -35.43 -7.92 -9.68
C TYR A 328 -34.90 -8.50 -11.00
N GLY A 329 -35.54 -9.56 -11.50
CA GLY A 329 -35.17 -10.16 -12.76
C GLY A 329 -33.78 -10.80 -12.72
N ILE A 330 -33.47 -11.46 -11.62
CA ILE A 330 -32.22 -12.16 -11.52
C ILE A 330 -32.51 -13.65 -11.59
N ASP A 331 -32.07 -14.27 -12.69
CA ASP A 331 -32.38 -15.67 -13.00
C ASP A 331 -31.46 -16.65 -12.30
N VAL A 332 -30.17 -16.31 -12.18
CA VAL A 332 -29.23 -17.17 -11.46
C VAL A 332 -29.35 -16.91 -9.97
N PRO A 333 -28.90 -17.86 -9.13
CA PRO A 333 -28.84 -17.60 -7.71
C PRO A 333 -27.67 -16.68 -7.38
N VAL A 334 -27.76 -16.01 -6.23
CA VAL A 334 -26.76 -15.04 -5.80
C VAL A 334 -26.46 -15.26 -4.31
N MET A 335 -25.20 -15.54 -3.99
CA MET A 335 -24.76 -15.71 -2.60
C MET A 335 -24.14 -14.42 -2.11
N ASN A 336 -24.45 -14.05 -0.87
CA ASN A 336 -24.04 -12.76 -0.32
C ASN A 336 -23.45 -12.89 1.07
N LEU A 337 -22.17 -12.51 1.20
CA LEU A 337 -21.44 -12.57 2.48
C LEU A 337 -21.23 -11.14 2.96
N GLY A 338 -21.33 -10.95 4.28
CA GLY A 338 -21.27 -9.63 4.89
C GLY A 338 -20.46 -9.61 6.17
N LEU A 339 -19.75 -8.51 6.39
CA LEU A 339 -18.74 -8.40 7.45
C LEU A 339 -18.73 -6.99 8.04
N GLY A 340 -18.80 -6.92 9.36
CA GLY A 340 -18.75 -5.64 10.07
C GLY A 340 -17.35 -5.09 10.18
N VAL A 341 -17.02 -4.11 9.34
CA VAL A 341 -15.71 -3.48 9.35
C VAL A 341 -15.33 -3.05 10.77
N GLU A 342 -16.21 -2.25 11.37
CA GLU A 342 -16.01 -1.72 12.72
C GLU A 342 -15.59 -2.83 13.67
N ARG A 343 -16.34 -3.93 13.69
CA ARG A 343 -16.06 -5.02 14.63
C ARG A 343 -14.77 -5.78 14.33
N LEU A 344 -14.46 -5.98 13.05
CA LEU A 344 -13.22 -6.64 12.70
C LEU A 344 -12.12 -5.76 13.28
N ALA A 345 -12.20 -4.46 12.97
CA ALA A 345 -11.27 -3.46 13.47
C ALA A 345 -11.11 -3.50 14.99
N MET A 346 -12.22 -3.71 15.69
CA MET A 346 -12.17 -3.87 17.15
C MET A 346 -11.36 -5.10 17.56
N ILE A 347 -11.72 -6.26 17.03
CA ILE A 347 -11.08 -7.53 17.39
C ILE A 347 -9.58 -7.47 17.12
N SER A 348 -9.22 -7.11 15.90
CA SER A 348 -7.82 -7.06 15.52
C SER A 348 -7.12 -5.93 16.24
N GLY A 349 -7.81 -4.80 16.46
CA GLY A 349 -7.19 -3.67 17.17
C GLY A 349 -7.25 -3.76 18.70
N ASN A 350 -7.73 -4.90 19.20
CA ASN A 350 -8.11 -5.04 20.59
C ASN A 350 -8.78 -3.83 21.25
N PHE A 351 -9.77 -3.27 20.55
CA PHE A 351 -10.58 -2.17 21.08
C PHE A 351 -11.82 -2.68 21.79
N ALA A 352 -12.05 -2.18 23.00
CA ALA A 352 -13.20 -2.60 23.81
C ALA A 352 -14.45 -1.72 23.64
N ASP A 353 -14.45 -0.79 22.69
CA ASP A 353 -15.54 0.18 22.57
C ASP A 353 -15.54 0.91 21.23
N VAL A 354 -16.52 0.62 20.38
CA VAL A 354 -16.55 1.19 19.02
C VAL A 354 -16.60 2.70 19.00
N ARG A 355 -17.26 3.29 19.99
CA ARG A 355 -17.42 4.73 20.04
C ARG A 355 -16.10 5.45 20.21
N GLU A 356 -15.26 4.95 21.11
CA GLU A 356 -13.89 5.46 21.27
C GLU A 356 -13.00 5.17 20.05
N MET A 357 -13.02 3.91 19.60
CA MET A 357 -12.19 3.48 18.50
C MET A 357 -12.45 4.31 17.23
N VAL A 358 -13.71 4.62 16.94
CA VAL A 358 -14.03 5.36 15.72
C VAL A 358 -13.74 6.86 15.89
N TYR A 359 -14.10 7.40 17.03
CA TYR A 359 -13.96 8.83 17.31
C TYR A 359 -13.17 9.07 18.58
N PRO A 360 -11.87 8.75 18.57
CA PRO A 360 -11.08 8.86 19.79
C PRO A 360 -10.84 10.29 20.23
N GLN A 361 -11.07 11.24 19.31
CA GLN A 361 -10.95 12.67 19.61
C GLN A 361 -11.82 13.18 20.74
N PHE A 362 -12.94 12.50 20.99
CA PHE A 362 -13.90 12.92 22.03
C PHE A 362 -13.65 12.22 23.35
N TYR A 363 -12.44 11.70 23.53
CA TYR A 363 -12.09 11.07 24.76
C TYR A 363 -10.70 11.52 25.12
N GLU A 364 -10.26 11.15 26.32
CA GLU A 364 -8.98 11.54 26.87
C GLU A 364 -7.81 11.15 25.97
N HIS A 365 -7.02 12.14 25.56
CA HIS A 365 -5.78 11.90 24.84
C HIS A 365 -4.76 11.55 25.91
N LYS A 366 -4.52 10.26 26.09
CA LYS A 366 -3.57 9.77 27.06
C LYS A 366 -2.14 10.01 26.58
N LEU A 367 -1.45 10.95 27.20
CA LEU A 367 -0.05 11.21 26.87
C LEU A 367 0.83 10.05 27.34
N ASN A 368 1.41 9.36 26.37
CA ASN A 368 2.40 8.31 26.57
C ASN A 368 3.35 8.59 27.74
N ASP A 369 4.08 7.57 28.17
CA ASP A 369 5.15 7.74 29.15
C ASP A 369 6.34 8.43 28.49
N ARG A 370 6.62 8.02 27.26
CA ARG A 370 7.67 8.63 26.42
C ARG A 370 7.33 10.05 26.01
N ASN A 371 6.05 10.40 25.95
CA ASN A 371 5.64 11.73 25.56
C ASN A 371 5.75 12.74 26.71
N VAL A 372 5.36 12.36 27.91
CA VAL A 372 5.55 13.23 29.07
C VAL A 372 7.04 13.49 29.30
N ALA A 373 7.86 12.47 29.00
CA ALA A 373 9.32 12.61 29.04
C ALA A 373 9.81 13.73 28.13
N SER A 374 9.11 13.97 27.03
CA SER A 374 9.51 14.99 26.07
C SER A 374 8.91 16.36 26.35
N MET A 375 8.18 16.49 27.45
CA MET A 375 7.57 17.76 27.83
C MET A 375 8.14 18.32 29.13
N VAL A 376 9.14 17.64 29.70
CA VAL A 376 9.87 18.16 30.85
C VAL A 376 11.12 18.83 30.28
N LYS A 377 11.09 20.16 30.26
CA LYS A 377 12.15 20.97 29.62
C LYS A 377 12.91 21.82 30.64
N LEU A 378 14.09 22.31 30.24
CA LEU A 378 14.87 23.23 31.05
C LEU A 378 14.22 24.60 31.00
N ASP A 379 13.93 25.16 32.18
CA ASP A 379 13.17 26.39 32.31
C ASP A 379 13.86 27.55 31.61
N LYS A 380 15.01 27.95 32.14
CA LYS A 380 15.74 29.11 31.61
C LYS A 380 17.17 28.73 31.28
N VAL A 381 17.60 29.18 30.10
CA VAL A 381 18.90 28.84 29.55
C VAL A 381 19.43 30.07 28.81
N PRO A 382 20.72 30.38 28.97
CA PRO A 382 21.27 31.59 28.36
C PRO A 382 21.18 31.56 26.83
N VAL A 383 20.78 32.68 26.25
CA VAL A 383 20.63 32.78 24.80
C VAL A 383 21.98 32.80 24.10
N MET A 384 22.97 33.39 24.77
CA MET A 384 24.24 33.73 24.12
C MET A 384 25.24 32.58 24.26
N ASP A 385 25.92 32.26 23.16
CA ASP A 385 26.70 31.03 23.05
C ASP A 385 27.76 30.86 24.13
N GLU A 386 28.70 31.80 24.20
CA GLU A 386 29.79 31.73 25.18
C GLU A 386 29.28 31.49 26.60
N ILE A 387 28.18 32.15 26.95
CA ILE A 387 27.56 31.95 28.26
C ILE A 387 26.97 30.54 28.34
N TYR A 388 26.29 30.11 27.29
CA TYR A 388 25.73 28.75 27.22
C TYR A 388 26.81 27.69 27.39
N ASP A 389 27.90 27.85 26.63
CA ASP A 389 29.00 26.86 26.64
C ASP A 389 29.77 26.79 27.96
N LEU A 390 29.59 27.79 28.82
CA LEU A 390 30.16 27.73 30.16
C LEU A 390 29.43 26.69 31.02
N THR A 391 28.16 26.43 30.72
CA THR A 391 27.37 25.49 31.52
C THR A 391 28.03 24.11 31.56
N LYS A 392 28.58 23.68 30.44
CA LYS A 392 29.26 22.38 30.36
C LYS A 392 30.47 22.35 31.26
N GLU A 393 31.29 23.40 31.23
CA GLU A 393 32.44 23.52 32.15
C GLU A 393 32.00 23.41 33.60
N LEU A 394 30.97 24.17 33.95
CA LEU A 394 30.41 24.12 35.29
C LEU A 394 30.06 22.68 35.67
N ILE A 395 29.23 22.04 34.83
CA ILE A 395 28.72 20.70 35.12
C ILE A 395 29.85 19.68 35.29
N GLU A 396 30.65 19.50 34.25
CA GLU A 396 31.73 18.51 34.24
C GLU A 396 32.64 18.69 35.44
N SER A 397 32.86 19.96 35.82
CA SER A 397 33.71 20.32 36.94
C SER A 397 33.09 19.89 38.27
N CYS A 398 31.79 20.14 38.42
CA CYS A 398 31.07 19.74 39.63
C CYS A 398 31.04 18.23 39.82
N VAL A 399 30.72 17.53 38.73
CA VAL A 399 30.66 16.07 38.75
C VAL A 399 32.01 15.47 39.18
N LYS A 400 33.11 16.06 38.73
CA LYS A 400 34.43 15.63 39.17
C LYS A 400 34.76 16.08 40.60
N ASN A 401 34.45 17.33 40.93
CA ASN A 401 34.76 17.90 42.26
C ASN A 401 33.61 17.73 43.23
N SER A 442 23.20 14.05 46.72
CA SER A 442 22.50 13.45 45.57
C SER A 442 22.14 14.47 44.44
N ILE A 443 23.17 14.85 43.68
CA ILE A 443 23.05 15.84 42.59
C ILE A 443 23.04 15.20 41.19
N LEU A 444 23.51 13.96 41.10
CA LEU A 444 23.50 13.26 39.82
C LEU A 444 22.14 12.59 39.52
N ASN A 445 21.14 12.87 40.37
CA ASN A 445 19.81 12.32 40.18
C ASN A 445 19.27 12.69 38.82
N GLU A 446 18.99 11.67 38.01
CA GLU A 446 18.42 11.88 36.70
C GLU A 446 16.92 11.86 36.80
N ILE A 447 16.28 12.94 36.38
CA ILE A 447 14.84 12.98 36.22
C ILE A 447 14.42 11.94 35.16
N TYR A 448 13.21 11.41 35.33
CA TYR A 448 12.79 10.13 34.73
C TYR A 448 11.29 10.18 34.63
N VAL A 449 10.69 9.48 33.68
CA VAL A 449 9.23 9.34 33.67
C VAL A 449 8.84 7.87 33.65
N TYR A 450 7.98 7.47 34.57
CA TYR A 450 7.55 6.08 34.69
C TYR A 450 6.08 5.99 35.09
N ASP A 451 5.32 5.17 34.37
CA ASP A 451 3.89 5.00 34.61
C ASP A 451 3.22 6.33 35.01
N GLY A 452 3.41 7.34 34.16
CA GLY A 452 2.66 8.58 34.27
C GLY A 452 3.06 9.53 35.38
N ASN A 453 4.19 9.26 36.04
CA ASN A 453 4.77 10.23 36.98
C ASN A 453 6.26 10.49 36.73
N VAL A 454 6.67 11.74 36.97
CA VAL A 454 8.05 12.18 36.80
C VAL A 454 8.73 12.19 38.17
N ILE A 455 9.78 11.40 38.35
CA ILE A 455 10.28 11.13 39.72
C ILE A 455 11.68 11.66 40.09
N GLY A 456 12.67 11.47 39.21
CA GLY A 456 14.05 11.80 39.57
C GLY A 456 14.72 10.74 40.43
N ILE A 457 15.24 9.72 39.76
CA ILE A 457 15.88 8.57 40.41
C ILE A 457 17.36 8.85 40.65
N PRO A 458 17.89 8.49 41.83
CA PRO A 458 19.31 8.62 42.06
C PRO A 458 20.09 7.41 41.53
N GLU A 459 21.40 7.43 41.72
CA GLU A 459 22.30 6.40 41.21
C GLU A 459 22.64 5.37 42.29
N PHE A 468 10.65 2.07 49.78
CA PHE A 468 10.50 2.90 48.58
C PHE A 468 11.53 2.61 47.47
N LYS A 469 12.22 1.46 47.54
CA LYS A 469 13.25 1.10 46.55
C LYS A 469 12.68 0.44 45.29
N ASP A 470 11.58 -0.31 45.45
CA ASP A 470 10.97 -1.00 44.32
C ASP A 470 10.40 -0.05 43.28
N PHE A 471 9.80 1.05 43.76
CA PHE A 471 9.22 2.03 42.86
C PHE A 471 10.30 2.69 42.01
N LEU A 472 11.47 2.92 42.58
CA LEU A 472 12.59 3.50 41.85
C LEU A 472 13.25 2.45 40.95
N GLU A 473 13.39 1.23 41.46
CA GLU A 473 13.93 0.10 40.68
C GLU A 473 13.28 0.03 39.30
N LYS A 474 11.96 -0.10 39.28
CA LYS A 474 11.20 -0.14 38.03
C LYS A 474 11.34 1.17 37.26
N GLY A 475 11.08 2.29 37.94
CA GLY A 475 11.21 3.61 37.35
C GLY A 475 12.47 3.77 36.52
N LYS A 476 13.57 3.23 37.02
CA LYS A 476 14.84 3.26 36.31
C LYS A 476 14.85 2.27 35.15
N SER A 477 14.51 1.01 35.45
CA SER A 477 14.62 -0.07 34.46
C SER A 477 13.52 -0.08 33.40
N GLU A 478 12.40 0.61 33.65
CA GLU A 478 11.25 0.60 32.73
C GLU A 478 10.79 1.98 32.24
N GLY A 479 11.06 3.02 33.02
CA GLY A 479 10.67 4.38 32.65
C GLY A 479 11.54 4.97 31.55
N VAL A 480 11.13 6.14 31.05
CA VAL A 480 11.88 6.86 30.04
C VAL A 480 12.87 7.81 30.69
N ALA A 481 14.16 7.57 30.49
CA ALA A 481 15.22 8.43 31.05
C ALA A 481 15.28 9.76 30.28
N THR A 482 15.31 10.86 31.02
CA THR A 482 15.27 12.19 30.40
C THR A 482 16.63 12.68 29.98
N GLY A 483 17.69 12.27 30.69
CA GLY A 483 19.02 12.79 30.40
C GLY A 483 19.32 14.11 31.10
N ILE A 484 18.30 14.69 31.76
CA ILE A 484 18.49 15.83 32.65
C ILE A 484 18.77 15.33 34.06
N ARG A 485 19.91 15.74 34.61
CA ARG A 485 20.21 15.49 36.01
C ARG A 485 20.05 16.79 36.77
N TYR A 486 20.11 16.73 38.09
CA TYR A 486 19.89 17.92 38.89
C TYR A 486 20.94 18.99 38.57
N ILE A 487 22.22 18.63 38.72
CA ILE A 487 23.34 19.53 38.38
C ILE A 487 23.24 20.16 36.99
N ASP A 488 22.79 19.39 36.02
CA ASP A 488 22.71 19.87 34.65
C ASP A 488 21.81 21.08 34.61
N ALA A 489 20.64 20.96 35.25
CA ALA A 489 19.64 22.03 35.28
C ALA A 489 20.06 23.18 36.18
N LEU A 490 20.65 22.84 37.33
CA LEU A 490 21.17 23.82 38.28
C LEU A 490 22.23 24.72 37.65
N CYS A 491 23.16 24.12 36.91
CA CYS A 491 24.21 24.88 36.21
C CYS A 491 23.63 25.79 35.13
N PHE A 492 22.52 25.40 34.54
CA PHE A 492 21.90 26.25 33.54
C PHE A 492 21.22 27.44 34.19
N LYS A 493 20.75 27.25 35.43
CA LYS A 493 20.26 28.38 36.23
C LYS A 493 21.39 29.37 36.49
N ILE A 494 22.57 28.85 36.84
CA ILE A 494 23.75 29.68 37.11
C ILE A 494 24.15 30.44 35.85
N THR A 495 24.31 29.73 34.76
CA THR A 495 24.74 30.30 33.48
C THR A 495 23.67 31.22 32.86
N SER A 496 22.40 30.98 33.18
CA SER A 496 21.34 31.91 32.79
C SER A 496 21.41 33.19 33.61
N LYS A 497 21.70 33.06 34.91
CA LYS A 497 21.82 34.22 35.78
C LYS A 497 23.01 35.14 35.41
N LEU A 498 23.95 34.61 34.62
CA LEU A 498 24.98 35.46 34.02
C LEU A 498 24.39 36.37 32.95
N GLU A 499 23.38 35.89 32.21
CA GLU A 499 22.61 36.74 31.31
C GLU A 499 21.86 37.80 32.12
N GLU A 500 21.25 37.35 33.23
CA GLU A 500 20.57 38.23 34.20
C GLU A 500 21.52 39.33 34.73
N ALA A 501 22.75 38.93 35.04
CA ALA A 501 23.73 39.79 35.69
C ALA A 501 24.36 40.78 34.72
N ILE A 522 14.68 23.56 40.51
CA ILE A 522 15.75 22.85 39.81
C ILE A 522 15.93 23.39 38.39
N ASN A 523 15.22 24.45 38.06
CA ASN A 523 15.19 25.01 36.71
C ASN A 523 14.55 24.09 35.66
N LEU A 524 13.62 23.25 36.09
CA LEU A 524 12.85 22.42 35.17
C LEU A 524 11.42 22.91 35.11
N LYS A 525 10.64 22.32 34.21
CA LYS A 525 9.36 22.88 33.83
C LYS A 525 8.61 21.86 32.96
N ILE A 526 7.37 21.53 33.35
CA ILE A 526 6.51 20.66 32.53
C ILE A 526 5.53 21.51 31.73
N ASP A 527 5.18 21.04 30.55
CA ASP A 527 4.09 21.62 29.77
C ASP A 527 2.77 21.29 30.44
N ASP A 528 1.83 22.22 30.38
CA ASP A 528 0.56 22.10 31.13
C ASP A 528 -0.28 20.88 30.73
N ILE A 529 -0.30 20.57 29.43
CA ILE A 529 -0.97 19.35 28.95
C ILE A 529 -0.46 18.11 29.66
N ALA A 530 0.86 18.04 29.86
CA ALA A 530 1.47 16.98 30.64
C ALA A 530 1.14 17.11 32.13
N LEU A 531 0.90 18.34 32.58
CA LEU A 531 0.63 18.58 33.99
C LEU A 531 -0.79 18.16 34.38
N LYS A 532 -1.76 18.51 33.54
CA LYS A 532 -3.17 18.14 33.78
C LYS A 532 -3.32 16.63 33.96
N GLN A 533 -2.71 15.87 33.07
CA GLN A 533 -2.78 14.41 33.12
C GLN A 533 -2.24 13.90 34.45
N ILE A 534 -1.05 14.39 34.81
CA ILE A 534 -0.41 14.03 36.09
C ILE A 534 -1.32 14.31 37.29
N MET A 535 -1.96 15.48 37.29
CA MET A 535 -2.90 15.84 38.36
C MET A 535 -4.20 15.05 38.27
N SER A 536 -4.75 14.93 37.07
CA SER A 536 -6.02 14.26 36.82
C SER A 536 -5.96 12.74 37.00
N LYS A 537 -4.80 12.15 36.77
CA LYS A 537 -4.66 10.69 36.86
C LYS A 537 -3.95 10.21 38.12
N ASN A 538 -4.04 10.99 39.20
CA ASN A 538 -3.59 10.57 40.55
C ASN A 538 -2.09 10.38 40.74
N LYS A 539 -1.27 11.01 39.91
CA LYS A 539 0.16 10.68 39.88
C LYS A 539 1.07 11.74 40.51
N VAL A 540 2.31 11.35 40.75
CA VAL A 540 3.29 12.09 41.56
C VAL A 540 4.21 12.98 40.74
N ILE A 541 4.91 13.89 41.39
CA ILE A 541 6.09 14.56 40.80
C ILE A 541 7.28 14.56 41.77
N UNK A 557 32.26 15.94 42.83
CA UNK A 557 31.16 16.02 43.79
C UNK A 557 31.64 15.82 45.23
N UNK A 558 32.68 15.01 45.43
CA UNK A 558 33.02 14.51 46.75
C UNK A 558 34.36 15.03 47.32
N UNK A 559 34.56 16.36 47.31
CA UNK A 559 35.73 16.99 47.96
C UNK A 559 35.35 17.52 49.34
N UNK A 560 35.97 16.98 50.39
CA UNK A 560 35.51 17.18 51.78
C UNK A 560 35.67 18.61 52.31
N UNK A 561 35.13 18.83 53.51
CA UNK A 561 35.27 20.10 54.26
C UNK A 561 36.34 21.04 53.70
N UNK A 562 35.77 22.83 51.35
CA UNK A 562 36.13 22.72 49.92
C UNK A 562 35.65 23.93 49.14
N UNK A 563 36.41 24.30 48.09
CA UNK A 563 36.07 25.46 47.26
C UNK A 563 36.37 25.19 45.78
N UNK A 564 35.35 25.29 44.92
CA UNK A 564 35.54 25.21 43.45
C UNK A 564 35.38 26.60 42.84
N UNK A 565 36.34 26.98 42.00
CA UNK A 565 36.43 28.32 41.45
C UNK A 565 36.64 28.31 39.94
N UNK A 566 35.60 28.64 39.20
CA UNK A 566 35.69 28.82 37.76
C UNK A 566 35.94 30.31 37.50
N UNK A 567 36.76 30.61 36.50
CA UNK A 567 37.04 32.00 36.12
C UNK A 567 37.29 32.12 34.62
N UNK A 568 36.45 32.91 33.94
CA UNK A 568 36.61 33.20 32.52
C UNK A 568 36.32 34.69 32.28
N UNK A 569 36.93 35.24 31.23
CA UNK A 569 36.74 36.65 30.87
C UNK A 569 36.04 36.72 29.52
N UNK A 570 34.76 37.04 29.52
CA UNK A 570 33.93 37.02 28.32
C UNK A 570 33.88 38.40 27.64
N UNK A 571 34.23 38.44 26.36
CA UNK A 571 34.18 39.69 25.58
C UNK A 571 32.76 39.96 25.07
N UNK A 572 31.99 40.74 25.83
CA UNK A 572 30.72 41.26 25.33
C UNK A 572 31.03 42.30 24.25
N UNK A 573 30.19 42.37 23.23
CA UNK A 573 30.39 43.35 22.15
C UNK A 573 30.59 44.78 22.70
N UNK A 574 30.04 45.04 23.89
CA UNK A 574 30.18 46.33 24.57
C UNK A 574 31.53 46.52 25.29
N UNK A 575 32.04 45.46 25.93
CA UNK A 575 33.27 45.57 26.73
C UNK A 575 33.96 44.22 26.91
N UNK A 576 34.64 44.03 28.05
CA UNK A 576 35.28 42.75 28.38
C UNK A 576 35.06 42.41 29.86
N UNK A 577 33.97 41.72 30.14
CA UNK A 577 33.60 41.38 31.52
C UNK A 577 34.30 40.10 31.98
N UNK A 578 34.74 40.09 33.23
CA UNK A 578 35.38 38.92 33.84
C UNK A 578 34.50 38.34 34.94
N UNK A 579 34.06 37.11 34.76
CA UNK A 579 33.19 36.42 35.70
C UNK A 579 34.00 35.44 36.56
N UNK A 580 33.64 35.34 37.84
CA UNK A 580 34.30 34.43 38.77
C UNK A 580 33.27 33.61 39.57
N UNK A 581 32.85 32.47 39.02
CA UNK A 581 31.93 31.56 39.71
C UNK A 581 32.70 30.80 40.80
N UNK A 582 32.14 30.75 42.01
CA UNK A 582 32.78 30.05 43.13
C UNK A 582 31.76 29.28 43.98
N UNK A 583 31.87 27.95 43.95
CA UNK A 583 31.08 27.07 44.82
C UNK A 583 31.81 26.97 46.16
N UNK A 584 31.07 27.06 47.27
CA UNK A 584 31.69 27.31 48.58
C UNK A 584 31.04 26.55 49.74
N UNK A 585 31.83 25.72 50.41
CA UNK A 585 31.43 25.09 51.68
C UNK A 585 32.60 24.37 52.33
N UNK A 586 24.69 40.02 32.63
CA UNK A 586 25.08 41.09 31.73
C UNK A 586 23.91 42.03 31.39
N UNK A 587 22.69 41.64 31.75
CA UNK A 587 21.51 42.48 31.53
C UNK A 587 21.38 43.53 32.64
N UNK A 588 21.61 43.11 33.89
CA UNK A 588 21.56 44.02 35.04
C UNK A 588 22.92 44.70 35.28
N UNK A 589 23.72 44.16 36.19
CA UNK A 589 25.05 44.70 36.47
C UNK A 589 25.87 43.75 37.32
N UNK A 590 27.16 44.06 37.44
CA UNK A 590 28.13 43.21 38.15
C UNK A 590 27.86 43.20 39.65
N UNK A 591 27.00 42.28 40.07
CA UNK A 591 26.60 42.15 41.48
C UNK A 591 27.22 40.90 42.11
N UNK A 592 26.81 40.65 43.36
CA UNK A 592 27.12 39.40 44.04
C UNK A 592 25.95 38.44 43.83
N UNK A 593 25.76 37.98 42.60
CA UNK A 593 24.77 36.97 42.30
C UNK A 593 25.14 35.71 43.07
N UNK A 594 24.17 35.15 43.78
CA UNK A 594 24.34 33.90 44.52
C UNK A 594 23.19 32.94 44.24
N UNK A 595 23.53 31.68 43.98
CA UNK A 595 22.53 30.62 43.85
C UNK A 595 22.70 29.68 45.04
N UNK A 596 21.65 29.51 45.83
CA UNK A 596 21.67 28.62 46.99
C UNK A 596 20.47 27.69 46.95
N UNK A 597 20.74 26.38 47.00
CA UNK A 597 19.69 25.36 47.02
C UNK A 597 20.06 24.27 48.01
N UNK A 598 19.59 24.42 49.24
CA UNK A 598 19.86 23.44 50.30
C UNK A 598 19.13 22.13 50.02
N UNK A 599 18.01 16.41 48.31
CA UNK A 599 19.23 16.62 49.10
C UNK A 599 20.44 16.90 48.20
N UNK A 600 20.31 17.93 47.35
CA UNK A 600 21.41 18.43 46.53
C UNK A 600 21.75 19.84 47.02
N UNK A 601 22.97 20.01 47.55
CA UNK A 601 23.32 21.21 48.34
C UNK A 601 24.37 22.14 47.68
N UNK A 602 23.96 22.81 46.59
CA UNK A 602 24.78 23.83 45.92
C UNK A 602 24.30 25.23 46.28
N UNK A 603 25.18 27.67 47.85
CA UNK A 603 26.61 27.37 47.87
C UNK A 603 27.27 27.69 46.54
N UNK A 604 26.85 28.80 45.92
CA UNK A 604 27.48 29.31 44.71
C UNK A 604 27.49 30.84 44.80
N UNK A 605 28.64 31.46 44.54
CA UNK A 605 28.77 32.92 44.57
C UNK A 605 29.53 33.39 43.33
N UNK A 606 28.87 34.19 42.49
CA UNK A 606 29.45 34.71 41.26
C UNK A 606 29.83 36.19 41.39
N UNK A 607 30.93 36.57 40.72
CA UNK A 607 31.42 37.95 40.72
C UNK A 607 32.07 38.32 39.39
N UNK A 608 40.75 24.58 47.95
CA UNK A 608 40.44 25.34 46.75
C UNK A 608 40.96 24.67 45.48
N UNK A 609 40.03 24.30 44.59
CA UNK A 609 40.32 23.85 43.24
C UNK A 609 39.88 24.94 42.27
N UNK A 610 40.74 25.29 41.31
CA UNK A 610 40.55 26.48 40.47
C UNK A 610 40.80 26.19 38.99
N UNK A 611 39.82 26.50 38.15
CA UNK A 611 40.00 26.49 36.69
C UNK A 611 39.87 27.92 36.16
N UNK A 612 41.00 28.48 35.69
CA UNK A 612 41.03 29.81 35.07
C UNK A 612 41.22 29.61 33.57
N UNK A 613 40.26 30.09 32.77
CA UNK A 613 40.27 29.92 31.30
C UNK A 613 40.56 31.25 30.58
N UNK A 614 41.65 31.25 29.80
CA UNK A 614 42.15 32.46 29.13
C UNK A 614 41.87 32.42 27.63
N UNK A 615 -43.91 40.82 -1.20
CA UNK A 615 -43.86 42.01 -0.38
C UNK A 615 -45.30 42.47 -0.06
N UNK A 616 -45.72 42.25 1.19
CA UNK A 616 -47.08 42.60 1.63
C UNK A 616 -47.14 44.03 2.16
N UNK A 617 -47.94 44.26 3.19
CA UNK A 617 -48.16 45.60 3.76
C UNK A 617 -47.10 45.95 4.80
N UNK A 618 -47.01 45.14 5.85
CA UNK A 618 -46.01 45.33 6.91
C UNK A 618 -44.59 45.20 6.36
N UNK A 619 -44.42 44.36 5.35
CA UNK A 619 -43.13 44.23 4.65
C UNK A 619 -42.80 45.53 3.90
N UNK A 620 -43.80 46.09 3.22
CA UNK A 620 -43.63 47.36 2.53
C UNK A 620 -43.41 48.50 3.52
N UNK A 621 -44.15 48.47 4.63
CA UNK A 621 -43.98 49.47 5.70
C UNK A 621 -42.62 49.33 6.39
N UNK A 622 -42.14 48.10 6.54
CA UNK A 622 -40.81 47.82 7.09
C UNK A 622 -39.70 48.29 6.15
N UNK A 623 -39.98 48.25 4.85
CA UNK A 623 -39.05 48.73 3.81
C UNK A 623 -38.86 50.25 3.85
N UNK A 624 -39.85 50.95 4.42
CA UNK A 624 -39.76 52.38 4.66
C UNK A 624 -38.64 52.73 5.66
N UNK A 625 -38.32 51.81 6.56
CA UNK A 625 -37.21 51.99 7.51
C UNK A 625 -35.83 51.93 6.85
N UNK A 626 -35.75 51.42 5.61
CA UNK A 626 -34.50 51.37 4.84
C UNK A 626 -33.79 52.73 4.79
N UNK A 627 -37.22 49.15 -6.98
CA UNK A 627 -38.44 48.94 -7.76
C UNK A 627 -39.38 47.94 -7.06
N UNK A 628 -40.68 48.25 -7.07
CA UNK A 628 -41.71 47.39 -6.47
C UNK A 628 -41.79 46.05 -7.22
N UNK A 629 -41.96 46.15 -8.54
CA UNK A 629 -42.04 44.98 -9.41
C UNK A 629 -40.78 44.13 -9.38
N UNK A 630 -39.63 44.74 -9.09
CA UNK A 630 -38.33 44.11 -9.24
C UNK A 630 -38.04 43.13 -8.11
N UNK A 631 -38.07 43.65 -6.87
CA UNK A 631 -37.80 42.85 -5.68
C UNK A 631 -38.91 41.82 -5.42
N UNK A 632 -40.14 42.16 -5.79
CA UNK A 632 -41.26 41.23 -5.71
C UNK A 632 -41.00 40.00 -6.57
N UNK A 633 -40.48 40.24 -7.78
CA UNK A 633 -40.15 39.15 -8.71
C UNK A 633 -38.98 38.30 -8.21
N UNK A 634 -37.94 38.96 -7.71
CA UNK A 634 -36.76 38.27 -7.14
C UNK A 634 -37.13 37.35 -5.97
N UNK A 635 -38.17 37.72 -5.21
CA UNK A 635 -38.69 36.90 -4.12
C UNK A 635 -39.37 35.63 -4.66
N UNK A 636 -40.09 35.77 -5.76
CA UNK A 636 -40.72 34.61 -6.44
C UNK A 636 -39.65 33.67 -6.99
N UNK A 637 -38.49 34.21 -7.36
CA UNK A 637 -37.38 33.41 -7.88
C UNK A 637 -36.97 32.31 -6.91
N UNK A 638 -36.76 32.67 -5.64
CA UNK A 638 -36.44 31.69 -4.60
C UNK A 638 -37.55 30.67 -4.49
N UNK A 639 -38.78 31.14 -4.32
CA UNK A 639 -39.95 30.26 -4.16
C UNK A 639 -39.93 29.08 -5.13
N UNK A 640 -39.75 29.38 -6.41
CA UNK A 640 -39.75 28.34 -7.44
C UNK A 640 -38.42 27.59 -7.47
N UNK A 641 -29.81 30.70 -4.06
CA UNK A 641 -29.70 30.44 -2.62
C UNK A 641 -28.54 31.24 -2.03
N UNK A 642 -27.32 30.95 -2.48
CA UNK A 642 -26.16 31.77 -2.15
C UNK A 642 -26.23 33.12 -2.89
N UNK A 643 -27.16 33.22 -3.83
CA UNK A 643 -27.33 34.38 -4.69
C UNK A 643 -28.50 35.27 -4.25
N UNK A 644 -29.22 34.88 -3.19
CA UNK A 644 -30.44 35.58 -2.75
C UNK A 644 -30.13 36.97 -2.18
N UNK A 645 -29.23 37.00 -1.22
CA UNK A 645 -28.81 38.26 -0.60
C UNK A 645 -28.17 39.21 -1.62
N UNK A 646 -27.47 38.64 -2.60
CA UNK A 646 -26.81 39.42 -3.65
C UNK A 646 -27.82 40.05 -4.61
N UNK A 647 -28.77 39.24 -5.08
CA UNK A 647 -29.83 39.72 -5.98
C UNK A 647 -30.80 40.66 -5.27
N UNK A 648 -30.89 40.52 -3.94
CA UNK A 648 -31.61 41.50 -3.11
C UNK A 648 -30.82 42.80 -2.98
N UNK A 649 -29.51 42.65 -2.79
CA UNK A 649 -28.59 43.79 -2.64
C UNK A 649 -28.40 44.59 -3.93
N UNK A 650 -27.99 43.90 -5.01
CA UNK A 650 -27.81 44.52 -6.32
C UNK A 650 -29.10 44.48 -7.14
N UNK A 651 -30.23 44.65 -6.45
CA UNK A 651 -31.54 44.78 -7.06
C UNK A 651 -32.00 46.23 -6.91
N UNK A 652 -32.17 46.68 -5.67
CA UNK A 652 -32.66 48.03 -5.37
C UNK A 652 -31.52 49.04 -5.37
N UNK A 653 -30.70 49.02 -4.33
CA UNK A 653 -29.58 49.95 -4.20
C UNK A 653 -28.65 49.53 -3.06
N UNK A 654 -27.35 49.50 -3.33
CA UNK A 654 -26.31 49.20 -2.34
C UNK A 654 -26.33 47.74 -1.85
N UNK A 655 -25.32 46.98 -2.25
CA UNK A 655 -25.20 45.57 -1.85
C UNK A 655 -24.66 45.44 -0.43
N UNK A 656 -26.99 44.66 4.04
CA UNK A 656 -28.30 45.15 4.42
C UNK A 656 -29.42 44.13 4.12
N UNK A 657 -29.14 43.21 3.20
CA UNK A 657 -30.04 42.09 2.90
C UNK A 657 -30.21 41.15 4.09
N UNK A 658 -29.18 41.03 4.93
CA UNK A 658 -29.23 40.16 6.10
C UNK A 658 -30.39 40.56 7.03
N UNK A 659 -30.42 41.82 7.44
CA UNK A 659 -31.51 42.34 8.27
C UNK A 659 -32.80 42.44 7.46
N UNK A 660 -32.66 42.72 6.16
CA UNK A 660 -33.82 42.85 5.27
C UNK A 660 -34.51 41.51 5.02
N UNK A 661 -33.75 40.41 5.06
CA UNK A 661 -34.31 39.07 4.89
C UNK A 661 -34.80 38.51 6.22
N UNK A 662 -33.88 38.38 7.16
CA UNK A 662 -34.19 37.79 8.48
C UNK A 662 -35.20 38.61 9.28
N UNK A 663 -35.13 39.94 9.18
CA UNK A 663 -35.98 40.83 9.96
C UNK A 663 -37.23 41.30 9.21
N UNK A 664 -37.07 41.60 7.93
CA UNK A 664 -38.20 42.06 7.12
C UNK A 664 -38.91 40.89 6.42
N UNK A 665 -38.16 39.84 6.06
CA UNK A 665 -38.72 38.64 5.43
C UNK A 665 -38.47 37.40 6.29
N ILE B 50 -10.12 -26.85 -27.81
CA ILE B 50 -9.99 -25.71 -28.77
C ILE B 50 -10.76 -24.49 -28.31
N ASN B 51 -11.99 -24.71 -27.84
CA ASN B 51 -12.82 -23.62 -27.33
C ASN B 51 -12.31 -23.13 -25.99
N GLU B 52 -11.36 -23.88 -25.41
CA GLU B 52 -10.63 -23.43 -24.23
C GLU B 52 -9.13 -23.26 -24.49
N SER B 53 -8.74 -23.22 -25.75
CA SER B 53 -7.42 -22.74 -26.16
C SER B 53 -7.45 -21.20 -26.06
N TYR B 54 -6.28 -20.58 -25.97
CA TYR B 54 -6.19 -19.23 -25.40
C TYR B 54 -7.34 -18.28 -25.74
N PRO B 55 -7.31 -17.56 -26.89
CA PRO B 55 -8.14 -16.33 -26.95
C PRO B 55 -9.50 -16.42 -26.27
N ARG B 56 -10.17 -17.57 -26.42
CA ARG B 56 -11.44 -17.85 -25.73
C ARG B 56 -11.38 -17.91 -24.20
N ILE B 57 -10.21 -18.25 -23.64
CA ILE B 57 -9.97 -18.16 -22.20
C ILE B 57 -10.16 -16.75 -21.68
N LYS B 58 -10.95 -16.63 -20.63
CA LYS B 58 -11.06 -15.39 -19.86
C LYS B 58 -10.24 -15.58 -18.58
N PRO B 59 -9.18 -14.78 -18.40
CA PRO B 59 -8.43 -14.66 -17.14
C PRO B 59 -9.34 -14.14 -16.03
N VAL B 60 -8.95 -14.40 -14.78
CA VAL B 60 -9.69 -13.89 -13.64
C VAL B 60 -8.70 -13.36 -12.63
N PHE B 61 -8.80 -12.07 -12.39
CA PHE B 61 -8.05 -11.40 -11.34
C PHE B 61 -8.92 -10.35 -10.70
N GLY B 62 -8.59 -10.00 -9.46
CA GLY B 62 -9.32 -8.96 -8.77
C GLY B 62 -9.22 -7.64 -9.49
N LYS B 63 -10.33 -6.92 -9.56
CA LYS B 63 -10.33 -5.61 -10.18
C LYS B 63 -10.76 -4.60 -9.15
N THR B 64 -10.45 -3.35 -9.39
CA THR B 64 -10.51 -2.33 -8.36
C THR B 64 -11.21 -1.10 -8.89
N HIS B 65 -11.91 -0.38 -8.03
CA HIS B 65 -12.76 0.75 -8.47
C HIS B 65 -11.97 2.08 -8.44
N PRO B 66 -12.15 2.93 -9.47
CA PRO B 66 -11.37 4.17 -9.54
C PRO B 66 -11.55 5.07 -8.32
N VAL B 67 -12.79 5.48 -8.02
CA VAL B 67 -13.04 6.28 -6.83
C VAL B 67 -12.34 5.70 -5.58
N ASN B 68 -12.39 4.39 -5.43
CA ASN B 68 -11.76 3.76 -4.30
C ASN B 68 -10.24 3.84 -4.35
N ASP B 69 -9.69 3.69 -5.53
CA ASP B 69 -8.25 3.79 -5.68
C ASP B 69 -7.76 5.21 -5.36
N THR B 70 -8.49 6.21 -5.86
CA THR B 70 -8.22 7.61 -5.52
C THR B 70 -8.25 7.85 -4.00
N ILE B 71 -9.28 7.35 -3.34
CA ILE B 71 -9.37 7.49 -1.89
C ILE B 71 -8.13 6.93 -1.21
N GLU B 72 -7.57 5.86 -1.76
CA GLU B 72 -6.38 5.26 -1.15
C GLU B 72 -5.14 6.05 -1.48
N ASN B 73 -5.04 6.47 -2.73
CA ASN B 73 -3.90 7.28 -3.16
C ASN B 73 -3.83 8.62 -2.41
N LEU B 74 -4.99 9.19 -2.13
CA LEU B 74 -5.06 10.41 -1.33
C LEU B 74 -4.60 10.14 0.09
N ARG B 75 -5.18 9.15 0.74
CA ARG B 75 -4.75 8.87 2.10
C ARG B 75 -3.26 8.50 2.18
N GLN B 76 -2.68 8.10 1.06
CA GLN B 76 -1.24 7.85 1.03
C GLN B 76 -0.46 9.13 0.84
N ALA B 77 -0.98 10.02 -0.01
CA ALA B 77 -0.36 11.33 -0.22
C ALA B 77 -0.30 12.08 1.11
N TYR B 78 -1.42 12.09 1.85
CA TYR B 78 -1.45 12.71 3.17
C TYR B 78 -0.50 12.04 4.16
N LEU B 79 -0.47 10.71 4.15
CA LEU B 79 0.38 9.98 5.08
C LEU B 79 1.87 10.29 4.91
N ARG B 80 2.27 10.56 3.67
CA ARG B 80 3.65 10.92 3.37
C ARG B 80 4.00 12.36 3.71
N MET B 81 2.98 13.22 3.82
CA MET B 81 3.17 14.57 4.30
C MET B 81 3.08 14.62 5.83
N GLY B 82 3.06 13.44 6.46
CA GLY B 82 3.07 13.33 7.91
C GLY B 82 1.77 13.65 8.63
N PHE B 83 0.66 13.63 7.89
CA PHE B 83 -0.66 13.93 8.48
C PHE B 83 -1.18 12.75 9.27
N GLU B 84 -2.13 13.00 10.17
CA GLU B 84 -2.71 11.97 11.02
C GLU B 84 -4.19 11.80 10.67
N GLU B 85 -4.66 10.56 10.67
CA GLU B 85 -5.96 10.24 10.07
C GLU B 85 -7.10 10.34 11.04
N TYR B 86 -8.25 10.83 10.56
CA TYR B 86 -9.43 11.00 11.40
C TYR B 86 -10.75 10.68 10.71
N ILE B 87 -11.71 10.19 11.50
CA ILE B 87 -13.11 10.09 11.09
C ILE B 87 -13.87 11.16 11.86
N ASN B 88 -14.43 12.13 11.16
CA ASN B 88 -15.25 13.17 11.78
C ASN B 88 -16.73 12.86 11.61
N PRO B 89 -17.59 13.41 12.50
CA PRO B 89 -19.02 13.22 12.35
C PRO B 89 -19.55 13.42 10.93
N VAL B 90 -20.43 12.51 10.52
CA VAL B 90 -21.16 12.62 9.26
C VAL B 90 -22.55 13.17 9.51
N ILE B 91 -23.07 12.94 10.71
CA ILE B 91 -24.35 13.53 11.13
C ILE B 91 -24.05 14.77 11.97
N VAL B 92 -24.27 15.94 11.38
CA VAL B 92 -24.03 17.22 12.04
C VAL B 92 -25.36 17.88 12.40
N ASP B 93 -25.51 18.23 13.67
CA ASP B 93 -26.73 18.81 14.21
C ASP B 93 -26.97 20.21 13.64
N GLU B 94 -28.23 20.57 13.42
CA GLU B 94 -28.58 21.88 12.86
C GLU B 94 -27.85 23.00 13.60
N ARG B 95 -27.89 22.96 14.94
CA ARG B 95 -27.16 23.89 15.81
C ARG B 95 -25.80 24.29 15.26
N ASP B 96 -24.94 23.28 15.07
CA ASP B 96 -23.55 23.50 14.72
C ASP B 96 -23.41 24.19 13.36
N ILE B 97 -24.28 23.85 12.41
CA ILE B 97 -24.27 24.47 11.09
C ILE B 97 -24.57 25.97 11.21
N TYR B 98 -25.48 26.33 12.12
CA TYR B 98 -25.76 27.74 12.37
C TYR B 98 -24.53 28.44 12.93
N LYS B 99 -23.92 27.87 13.96
CA LYS B 99 -22.79 28.53 14.62
C LYS B 99 -21.54 28.55 13.72
N GLN B 100 -21.46 27.60 12.79
CA GLN B 100 -20.33 27.52 11.84
C GLN B 100 -20.44 28.55 10.73
N PHE B 101 -21.56 28.52 10.01
CA PHE B 101 -21.73 29.32 8.80
C PHE B 101 -22.42 30.67 9.03
N GLY B 102 -22.89 30.91 10.25
CA GLY B 102 -23.50 32.20 10.61
C GLY B 102 -24.62 32.57 9.66
N PRO B 103 -24.48 33.70 8.94
CA PRO B 103 -25.49 34.10 7.97
C PRO B 103 -25.68 33.11 6.83
N GLU B 104 -24.61 32.41 6.46
CA GLU B 104 -24.66 31.45 5.36
C GLU B 104 -25.36 30.14 5.75
N ALA B 105 -25.68 30.00 7.03
CA ALA B 105 -26.43 28.83 7.52
C ALA B 105 -27.69 28.59 6.69
N MET B 106 -28.37 29.65 6.27
CA MET B 106 -29.58 29.47 5.47
C MET B 106 -29.23 28.86 4.12
N ALA B 107 -28.19 29.36 3.48
CA ALA B 107 -27.78 28.84 2.17
C ALA B 107 -27.38 27.37 2.28
N VAL B 108 -26.65 27.02 3.35
CA VAL B 108 -26.19 25.66 3.55
C VAL B 108 -27.36 24.72 3.89
N LEU B 109 -28.19 25.10 4.85
CA LEU B 109 -29.26 24.23 5.30
C LEU B 109 -30.29 23.95 4.22
N ASP B 110 -30.45 24.89 3.28
CA ASP B 110 -31.33 24.69 2.13
C ASP B 110 -30.86 23.51 1.27
N ARG B 111 -29.54 23.35 1.14
CA ARG B 111 -28.97 22.26 0.34
C ARG B 111 -28.46 21.11 1.21
N CYS B 112 -29.25 20.74 2.21
CA CYS B 112 -28.91 19.67 3.13
C CYS B 112 -29.86 18.51 3.01
N PHE B 113 -29.47 17.39 3.60
CA PHE B 113 -30.42 16.34 3.84
C PHE B 113 -30.66 16.36 5.34
N TYR B 114 -31.91 16.54 5.74
CA TYR B 114 -32.31 16.37 7.12
C TYR B 114 -32.70 14.91 7.34
N LEU B 115 -32.27 14.35 8.47
CA LEU B 115 -32.57 12.96 8.79
C LEU B 115 -33.97 12.85 9.40
N ALA B 116 -34.86 12.15 8.71
CA ALA B 116 -36.20 11.91 9.21
C ALA B 116 -36.34 10.45 9.62
N GLY B 117 -37.41 10.14 10.33
CA GLY B 117 -37.69 8.78 10.79
C GLY B 117 -39.17 8.55 11.05
N LEU B 118 -39.61 7.32 10.85
CA LEU B 118 -41.02 6.96 11.04
C LEU B 118 -41.40 6.90 12.51
N PRO B 119 -42.54 7.52 12.87
CA PRO B 119 -42.99 7.45 14.25
C PRO B 119 -43.54 6.07 14.57
N ARG B 120 -43.65 5.77 15.87
CA ARG B 120 -44.26 4.54 16.31
C ARG B 120 -45.06 4.76 17.59
N PHE B 190 -50.82 0.40 12.00
CA PHE B 190 -51.63 0.29 10.77
C PHE B 190 -50.85 0.62 9.47
N LYS B 191 -49.53 0.80 9.57
CA LYS B 191 -48.68 1.12 8.43
C LYS B 191 -49.05 2.44 7.73
N ASP B 192 -48.39 2.72 6.61
CA ASP B 192 -48.63 3.93 5.81
C ASP B 192 -48.39 5.20 6.65
N LEU B 193 -47.18 5.28 7.18
CA LEU B 193 -46.78 6.38 8.05
C LEU B 193 -45.86 7.34 7.31
N THR B 194 -45.96 8.62 7.67
CA THR B 194 -45.08 9.66 7.15
C THR B 194 -43.87 9.76 8.07
N ALA B 195 -42.68 9.90 7.48
CA ALA B 195 -41.49 10.14 8.30
C ALA B 195 -41.49 11.58 8.80
N VAL B 196 -40.98 11.78 10.01
CA VAL B 196 -40.89 13.11 10.62
C VAL B 196 -39.44 13.57 10.70
N SER B 197 -39.18 14.79 10.25
CA SER B 197 -37.81 15.32 10.24
C SER B 197 -37.30 15.55 11.66
N SER B 198 -36.00 15.82 11.81
CA SER B 198 -35.39 15.77 13.13
C SER B 198 -34.27 16.76 13.42
N LYS B 199 -34.20 17.88 12.71
CA LYS B 199 -33.19 18.91 13.00
C LYS B 199 -31.76 18.33 13.08
N LEU B 200 -31.52 17.25 12.36
CA LEU B 200 -30.26 16.51 12.39
C LEU B 200 -29.82 16.32 10.95
N THR B 201 -28.73 16.99 10.57
CA THR B 201 -28.33 17.13 9.16
C THR B 201 -27.27 16.10 8.77
N LEU B 202 -27.25 15.77 7.48
CA LEU B 202 -26.14 15.00 6.88
C LEU B 202 -25.06 15.96 6.40
N ARG B 203 -23.84 15.73 6.85
CA ARG B 203 -22.70 16.55 6.49
C ARG B 203 -22.54 16.70 4.98
N SER B 204 -22.64 17.93 4.49
CA SER B 204 -22.33 18.21 3.09
C SER B 204 -20.91 18.77 2.97
N HIS B 205 -20.46 19.53 3.97
CA HIS B 205 -19.10 20.06 4.00
C HIS B 205 -18.20 19.30 4.98
N MET B 206 -17.04 18.82 4.51
CA MET B 206 -16.08 18.17 5.42
C MET B 206 -15.67 19.09 6.55
N THR B 207 -15.61 20.39 6.24
CA THR B 207 -15.22 21.42 7.19
C THR B 207 -16.10 21.43 8.45
N SER B 208 -17.40 21.21 8.27
CA SER B 208 -18.31 21.21 9.42
C SER B 208 -18.00 20.12 10.42
N GLY B 209 -17.27 19.10 10.00
CA GLY B 209 -16.79 18.05 10.90
C GLY B 209 -15.49 18.41 11.61
N TRP B 210 -14.66 19.22 10.94
CA TRP B 210 -13.39 19.65 11.53
C TRP B 210 -13.60 20.51 12.77
N PHE B 211 -14.49 21.50 12.65
CA PHE B 211 -14.82 22.37 13.77
C PHE B 211 -15.11 21.53 14.99
N LEU B 212 -15.89 20.47 14.82
CA LEU B 212 -16.24 19.58 15.92
C LEU B 212 -15.03 18.80 16.47
N THR B 213 -14.24 18.22 15.57
CA THR B 213 -13.08 17.43 15.95
C THR B 213 -12.00 18.26 16.59
N VAL B 214 -11.61 19.35 15.90
CA VAL B 214 -10.56 20.22 16.40
C VAL B 214 -10.94 20.82 17.76
N SER B 215 -12.17 21.32 17.88
CA SER B 215 -12.65 21.91 19.13
C SER B 215 -12.38 20.99 20.32
N ASP B 216 -12.76 19.73 20.17
CA ASP B 216 -12.58 18.76 21.25
C ASP B 216 -11.14 18.31 21.45
N LEU B 217 -10.28 18.56 20.46
CA LEU B 217 -8.86 18.25 20.59
C LEU B 217 -8.09 19.31 21.38
N MET B 218 -8.57 20.55 21.36
CA MET B 218 -7.84 21.65 21.99
C MET B 218 -7.68 21.38 23.47
N ASN B 219 -6.48 21.61 23.98
CA ASN B 219 -6.15 21.36 25.39
C ASN B 219 -6.19 19.88 25.78
N LYS B 220 -6.15 19.00 24.78
CA LYS B 220 -5.92 17.56 24.97
C LYS B 220 -4.68 17.16 24.19
N LYS B 221 -4.80 17.27 22.87
CA LYS B 221 -3.75 16.91 21.95
C LYS B 221 -2.83 18.12 21.84
N PRO B 222 -1.52 17.92 22.04
CA PRO B 222 -0.61 19.03 21.88
C PRO B 222 -0.53 19.52 20.44
N LEU B 223 -0.47 20.84 20.27
CA LEU B 223 -0.37 21.47 18.96
C LEU B 223 1.08 21.40 18.46
N PRO B 224 1.30 21.61 17.16
CA PRO B 224 0.28 21.76 16.14
C PRO B 224 -0.19 20.40 15.76
N PHE B 225 -1.25 20.32 14.97
CA PHE B 225 -1.59 19.03 14.39
C PHE B 225 -2.02 19.13 12.94
N LYS B 226 -1.48 18.21 12.15
CA LYS B 226 -1.89 18.02 10.77
C LYS B 226 -2.86 16.85 10.80
N LEU B 227 -4.10 17.09 10.34
CA LEU B 227 -5.15 16.08 10.38
C LEU B 227 -5.73 15.95 9.00
N PHE B 228 -6.02 14.72 8.57
CA PHE B 228 -6.66 14.51 7.28
C PHE B 228 -7.79 13.50 7.39
N SER B 229 -8.67 13.53 6.41
CA SER B 229 -9.78 12.61 6.34
C SER B 229 -10.44 12.63 4.97
N ILE B 230 -10.32 11.54 4.22
CA ILE B 230 -11.08 11.38 2.98
C ILE B 230 -12.31 10.56 3.32
N ASP B 231 -13.50 11.05 3.01
CA ASP B 231 -14.73 10.48 3.53
C ASP B 231 -15.96 10.96 2.73
N ARG B 232 -17.11 10.38 3.06
CA ARG B 232 -18.33 10.56 2.30
C ARG B 232 -19.10 11.80 2.75
N CYS B 233 -19.87 12.37 1.84
CA CYS B 233 -20.62 13.59 2.11
C CYS B 233 -21.88 13.61 1.25
N PHE B 234 -22.86 14.40 1.67
CA PHE B 234 -24.19 14.35 1.09
C PHE B 234 -24.75 15.75 0.87
N ARG B 235 -25.16 16.04 -0.34
CA ARG B 235 -25.69 17.34 -0.65
C ARG B 235 -26.91 17.16 -1.52
N ARG B 236 -27.99 17.80 -1.11
CA ARG B 236 -29.23 17.72 -1.81
C ARG B 236 -29.05 18.28 -3.22
N GLU B 237 -29.44 17.50 -4.23
CA GLU B 237 -29.30 17.92 -5.63
C GLU B 237 -30.58 17.65 -6.43
N GLN B 238 -31.13 18.71 -7.05
CA GLN B 238 -32.37 18.59 -7.84
C GLN B 238 -32.30 17.51 -8.90
N LYS B 239 -31.09 17.26 -9.38
CA LYS B 239 -30.87 16.30 -10.44
C LYS B 239 -29.43 15.93 -10.56
N GLU B 240 -29.16 14.63 -10.51
CA GLU B 240 -27.83 14.13 -10.78
C GLU B 240 -27.59 14.15 -12.29
N ASP B 241 -26.34 14.24 -12.69
CA ASP B 241 -26.00 14.34 -14.11
C ASP B 241 -24.57 13.83 -14.30
N LYS B 242 -23.89 14.32 -15.34
CA LYS B 242 -22.49 14.02 -15.57
C LYS B 242 -21.59 14.64 -14.51
N SER B 243 -22.03 15.76 -13.94
CA SER B 243 -21.19 16.57 -13.08
C SER B 243 -21.75 16.80 -11.69
N HIS B 244 -22.83 16.10 -11.31
CA HIS B 244 -23.44 16.28 -9.98
C HIS B 244 -23.98 14.99 -9.38
N LEU B 245 -23.60 14.72 -8.14
CA LEU B 245 -24.12 13.56 -7.40
C LEU B 245 -24.61 13.95 -5.99
N MET B 246 -25.56 13.19 -5.47
CA MET B 246 -26.12 13.46 -4.15
C MET B 246 -25.20 12.99 -3.05
N THR B 247 -24.53 11.85 -3.24
CA THR B 247 -23.46 11.44 -2.33
C THR B 247 -22.18 11.67 -3.08
N TYR B 248 -21.07 11.76 -2.34
CA TYR B 248 -19.74 11.89 -2.93
C TYR B 248 -18.71 11.80 -1.85
N HIS B 249 -17.44 11.82 -2.22
CA HIS B 249 -16.34 11.72 -1.28
C HIS B 249 -15.47 12.94 -1.40
N SER B 250 -14.97 13.40 -0.26
CA SER B 250 -14.19 14.60 -0.18
C SER B 250 -12.94 14.35 0.60
N ALA B 251 -11.79 14.68 0.01
CA ALA B 251 -10.49 14.59 0.69
C ALA B 251 -10.30 15.90 1.42
N SER B 252 -9.90 15.84 2.68
CA SER B 252 -9.88 17.04 3.50
C SER B 252 -8.87 16.98 4.60
N CYS B 253 -8.26 18.12 4.90
CA CYS B 253 -7.29 18.20 5.98
C CYS B 253 -7.41 19.51 6.73
N ALA B 254 -6.91 19.50 7.96
CA ALA B 254 -6.94 20.66 8.84
C ALA B 254 -5.61 20.74 9.58
N ILE B 255 -4.96 21.91 9.51
CA ILE B 255 -3.74 22.18 10.26
C ILE B 255 -4.00 23.31 11.24
N ALA B 256 -3.92 23.02 12.53
CA ALA B 256 -4.07 24.03 13.56
C ALA B 256 -2.75 24.24 14.28
N GLY B 257 -2.35 25.50 14.43
CA GLY B 257 -1.13 25.80 15.14
C GLY B 257 -0.81 27.28 15.15
N GLU B 258 0.17 27.65 15.97
CA GLU B 258 0.73 28.99 15.97
C GLU B 258 1.25 29.32 14.57
N GLY B 259 0.87 30.49 14.08
CA GLY B 259 1.43 31.02 12.84
C GLY B 259 1.02 30.28 11.58
N VAL B 260 -0.10 29.56 11.64
CA VAL B 260 -0.62 28.87 10.46
C VAL B 260 -1.35 29.89 9.60
N ASP B 261 -1.15 29.85 8.28
CA ASP B 261 -1.73 30.86 7.38
C ASP B 261 -1.89 30.34 5.95
N ILE B 262 -2.20 31.24 5.01
CA ILE B 262 -2.36 30.88 3.59
C ILE B 262 -1.19 30.07 3.04
N ASN B 263 0.03 30.39 3.46
CA ASN B 263 1.22 29.67 2.96
C ASN B 263 1.13 28.17 3.20
N ASP B 264 0.59 27.77 4.36
CA ASP B 264 0.40 26.36 4.66
C ASP B 264 -0.58 25.70 3.70
N GLY B 265 -1.60 26.44 3.30
CA GLY B 265 -2.53 25.95 2.29
C GLY B 265 -1.84 25.69 0.96
N LYS B 266 -1.00 26.62 0.54
CA LYS B 266 -0.29 26.51 -0.74
C LYS B 266 0.75 25.40 -0.72
N ALA B 267 1.41 25.23 0.42
CA ALA B 267 2.44 24.20 0.57
C ALA B 267 1.86 22.78 0.54
N ILE B 268 0.72 22.58 1.19
CA ILE B 268 0.02 21.28 1.14
C ILE B 268 -0.64 21.04 -0.22
N ALA B 269 -1.32 22.06 -0.73
CA ALA B 269 -1.91 21.98 -2.07
C ALA B 269 -0.89 21.42 -3.05
N GLU B 270 0.34 21.91 -2.97
CA GLU B 270 1.42 21.46 -3.85
C GLU B 270 1.87 20.03 -3.52
N GLY B 271 2.21 19.81 -2.25
CA GLY B 271 2.69 18.50 -1.81
C GLY B 271 1.72 17.37 -2.11
N LEU B 272 0.42 17.64 -1.94
CA LEU B 272 -0.63 16.67 -2.26
C LEU B 272 -0.73 16.50 -3.78
N LEU B 273 -1.09 17.57 -4.48
CA LEU B 273 -1.38 17.47 -5.90
C LEU B 273 -0.16 17.12 -6.75
N SER B 274 1.04 17.40 -6.27
CA SER B 274 2.23 17.09 -7.05
C SER B 274 2.47 15.59 -7.00
N GLN B 275 2.00 14.94 -5.95
CA GLN B 275 2.03 13.48 -5.86
C GLN B 275 1.05 12.80 -6.83
N PHE B 276 0.25 13.58 -7.55
CA PHE B 276 -0.65 13.05 -8.56
C PHE B 276 -0.25 13.51 -9.96
N GLY B 277 1.04 13.81 -10.13
CA GLY B 277 1.57 14.14 -11.44
C GLY B 277 1.24 15.53 -11.95
N PHE B 278 0.69 16.39 -11.09
CA PHE B 278 0.51 17.80 -11.46
C PHE B 278 1.86 18.51 -11.28
N THR B 279 2.17 19.39 -12.22
CA THR B 279 3.49 19.97 -12.37
C THR B 279 3.59 21.41 -11.87
N ASN B 280 2.69 22.25 -12.36
CA ASN B 280 2.64 23.65 -11.97
C ASN B 280 1.36 23.95 -11.17
N PHE B 281 1.30 25.13 -10.55
CA PHE B 281 0.18 25.49 -9.68
C PHE B 281 -0.13 26.99 -9.68
N LYS B 282 -1.42 27.33 -9.68
CA LYS B 282 -1.87 28.71 -9.49
C LYS B 282 -2.83 28.78 -8.29
N PHE B 283 -2.83 29.92 -7.60
CA PHE B 283 -3.66 30.11 -6.40
C PHE B 283 -4.52 31.35 -6.56
N ILE B 284 -5.61 31.19 -7.30
CA ILE B 284 -6.59 32.24 -7.54
C ILE B 284 -7.48 32.46 -6.31
N PRO B 285 -7.66 33.71 -5.88
CA PRO B 285 -8.59 33.98 -4.78
C PRO B 285 -10.04 33.75 -5.18
N ASP B 286 -10.80 33.10 -4.30
CA ASP B 286 -12.18 32.74 -4.57
C ASP B 286 -13.08 33.95 -4.42
N GLU B 287 -13.81 34.29 -5.48
CA GLU B 287 -14.73 35.42 -5.45
C GLU B 287 -15.83 35.28 -4.41
N LYS B 288 -16.10 34.05 -3.98
CA LYS B 288 -17.14 33.81 -2.98
C LYS B 288 -16.89 34.60 -1.70
N LYS B 289 -15.70 34.44 -1.13
CA LYS B 289 -15.36 35.02 0.17
C LYS B 289 -16.32 34.50 1.24
N SER B 290 -16.36 33.17 1.37
CA SER B 290 -17.19 32.50 2.36
C SER B 290 -16.77 32.93 3.75
N LYS B 291 -17.74 33.30 4.57
CA LYS B 291 -17.49 34.04 5.81
C LYS B 291 -17.17 33.16 7.03
N TYR B 292 -17.00 31.86 6.80
CA TYR B 292 -16.37 30.99 7.80
C TYR B 292 -14.88 30.87 7.51
N TYR B 293 -14.41 31.62 6.49
CA TYR B 293 -12.98 31.79 6.19
C TYR B 293 -12.59 33.26 6.38
N THR B 294 -11.42 33.49 7.00
CA THR B 294 -10.81 34.82 7.09
C THR B 294 -10.83 35.52 5.72
N PRO B 295 -11.21 36.81 5.69
CA PRO B 295 -11.40 37.53 4.43
C PRO B 295 -10.41 37.21 3.29
N GLU B 296 -9.16 37.66 3.39
CA GLU B 296 -8.25 37.63 2.23
C GLU B 296 -7.67 36.22 2.00
N THR B 297 -8.11 35.29 2.84
CA THR B 297 -7.83 33.87 2.66
C THR B 297 -8.88 33.28 1.71
N GLN B 298 -8.97 31.96 1.67
CA GLN B 298 -9.84 31.20 0.76
C GLN B 298 -9.37 31.29 -0.68
N THR B 299 -8.65 30.26 -1.09
CA THR B 299 -8.06 30.16 -2.40
C THR B 299 -8.65 28.95 -3.12
N GLU B 300 -8.77 29.06 -4.43
CA GLU B 300 -9.08 27.90 -5.26
C GLU B 300 -7.81 27.52 -6.04
N VAL B 301 -7.38 26.26 -5.86
CA VAL B 301 -6.15 25.76 -6.45
C VAL B 301 -6.38 25.30 -7.88
N TYR B 302 -5.52 25.75 -8.78
CA TYR B 302 -5.52 25.31 -10.17
C TYR B 302 -4.21 24.61 -10.45
N ALA B 303 -4.24 23.29 -10.65
CA ALA B 303 -3.03 22.54 -10.99
C ALA B 303 -2.96 22.30 -12.48
N TYR B 304 -1.74 22.23 -13.02
CA TYR B 304 -1.50 21.90 -14.43
C TYR B 304 -1.10 20.43 -14.55
N HIS B 305 -1.68 19.73 -15.51
CA HIS B 305 -1.29 18.34 -15.75
C HIS B 305 -0.78 18.18 -17.16
N PRO B 306 0.44 17.63 -17.32
CA PRO B 306 1.04 17.56 -18.64
C PRO B 306 0.33 16.59 -19.58
N LYS B 307 0.02 15.38 -19.09
CA LYS B 307 -0.79 14.40 -19.82
C LYS B 307 -2.04 15.04 -20.43
N LEU B 308 -2.83 15.72 -19.60
CA LEU B 308 -4.00 16.47 -20.06
C LEU B 308 -3.59 17.72 -20.84
N LYS B 309 -2.42 18.28 -20.53
CA LYS B 309 -1.93 19.51 -21.18
C LYS B 309 -2.92 20.67 -20.96
N GLU B 310 -3.23 20.92 -19.69
CA GLU B 310 -4.37 21.72 -19.29
C GLU B 310 -4.29 22.11 -17.81
N TRP B 311 -4.67 23.35 -17.51
CA TRP B 311 -4.87 23.79 -16.11
C TRP B 311 -6.26 23.36 -15.66
N LEU B 312 -6.37 22.89 -14.44
CA LEU B 312 -7.65 22.42 -13.91
C LEU B 312 -7.84 22.84 -12.47
N GLU B 313 -8.99 23.41 -12.16
CA GLU B 313 -9.37 23.59 -10.77
C GLU B 313 -9.42 22.19 -10.14
N VAL B 314 -8.92 22.05 -8.94
CA VAL B 314 -8.71 20.73 -8.38
C VAL B 314 -8.85 20.67 -6.87
N ALA B 315 -8.36 21.68 -6.15
CA ALA B 315 -8.60 21.78 -4.71
C ALA B 315 -8.95 23.21 -4.29
N THR B 316 -9.31 23.34 -3.02
CA THR B 316 -9.69 24.61 -2.44
C THR B 316 -9.30 24.64 -0.98
N PHE B 317 -8.65 25.72 -0.56
CA PHE B 317 -8.30 25.88 0.86
C PHE B 317 -8.62 27.26 1.34
N GLY B 318 -8.75 27.39 2.66
CA GLY B 318 -8.89 28.67 3.33
C GLY B 318 -8.41 28.55 4.76
N VAL B 319 -8.37 29.67 5.48
CA VAL B 319 -8.05 29.69 6.90
C VAL B 319 -9.32 30.09 7.64
N TYR B 320 -9.78 29.24 8.56
CA TYR B 320 -11.04 29.50 9.24
C TYR B 320 -11.00 30.85 9.95
N SER B 321 -12.12 31.56 9.90
CA SER B 321 -12.25 32.83 10.59
C SER B 321 -12.18 32.63 12.10
N PRO B 322 -11.37 33.45 12.79
CA PRO B 322 -11.40 33.54 14.26
C PRO B 322 -12.79 33.63 14.88
N VAL B 323 -13.76 34.25 14.19
CA VAL B 323 -15.14 34.32 14.68
C VAL B 323 -15.72 32.90 14.86
N ALA B 324 -15.72 32.12 13.79
CA ALA B 324 -16.23 30.75 13.85
C ALA B 324 -15.39 29.88 14.76
N LEU B 325 -14.07 30.09 14.72
CA LEU B 325 -13.13 29.32 15.54
C LEU B 325 -13.35 29.54 17.04
N SER B 326 -13.48 30.80 17.45
CA SER B 326 -13.65 31.11 18.87
C SER B 326 -15.05 30.72 19.39
N LYS B 327 -16.02 30.67 18.49
CA LYS B 327 -17.32 30.07 18.83
C LYS B 327 -17.17 28.58 19.18
N TYR B 328 -16.11 27.95 18.69
CA TYR B 328 -15.78 26.56 19.04
C TYR B 328 -14.60 26.46 20.02
N GLY B 329 -14.16 27.61 20.53
CA GLY B 329 -13.08 27.64 21.50
C GLY B 329 -11.75 27.20 20.92
N ILE B 330 -11.47 27.61 19.68
CA ILE B 330 -10.21 27.31 19.04
C ILE B 330 -9.39 28.60 19.02
N ASP B 331 -8.29 28.62 19.77
CA ASP B 331 -7.48 29.82 19.95
C ASP B 331 -6.43 30.04 18.86
N VAL B 332 -5.86 28.95 18.36
CA VAL B 332 -4.92 29.02 17.24
C VAL B 332 -5.70 29.12 15.93
N PRO B 333 -5.07 29.64 14.86
CA PRO B 333 -5.69 29.58 13.55
C PRO B 333 -5.64 28.15 13.00
N VAL B 334 -6.53 27.88 12.06
CA VAL B 334 -6.65 26.57 11.44
C VAL B 334 -6.83 26.72 9.93
N MET B 335 -5.91 26.12 9.16
CA MET B 335 -5.99 26.13 7.70
C MET B 335 -6.62 24.84 7.23
N ASN B 336 -7.47 24.94 6.22
CA ASN B 336 -8.25 23.79 5.76
C ASN B 336 -8.24 23.66 4.23
N LEU B 337 -7.69 22.56 3.73
CA LEU B 337 -7.61 22.28 2.30
C LEU B 337 -8.56 21.15 1.97
N GLY B 338 -9.23 21.25 0.83
CA GLY B 338 -10.27 20.31 0.43
C GLY B 338 -10.15 19.92 -1.04
N LEU B 339 -10.48 18.67 -1.33
CA LEU B 339 -10.25 18.06 -2.64
C LEU B 339 -11.36 17.07 -3.00
N GLY B 340 -11.93 17.24 -4.19
CA GLY B 340 -13.01 16.36 -4.66
C GLY B 340 -12.49 15.04 -5.19
N VAL B 341 -12.58 13.99 -4.36
CA VAL B 341 -12.13 12.66 -4.76
C VAL B 341 -12.68 12.29 -6.14
N GLU B 342 -14.00 12.35 -6.26
CA GLU B 342 -14.68 11.99 -7.49
C GLU B 342 -13.97 12.65 -8.66
N ARG B 343 -13.75 13.96 -8.58
CA ARG B 343 -13.18 14.70 -9.72
C ARG B 343 -11.74 14.37 -10.00
N LEU B 344 -10.96 14.14 -8.96
CA LEU B 344 -9.57 13.74 -9.14
C LEU B 344 -9.62 12.44 -9.92
N ALA B 345 -10.41 11.50 -9.42
CA ALA B 345 -10.62 10.21 -10.07
C ALA B 345 -11.02 10.35 -11.54
N MET B 346 -11.87 11.32 -11.84
CA MET B 346 -12.24 11.60 -13.23
C MET B 346 -11.04 12.00 -14.05
N ILE B 347 -10.31 13.03 -13.59
CA ILE B 347 -9.17 13.59 -14.34
C ILE B 347 -8.11 12.53 -14.60
N SER B 348 -7.68 11.87 -13.53
CA SER B 348 -6.66 10.85 -13.67
C SER B 348 -7.18 9.62 -14.40
N GLY B 349 -8.46 9.29 -14.22
CA GLY B 349 -9.05 8.14 -14.93
C GLY B 349 -9.56 8.44 -16.34
N ASN B 350 -9.29 9.66 -16.80
CA ASN B 350 -9.93 10.20 -17.99
C ASN B 350 -11.42 9.83 -18.19
N PHE B 351 -12.21 10.00 -17.13
CA PHE B 351 -13.66 9.79 -17.18
C PHE B 351 -14.39 11.09 -17.51
N ALA B 352 -15.31 11.04 -18.45
CA ALA B 352 -16.07 12.22 -18.86
C ALA B 352 -17.40 12.41 -18.13
N ASP B 353 -17.71 11.57 -17.14
CA ASP B 353 -19.04 11.57 -16.54
C ASP B 353 -19.06 10.87 -15.19
N VAL B 354 -19.25 11.63 -14.11
CA VAL B 354 -19.17 11.04 -12.76
C VAL B 354 -20.16 9.93 -12.51
N ARG B 355 -21.35 10.07 -13.10
CA ARG B 355 -22.43 9.11 -12.87
C ARG B 355 -22.06 7.72 -13.39
N GLU B 356 -21.49 7.66 -14.59
CA GLU B 356 -20.96 6.40 -15.14
C GLU B 356 -19.77 5.90 -14.33
N MET B 357 -18.80 6.77 -14.08
CA MET B 357 -17.58 6.39 -13.42
C MET B 357 -17.85 5.76 -12.05
N VAL B 358 -18.78 6.33 -11.30
CA VAL B 358 -19.07 5.85 -9.94
C VAL B 358 -19.90 4.57 -9.99
N TYR B 359 -20.92 4.58 -10.86
CA TYR B 359 -21.88 3.49 -10.97
C TYR B 359 -21.93 2.98 -12.40
N PRO B 360 -20.86 2.31 -12.85
CA PRO B 360 -20.83 1.86 -14.23
C PRO B 360 -21.80 0.71 -14.52
N GLN B 361 -22.25 0.04 -13.46
CA GLN B 361 -23.23 -1.05 -13.56
C GLN B 361 -24.52 -0.69 -14.28
N PHE B 362 -24.91 0.58 -14.20
CA PHE B 362 -26.18 1.02 -14.79
C PHE B 362 -26.06 1.55 -16.21
N TYR B 363 -25.03 1.17 -16.95
CA TYR B 363 -24.88 1.69 -18.30
C TYR B 363 -24.46 0.61 -19.28
N GLU B 364 -24.62 0.88 -20.57
CA GLU B 364 -24.20 -0.09 -21.55
C GLU B 364 -22.88 -0.67 -21.11
N HIS B 365 -22.85 -1.97 -20.91
CA HIS B 365 -21.60 -2.69 -20.65
C HIS B 365 -20.95 -2.92 -22.00
N LYS B 366 -20.02 -2.05 -22.34
CA LYS B 366 -19.32 -2.12 -23.62
C LYS B 366 -18.34 -3.27 -23.62
N LEU B 367 -18.65 -4.33 -24.37
CA LEU B 367 -17.74 -5.47 -24.48
C LEU B 367 -16.52 -5.06 -25.30
N ASN B 368 -15.37 -5.08 -24.63
CA ASN B 368 -14.06 -4.87 -25.22
C ASN B 368 -13.90 -5.52 -26.60
N ASP B 369 -12.86 -5.13 -27.32
CA ASP B 369 -12.51 -5.78 -28.59
C ASP B 369 -11.93 -7.16 -28.31
N ARG B 370 -11.10 -7.24 -27.27
CA ARG B 370 -10.51 -8.50 -26.81
C ARG B 370 -11.57 -9.44 -26.22
N ASN B 371 -12.65 -8.88 -25.72
CA ASN B 371 -13.70 -9.69 -25.10
C ASN B 371 -14.58 -10.35 -26.12
N VAL B 372 -14.98 -9.61 -27.15
CA VAL B 372 -15.77 -10.20 -28.24
C VAL B 372 -14.95 -11.30 -28.94
N ALA B 373 -13.63 -11.10 -29.00
CA ALA B 373 -12.70 -12.11 -29.50
C ALA B 373 -12.80 -13.42 -28.72
N SER B 374 -13.14 -13.34 -27.44
CA SER B 374 -13.23 -14.52 -26.59
C SER B 374 -14.62 -15.15 -26.58
N MET B 375 -15.55 -14.59 -27.36
CA MET B 375 -16.92 -15.09 -27.43
C MET B 375 -17.28 -15.63 -28.82
N VAL B 376 -16.29 -15.68 -29.71
CA VAL B 376 -16.44 -16.36 -30.99
C VAL B 376 -15.85 -17.76 -30.82
N LYS B 377 -16.72 -18.76 -30.69
CA LYS B 377 -16.33 -20.12 -30.37
C LYS B 377 -16.65 -21.09 -31.51
N LEU B 378 -16.02 -22.27 -31.48
CA LEU B 378 -16.30 -23.33 -32.44
C LEU B 378 -17.64 -23.97 -32.08
N ASP B 379 -18.53 -24.03 -33.06
CA ASP B 379 -19.92 -24.45 -32.84
C ASP B 379 -19.97 -25.89 -32.33
N LYS B 380 -19.59 -26.84 -33.19
CA LYS B 380 -19.67 -28.26 -32.83
C LYS B 380 -18.32 -28.93 -33.01
N VAL B 381 -17.97 -29.74 -32.01
CA VAL B 381 -16.68 -30.40 -31.91
C VAL B 381 -16.88 -31.79 -31.30
N PRO B 382 -16.23 -32.81 -31.86
CA PRO B 382 -16.44 -34.16 -31.36
C PRO B 382 -16.05 -34.32 -29.90
N VAL B 383 -16.89 -34.99 -29.13
CA VAL B 383 -16.62 -35.22 -27.71
C VAL B 383 -15.49 -36.22 -27.48
N MET B 384 -15.36 -37.18 -28.39
CA MET B 384 -14.51 -38.33 -28.18
C MET B 384 -13.11 -38.08 -28.72
N ASP B 385 -12.10 -38.43 -27.94
CA ASP B 385 -10.72 -38.01 -28.19
C ASP B 385 -10.20 -38.40 -29.57
N GLU B 386 -10.14 -39.69 -29.85
CA GLU B 386 -9.63 -40.16 -31.14
C GLU B 386 -10.25 -39.42 -32.33
N ILE B 387 -11.56 -39.16 -32.25
CA ILE B 387 -12.24 -38.42 -33.30
C ILE B 387 -11.78 -36.96 -33.27
N TYR B 388 -11.66 -36.37 -32.08
CA TYR B 388 -11.15 -35.00 -31.93
C TYR B 388 -9.74 -34.84 -32.52
N ASP B 389 -8.85 -35.76 -32.16
CA ASP B 389 -7.45 -35.72 -32.60
C ASP B 389 -7.26 -35.94 -34.11
N LEU B 390 -8.28 -36.45 -34.80
CA LEU B 390 -8.24 -36.56 -36.25
C LEU B 390 -8.33 -35.17 -36.90
N THR B 391 -8.95 -34.23 -36.21
CA THR B 391 -9.13 -32.88 -36.76
C THR B 391 -7.78 -32.23 -37.11
N LYS B 392 -6.78 -32.44 -36.25
CA LYS B 392 -5.44 -31.92 -36.51
C LYS B 392 -4.84 -32.52 -37.78
N GLU B 393 -4.92 -33.83 -37.92
CA GLU B 393 -4.47 -34.51 -39.13
C GLU B 393 -5.14 -33.90 -40.34
N LEU B 394 -6.46 -33.78 -40.29
CA LEU B 394 -7.20 -33.18 -41.38
C LEU B 394 -6.62 -31.81 -41.74
N ILE B 395 -6.54 -30.94 -40.73
CA ILE B 395 -6.11 -29.54 -40.92
C ILE B 395 -4.71 -29.43 -41.52
N GLU B 396 -3.73 -29.99 -40.83
CA GLU B 396 -2.33 -29.95 -41.28
C GLU B 396 -2.16 -30.50 -42.69
N SER B 397 -2.94 -31.51 -43.01
CA SER B 397 -2.91 -32.13 -44.35
C SER B 397 -3.45 -31.19 -45.42
N CYS B 398 -4.58 -30.52 -45.12
CA CYS B 398 -5.19 -29.59 -46.06
C CYS B 398 -4.29 -28.40 -46.33
N VAL B 399 -3.73 -27.84 -45.26
CA VAL B 399 -2.83 -26.70 -45.38
C VAL B 399 -1.63 -27.02 -46.27
N LYS B 400 -1.11 -28.24 -46.16
CA LYS B 400 -0.01 -28.68 -47.02
C LYS B 400 -0.49 -29.00 -48.44
N ASN B 401 -1.62 -29.70 -48.56
CA ASN B 401 -2.16 -30.11 -49.87
C ASN B 401 -3.16 -29.11 -50.44
N SER B 442 -9.05 -19.16 -50.57
CA SER B 442 -8.84 -18.44 -49.31
C SER B 442 -9.41 -19.17 -48.05
N ILE B 443 -8.73 -20.24 -47.66
CA ILE B 443 -9.14 -21.09 -46.52
C ILE B 443 -8.33 -20.83 -45.24
N LEU B 444 -7.17 -20.19 -45.38
CA LEU B 444 -6.34 -19.85 -44.22
C LEU B 444 -6.79 -18.53 -43.57
N ASN B 445 -7.92 -17.99 -44.00
CA ASN B 445 -8.44 -16.75 -43.43
C ASN B 445 -8.63 -16.94 -41.95
N GLU B 446 -7.95 -16.09 -41.16
CA GLU B 446 -8.10 -16.10 -39.72
C GLU B 446 -9.16 -15.11 -39.34
N ILE B 447 -10.19 -15.59 -38.65
CA ILE B 447 -11.17 -14.72 -38.05
C ILE B 447 -10.47 -13.82 -37.00
N TYR B 448 -11.04 -12.65 -36.80
CA TYR B 448 -10.34 -11.51 -36.18
C TYR B 448 -11.41 -10.58 -35.62
N VAL B 449 -11.10 -9.84 -34.56
CA VAL B 449 -12.03 -8.83 -34.07
C VAL B 449 -11.34 -7.48 -34.04
N TYR B 450 -11.96 -6.47 -34.64
CA TYR B 450 -11.39 -5.13 -34.73
C TYR B 450 -12.46 -4.06 -34.63
N ASP B 451 -12.25 -3.08 -33.76
CA ASP B 451 -13.22 -2.00 -33.53
C ASP B 451 -14.66 -2.52 -33.60
N GLY B 452 -14.95 -3.54 -32.79
CA GLY B 452 -16.32 -3.99 -32.57
C GLY B 452 -16.97 -4.77 -33.69
N ASN B 453 -16.18 -5.20 -34.68
CA ASN B 453 -16.69 -6.15 -35.69
C ASN B 453 -15.73 -7.32 -35.93
N VAL B 454 -16.33 -8.49 -36.20
CA VAL B 454 -15.60 -9.72 -36.44
C VAL B 454 -15.52 -9.94 -37.92
N ILE B 455 -14.32 -9.98 -38.50
CA ILE B 455 -14.20 -9.88 -39.96
C ILE B 455 -13.66 -11.11 -40.71
N GLY B 456 -12.58 -11.73 -40.23
CA GLY B 456 -11.95 -12.79 -41.00
C GLY B 456 -11.05 -12.26 -42.11
N ILE B 457 -9.81 -11.93 -41.73
CA ILE B 457 -8.83 -11.37 -42.64
C ILE B 457 -8.04 -12.50 -43.31
N PRO B 458 -7.77 -12.36 -44.64
CA PRO B 458 -6.92 -13.32 -45.32
C PRO B 458 -5.45 -12.93 -45.23
N GLU B 459 -4.59 -13.78 -45.78
CA GLU B 459 -3.14 -13.65 -45.66
C GLU B 459 -2.55 -12.91 -46.86
N PHE B 468 -11.03 -1.64 -50.23
CA PHE B 468 -11.33 -2.37 -49.00
C PHE B 468 -10.07 -2.98 -48.32
N LYS B 469 -8.87 -2.53 -48.70
CA LYS B 469 -7.63 -3.07 -48.13
C LYS B 469 -7.26 -2.42 -46.79
N ASP B 470 -7.57 -1.14 -46.64
CA ASP B 470 -7.20 -0.39 -45.44
C ASP B 470 -7.91 -0.91 -44.21
N PHE B 471 -9.18 -1.29 -44.38
CA PHE B 471 -9.98 -1.83 -43.28
C PHE B 471 -9.39 -3.15 -42.77
N LEU B 472 -8.89 -3.98 -43.67
CA LEU B 472 -8.26 -5.23 -43.31
C LEU B 472 -6.86 -5.00 -42.75
N GLU B 473 -6.11 -4.09 -43.37
CA GLU B 473 -4.78 -3.68 -42.89
C GLU B 473 -4.77 -3.44 -41.39
N LYS B 474 -5.63 -2.51 -40.94
CA LYS B 474 -5.76 -2.20 -39.52
C LYS B 474 -6.28 -3.40 -38.73
N GLY B 475 -7.38 -3.98 -39.22
CA GLY B 475 -7.98 -5.16 -38.62
C GLY B 475 -6.97 -6.23 -38.23
N LYS B 476 -5.97 -6.42 -39.09
CA LYS B 476 -4.88 -7.36 -38.84
C LYS B 476 -3.90 -6.79 -37.80
N SER B 477 -3.42 -5.58 -38.07
CA SER B 477 -2.35 -4.99 -37.26
C SER B 477 -2.80 -4.45 -35.90
N GLU B 478 -4.10 -4.23 -35.73
CA GLU B 478 -4.64 -3.64 -34.49
C GLU B 478 -5.72 -4.46 -33.79
N GLY B 479 -6.45 -5.30 -34.53
CA GLY B 479 -7.49 -6.14 -33.95
C GLY B 479 -6.95 -7.33 -33.17
N VAL B 480 -7.84 -8.03 -32.48
CA VAL B 480 -7.47 -9.22 -31.70
C VAL B 480 -7.59 -10.48 -32.57
N ALA B 481 -6.47 -11.16 -32.80
CA ALA B 481 -6.45 -12.36 -33.62
C ALA B 481 -7.03 -13.52 -32.84
N THR B 482 -7.94 -14.26 -33.46
CA THR B 482 -8.66 -15.32 -32.76
C THR B 482 -7.89 -16.62 -32.76
N GLY B 483 -7.11 -16.88 -33.81
CA GLY B 483 -6.43 -18.16 -33.95
C GLY B 483 -7.28 -19.19 -34.66
N ILE B 484 -8.57 -18.90 -34.86
CA ILE B 484 -9.43 -19.75 -35.67
C ILE B 484 -9.29 -19.32 -37.13
N ARG B 485 -8.94 -20.28 -37.98
CA ARG B 485 -8.97 -20.07 -39.41
C ARG B 485 -10.12 -20.86 -40.00
N TYR B 486 -10.45 -20.62 -41.26
CA TYR B 486 -11.64 -21.24 -41.84
C TYR B 486 -11.48 -22.76 -41.82
N ILE B 487 -10.39 -23.27 -42.41
CA ILE B 487 -10.09 -24.72 -42.38
C ILE B 487 -10.17 -25.35 -41.00
N ASP B 488 -9.71 -24.62 -39.98
CA ASP B 488 -9.69 -25.16 -38.63
C ASP B 488 -11.11 -25.51 -38.21
N ALA B 489 -12.03 -24.59 -38.45
CA ALA B 489 -13.43 -24.77 -38.08
C ALA B 489 -14.14 -25.78 -38.98
N LEU B 490 -13.83 -25.70 -40.27
CA LEU B 490 -14.38 -26.63 -41.26
C LEU B 490 -14.01 -28.08 -40.96
N CYS B 491 -12.77 -28.33 -40.61
CA CYS B 491 -12.33 -29.67 -40.21
C CYS B 491 -13.01 -30.17 -38.95
N PHE B 492 -13.36 -29.25 -38.05
CA PHE B 492 -14.07 -29.65 -36.85
C PHE B 492 -15.50 -30.02 -37.16
N LYS B 493 -16.08 -29.39 -38.18
CA LYS B 493 -17.37 -29.82 -38.70
C LYS B 493 -17.30 -31.24 -39.24
N ILE B 494 -16.23 -31.54 -39.98
CA ILE B 494 -16.02 -32.88 -40.55
C ILE B 494 -15.88 -33.91 -39.44
N THR B 495 -14.97 -33.63 -38.51
CA THR B 495 -14.67 -34.55 -37.42
C THR B 495 -15.84 -34.66 -36.42
N SER B 496 -16.66 -33.62 -36.32
CA SER B 496 -17.89 -33.72 -35.54
C SER B 496 -18.90 -34.62 -36.25
N LYS B 497 -18.99 -34.50 -37.58
CA LYS B 497 -19.92 -35.32 -38.37
C LYS B 497 -19.57 -36.82 -38.35
N LEU B 498 -18.35 -37.15 -37.94
CA LEU B 498 -18.00 -38.52 -37.63
C LEU B 498 -18.71 -39.00 -36.35
N GLU B 499 -18.87 -38.12 -35.38
CA GLU B 499 -19.70 -38.43 -34.22
C GLU B 499 -21.15 -38.63 -34.68
N GLU B 500 -21.63 -37.73 -35.53
CA GLU B 500 -22.95 -37.82 -36.16
C GLU B 500 -23.13 -39.16 -36.88
N ALA B 501 -22.11 -39.57 -37.63
CA ALA B 501 -22.19 -40.73 -38.51
C ALA B 501 -22.11 -42.03 -37.72
N ASP B 521 -22.15 -21.60 -43.55
CA ASP B 521 -21.39 -21.22 -42.35
C ASP B 521 -20.03 -21.95 -42.27
N ILE B 522 -19.38 -21.82 -41.13
CA ILE B 522 -17.98 -22.18 -40.97
C ILE B 522 -17.77 -22.92 -39.64
N ASN B 523 -18.87 -23.37 -39.04
CA ASN B 523 -18.88 -23.99 -37.72
C ASN B 523 -18.41 -23.07 -36.59
N LEU B 524 -18.68 -21.77 -36.76
CA LEU B 524 -18.41 -20.79 -35.71
C LEU B 524 -19.73 -20.27 -35.17
N LYS B 525 -19.65 -19.45 -34.12
CA LYS B 525 -20.79 -19.12 -33.29
C LYS B 525 -20.38 -18.01 -32.31
N ILE B 526 -21.14 -16.92 -32.28
CA ILE B 526 -20.92 -15.86 -31.29
C ILE B 526 -21.93 -16.01 -30.16
N ASP B 527 -21.52 -15.62 -28.96
CA ASP B 527 -22.43 -15.52 -27.83
C ASP B 527 -23.36 -14.32 -28.06
N ASP B 528 -24.60 -14.43 -27.60
CA ASP B 528 -25.63 -13.43 -27.90
C ASP B 528 -25.29 -12.05 -27.35
N ILE B 529 -24.72 -12.00 -26.14
CA ILE B 529 -24.27 -10.73 -25.55
C ILE B 529 -23.30 -10.00 -26.49
N ALA B 530 -22.40 -10.75 -27.11
CA ALA B 530 -21.51 -10.19 -28.12
C ALA B 530 -22.28 -9.83 -29.40
N LEU B 531 -23.36 -10.55 -29.68
CA LEU B 531 -24.13 -10.35 -30.89
C LEU B 531 -24.96 -9.07 -30.81
N LYS B 532 -25.63 -8.84 -29.68
CA LYS B 532 -26.44 -7.64 -29.49
C LYS B 532 -25.64 -6.37 -29.72
N GLN B 533 -24.45 -6.32 -29.13
CA GLN B 533 -23.57 -5.15 -29.28
C GLN B 533 -23.24 -4.90 -30.74
N ILE B 534 -22.81 -5.96 -31.43
CA ILE B 534 -22.51 -5.89 -32.85
C ILE B 534 -23.69 -5.30 -33.64
N MET B 535 -24.91 -5.79 -33.38
CA MET B 535 -26.11 -5.31 -34.05
C MET B 535 -26.49 -3.90 -33.61
N SER B 536 -26.45 -3.67 -32.29
CA SER B 536 -26.83 -2.38 -31.69
C SER B 536 -25.85 -1.25 -32.01
N LYS B 537 -24.57 -1.58 -32.21
CA LYS B 537 -23.56 -0.55 -32.44
C LYS B 537 -23.11 -0.45 -33.91
N ASN B 538 -24.00 -0.80 -34.85
CA ASN B 538 -23.81 -0.55 -36.28
C ASN B 538 -22.69 -1.32 -36.97
N LYS B 539 -22.27 -2.45 -36.40
CA LYS B 539 -21.06 -3.13 -36.86
C LYS B 539 -21.29 -4.39 -37.68
N VAL B 540 -20.23 -4.83 -38.36
CA VAL B 540 -20.27 -5.87 -39.39
C VAL B 540 -19.94 -7.26 -38.85
N ILE B 541 -20.25 -8.31 -39.62
CA ILE B 541 -19.70 -9.65 -39.38
C ILE B 541 -19.17 -10.26 -40.68
N UNK B 557 -2.84 -26.94 -49.69
CA UNK B 557 -3.93 -26.16 -50.26
C UNK B 557 -3.88 -26.08 -51.79
N UNK B 558 -2.68 -26.10 -52.37
CA UNK B 558 -2.51 -25.73 -53.77
C UNK B 558 -2.03 -26.90 -54.68
N UNK B 559 -2.77 -28.02 -54.67
CA UNK B 559 -2.54 -29.14 -55.62
C UNK B 559 -3.57 -29.11 -56.77
N UNK B 560 -3.07 -28.92 -58.00
CA UNK B 560 -3.93 -28.55 -59.15
C UNK B 560 -4.88 -29.65 -59.62
N UNK B 561 -5.78 -29.26 -60.54
CA UNK B 561 -6.73 -30.17 -61.19
C UNK B 561 -6.44 -31.64 -60.93
N UNK B 562 -7.32 -32.98 -58.37
CA UNK B 562 -6.58 -33.38 -57.19
C UNK B 562 -7.48 -34.13 -56.20
N UNK B 563 -6.89 -35.06 -55.44
CA UNK B 563 -7.62 -35.86 -54.47
C UNK B 563 -6.82 -36.12 -53.19
N UNK B 564 -7.33 -35.67 -52.04
CA UNK B 564 -6.71 -35.97 -50.74
C UNK B 564 -7.55 -37.02 -50.01
N UNK B 565 -6.87 -38.03 -49.48
CA UNK B 565 -7.55 -39.18 -48.89
C UNK B 565 -6.93 -39.53 -47.55
N UNK B 566 -7.66 -39.23 -46.47
CA UNK B 566 -7.29 -39.67 -45.12
C UNK B 566 -7.99 -40.99 -44.83
N UNK B 567 -7.30 -41.91 -44.15
CA UNK B 567 -7.89 -43.21 -43.79
C UNK B 567 -7.36 -43.74 -42.45
N UNK B 568 -8.26 -43.88 -41.47
CA UNK B 568 -7.92 -44.45 -40.16
C UNK B 568 -9.03 -45.41 -39.73
N UNK B 569 -8.66 -46.39 -38.91
CA UNK B 569 -9.60 -47.39 -38.41
C UNK B 569 -9.74 -47.21 -36.90
N UNK B 570 -10.86 -46.64 -36.46
CA UNK B 570 -11.06 -46.28 -35.06
C UNK B 570 -11.79 -47.38 -34.31
N UNK B 571 -11.21 -47.87 -33.21
CA UNK B 571 -11.83 -48.90 -32.38
C UNK B 571 -12.85 -48.28 -31.42
N UNK B 572 -14.12 -48.28 -31.82
CA UNK B 572 -15.21 -47.96 -30.90
C UNK B 572 -15.34 -49.11 -29.90
N UNK B 573 -15.68 -48.79 -28.66
CA UNK B 573 -15.85 -49.83 -27.64
C UNK B 573 -16.81 -50.93 -28.11
N UNK B 574 -17.72 -50.59 -29.04
CA UNK B 574 -18.66 -51.55 -29.62
C UNK B 574 -18.05 -52.42 -30.73
N UNK B 575 -17.18 -51.85 -31.57
CA UNK B 575 -16.61 -52.58 -32.71
C UNK B 575 -15.30 -51.96 -33.21
N UNK B 576 -15.04 -52.05 -34.52
CA UNK B 576 -13.85 -51.46 -35.12
C UNK B 576 -14.21 -50.83 -36.47
N UNK B 577 -14.62 -49.57 -36.43
CA UNK B 577 -15.07 -48.85 -37.63
C UNK B 577 -13.90 -48.23 -38.40
N UNK B 578 -13.93 -48.34 -39.72
CA UNK B 578 -12.90 -47.78 -40.59
C UNK B 578 -13.46 -46.61 -41.40
N UNK B 579 -12.92 -45.42 -41.17
CA UNK B 579 -13.35 -44.20 -41.84
C UNK B 579 -12.40 -43.84 -42.99
N UNK B 580 -12.96 -43.30 -44.06
CA UNK B 580 -12.18 -42.87 -45.23
C UNK B 580 -12.61 -41.48 -45.70
N UNK B 581 -12.01 -40.43 -45.12
CA UNK B 581 -12.26 -39.04 -45.53
C UNK B 581 -11.54 -38.78 -46.85
N UNK B 582 -12.26 -38.22 -47.82
CA UNK B 582 -11.68 -37.91 -49.14
C UNK B 582 -12.14 -36.54 -49.65
N UNK B 583 -11.19 -35.61 -49.78
CA UNK B 583 -11.45 -34.31 -50.41
C UNK B 583 -11.24 -34.48 -51.92
N UNK B 584 -12.14 -33.91 -52.73
CA UNK B 584 -12.28 -34.29 -54.14
C UNK B 584 -12.57 -33.11 -55.07
N UNK B 585 -11.67 -32.85 -56.01
CA UNK B 585 -11.93 -31.92 -57.13
C UNK B 585 -10.83 -32.02 -58.20
N UNK B 586 -20.76 -42.01 -35.89
CA UNK B 586 -20.92 -43.22 -35.09
C UNK B 586 -22.24 -43.24 -34.31
N UNK B 587 -22.96 -42.12 -34.28
CA UNK B 587 -24.28 -42.06 -33.65
C UNK B 587 -25.39 -42.58 -34.57
N UNK B 588 -25.32 -42.21 -35.85
CA UNK B 588 -26.26 -42.66 -36.86
C UNK B 588 -25.82 -44.01 -37.47
N UNK B 589 -25.18 -43.95 -38.63
CA UNK B 589 -24.68 -45.16 -39.28
C UNK B 589 -23.71 -44.82 -40.42
N UNK B 590 -23.05 -45.85 -40.93
CA UNK B 590 -22.03 -45.72 -41.98
C UNK B 590 -22.65 -45.30 -43.32
N UNK B 591 -22.79 -43.99 -43.49
CA UNK B 591 -23.40 -43.41 -44.68
C UNK B 591 -22.34 -42.75 -45.58
N UNK B 592 -22.82 -42.10 -46.64
CA UNK B 592 -22.00 -41.25 -47.48
C UNK B 592 -22.13 -39.81 -46.98
N UNK B 593 -21.62 -39.55 -45.77
CA UNK B 593 -21.59 -38.20 -45.25
C UNK B 593 -20.73 -37.37 -46.20
N UNK B 594 -21.26 -36.21 -46.60
CA UNK B 594 -20.52 -35.29 -47.43
C UNK B 594 -20.64 -33.87 -46.87
N UNK B 595 -19.51 -33.16 -46.82
CA UNK B 595 -19.49 -31.75 -46.46
C UNK B 595 -19.10 -30.98 -47.73
N UNK B 596 -19.95 -30.04 -48.15
CA UNK B 596 -19.69 -29.20 -49.31
C UNK B 596 -19.90 -27.73 -48.95
N UNK B 597 -18.87 -26.90 -49.16
CA UNK B 597 -18.95 -25.47 -48.89
C UNK B 597 -18.29 -24.69 -50.02
N UNK B 598 -19.07 -24.34 -51.02
CA UNK B 598 -18.57 -23.60 -52.18
C UNK B 598 -18.16 -22.19 -51.79
N UNK B 599 -16.90 -9.20 -42.12
CA UNK B 599 -17.19 -9.84 -43.39
C UNK B 599 -16.59 -11.24 -43.43
N UNK B 600 -16.83 -30.52 -51.26
CA UNK B 600 -15.66 -31.21 -51.79
C UNK B 600 -15.03 -32.11 -50.74
N UNK B 601 -15.87 -32.76 -49.94
CA UNK B 601 -15.42 -33.75 -48.96
C UNK B 601 -16.45 -34.90 -48.94
N UNK B 602 -15.95 -36.13 -49.03
CA UNK B 602 -16.80 -37.32 -48.99
C UNK B 602 -16.21 -38.37 -48.05
N UNK B 603 -16.93 -38.68 -46.98
CA UNK B 603 -16.48 -39.64 -45.98
C UNK B 603 -17.22 -40.97 -46.12
N UNK B 604 -16.52 -42.07 -45.81
CA UNK B 604 -17.07 -43.41 -45.89
C UNK B 604 -16.46 -44.32 -44.83
N UNK B 605 -2.96 -46.50 -40.46
CA UNK B 605 -3.36 -45.17 -40.92
C UNK B 605 -2.59 -44.82 -42.20
N UNK B 606 -3.30 -44.26 -43.17
CA UNK B 606 -2.71 -43.84 -44.44
C UNK B 606 -3.36 -42.54 -44.90
N UNK B 607 -2.55 -41.50 -45.08
CA UNK B 607 -2.96 -40.30 -45.80
C UNK B 607 -2.37 -40.44 -47.21
N UNK B 608 -3.24 -40.53 -48.22
CA UNK B 608 -2.83 -40.88 -49.59
C UNK B 608 -3.33 -39.87 -50.63
N UNK B 609 -2.40 -39.14 -51.25
CA UNK B 609 -2.73 -38.02 -52.16
C UNK B 609 -2.46 -38.33 -53.64
N UNK B 610 -3.50 -38.67 -54.39
CA UNK B 610 -3.39 -38.93 -55.83
C UNK B 610 -3.74 -37.69 -56.64
N UNK B 611 -2.73 -36.96 -57.11
CA UNK B 611 -2.95 -35.74 -57.88
C UNK B 611 -1.67 -35.25 -58.56
N UNK B 612 -58.95 -1.84 21.76
CA UNK B 612 -59.39 -2.06 23.12
C UNK B 612 -60.65 -2.94 23.15
N UNK B 613 -61.79 -2.38 22.74
CA UNK B 613 -63.04 -3.15 22.65
C UNK B 613 -63.13 -3.87 21.31
N UNK B 614 -63.12 -3.10 20.22
CA UNK B 614 -63.17 -3.66 18.86
C UNK B 614 -61.93 -4.50 18.56
N UNK B 615 -60.79 -4.14 19.17
CA UNK B 615 -59.56 -4.93 19.07
C UNK B 615 -59.73 -6.26 19.77
N UNK B 616 -60.32 -6.23 20.97
CA UNK B 616 -60.63 -7.45 21.72
C UNK B 616 -61.69 -8.29 21.00
N UNK B 617 -62.69 -7.63 20.43
CA UNK B 617 -63.73 -8.31 19.65
C UNK B 617 -63.16 -8.89 18.35
N UNK B 618 -62.20 -8.18 17.75
CA UNK B 618 -61.50 -8.67 16.55
C UNK B 618 -60.61 -9.87 16.88
N UNK B 619 -60.09 -9.91 18.10
CA UNK B 619 -59.25 -11.03 18.56
C UNK B 619 -60.08 -12.31 18.72
N UNK B 620 -50.61 -9.87 28.88
CA UNK B 620 -49.33 -10.19 28.24
C UNK B 620 -49.17 -9.40 26.94
N UNK B 621 -50.13 -9.56 26.03
CA UNK B 621 -50.10 -8.88 24.73
C UNK B 621 -50.32 -7.37 24.86
N UNK B 622 -51.09 -6.97 25.88
CA UNK B 622 -51.27 -5.55 26.20
C UNK B 622 -49.93 -4.89 26.57
N UNK B 623 -49.13 -5.61 27.35
CA UNK B 623 -47.80 -5.13 27.75
C UNK B 623 -46.83 -5.08 26.56
N UNK B 624 -46.84 -6.13 25.73
CA UNK B 624 -46.00 -6.18 24.52
C UNK B 624 -46.28 -5.03 23.56
N UNK B 625 -47.53 -4.57 23.52
CA UNK B 625 -47.93 -3.41 22.71
C UNK B 625 -47.33 -2.11 23.25
N UNK B 626 -47.29 -1.97 24.58
CA UNK B 626 -46.65 -0.83 25.22
C UNK B 626 -45.13 -0.81 24.96
N UNK B 627 -44.55 -1.99 24.78
CA UNK B 627 -43.11 -2.14 24.50
C UNK B 627 -42.70 -1.34 23.25
N UNK B 628 -43.44 -1.52 22.16
CA UNK B 628 -43.19 -0.77 20.94
C UNK B 628 -43.35 0.72 21.20
N UNK B 629 -44.48 1.11 21.78
CA UNK B 629 -44.77 2.52 22.06
C UNK B 629 -43.56 3.26 22.64
N UNK B 630 -42.96 2.70 23.69
CA UNK B 630 -41.81 3.32 24.35
C UNK B 630 -40.53 3.11 23.55
N UNK B 631 -38.80 -7.36 15.84
CA UNK B 631 -39.13 -8.30 16.90
C UNK B 631 -40.61 -8.24 17.31
N UNK B 632 -41.36 -7.31 16.72
CA UNK B 632 -42.74 -7.06 17.12
C UNK B 632 -43.65 -8.23 16.76
N UNK B 633 -43.63 -8.62 15.48
CA UNK B 633 -44.44 -9.74 14.99
C UNK B 633 -44.08 -11.04 15.71
N UNK B 634 -42.81 -11.19 16.05
CA UNK B 634 -42.31 -12.38 16.75
C UNK B 634 -42.82 -12.44 18.19
N UNK B 635 -42.68 -11.33 18.92
CA UNK B 635 -43.16 -11.24 20.31
C UNK B 635 -44.68 -11.28 20.38
N UNK B 636 -45.34 -10.87 19.30
CA UNK B 636 -46.78 -11.05 19.16
C UNK B 636 -47.11 -12.51 18.91
N UNK B 637 -46.32 -13.16 18.04
CA UNK B 637 -46.52 -14.56 17.68
C UNK B 637 -46.22 -15.50 18.84
N UNK B 638 -47.04 -18.07 13.36
CA UNK B 638 -45.95 -17.12 13.28
C UNK B 638 -46.40 -15.83 12.57
N UNK B 639 -46.81 -15.95 11.31
CA UNK B 639 -47.17 -14.80 10.48
C UNK B 639 -48.62 -14.32 10.63
N UNK B 640 -49.41 -14.97 11.50
CA UNK B 640 -50.77 -14.52 11.88
C UNK B 640 -50.71 -13.12 12.51
N UNK B 641 -49.53 -12.73 12.96
CA UNK B 641 -49.27 -11.37 13.44
C UNK B 641 -49.44 -10.31 12.34
N UNK B 642 -49.16 -10.69 11.09
CA UNK B 642 -49.29 -9.77 9.96
C UNK B 642 -50.71 -9.22 9.85
N UNK B 643 -51.69 -10.11 9.77
CA UNK B 643 -53.11 -9.72 9.74
C UNK B 643 -53.54 -9.18 11.10
N UNK B 644 -52.96 -9.72 12.17
CA UNK B 644 -53.29 -9.29 13.53
C UNK B 644 -52.80 -7.87 13.83
N UNK B 645 -51.71 -7.45 13.20
CA UNK B 645 -51.18 -6.10 13.37
C UNK B 645 -51.85 -5.13 12.39
N UNK B 646 -51.66 -5.39 11.10
CA UNK B 646 -52.17 -4.52 10.04
C UNK B 646 -53.70 -4.40 10.06
N UNK B 647 -54.38 -5.51 10.35
CA UNK B 647 -55.85 -5.56 10.31
C UNK B 647 -56.50 -5.32 11.67
N UNK B 648 -55.93 -5.88 12.74
CA UNK B 648 -56.49 -5.72 14.08
C UNK B 648 -55.85 -4.56 14.82
N ARG C 23 -10.70 37.02 23.02
CA ARG C 23 -11.41 35.87 22.40
C ARG C 23 -12.90 35.86 22.70
N GLU C 24 -13.26 36.19 23.95
CA GLU C 24 -14.65 36.40 24.33
C GLU C 24 -15.19 37.69 23.69
N GLU C 25 -14.29 38.60 23.33
CA GLU C 25 -14.62 39.81 22.59
C GLU C 25 -15.09 39.49 21.20
N ILE C 26 -14.39 38.58 20.52
CA ILE C 26 -14.70 38.22 19.14
C ILE C 26 -16.11 37.65 19.01
N ILE C 27 -16.51 36.84 20.00
CA ILE C 27 -17.83 36.21 19.98
C ILE C 27 -18.91 37.26 20.15
N GLU C 28 -18.77 38.08 21.19
CA GLU C 28 -19.75 39.12 21.50
C GLU C 28 -19.80 40.21 20.43
N MET C 29 -18.65 40.54 19.86
CA MET C 29 -18.60 41.49 18.74
C MET C 29 -19.33 40.92 17.52
N ALA C 30 -19.18 39.62 17.30
CA ALA C 30 -19.86 38.93 16.21
C ALA C 30 -21.37 38.83 16.45
N ASN C 31 -21.77 38.75 17.72
CA ASN C 31 -23.18 38.74 18.08
C ASN C 31 -23.83 40.10 17.82
N LYS C 32 -23.10 41.18 18.07
CA LYS C 32 -23.58 42.53 17.78
C LYS C 32 -23.71 42.74 16.27
N ASP C 33 -22.57 42.75 15.59
CA ASP C 33 -22.52 42.82 14.13
C ASP C 33 -21.50 41.78 13.65
N PHE C 34 -21.99 40.80 12.90
CA PHE C 34 -21.14 39.71 12.43
C PHE C 34 -20.08 40.20 11.46
N GLU C 35 -20.51 40.79 10.36
CA GLU C 35 -19.59 41.12 9.27
C GLU C 35 -18.46 42.08 9.68
N LYS C 36 -18.69 42.95 10.65
CA LYS C 36 -17.60 43.78 11.14
C LYS C 36 -16.66 42.91 11.98
N ALA C 37 -17.22 42.03 12.79
CA ALA C 37 -16.43 41.04 13.54
C ALA C 37 -15.60 40.17 12.59
N TRP C 38 -16.20 39.80 11.46
CA TRP C 38 -15.55 38.96 10.45
C TRP C 38 -14.45 39.69 9.67
N ILE C 39 -14.70 40.95 9.33
CA ILE C 39 -13.75 41.77 8.56
C ILE C 39 -12.61 42.29 9.42
N GLU C 40 -12.93 42.78 10.61
CA GLU C 40 -11.92 43.33 11.52
C GLU C 40 -11.03 42.25 12.14
N THR C 41 -11.54 41.03 12.18
CA THR C 41 -10.76 39.88 12.65
C THR C 41 -9.58 39.49 11.72
N LYS C 42 -9.74 39.76 10.43
CA LYS C 42 -8.71 39.48 9.42
C LYS C 42 -7.28 39.46 9.98
N ASP C 43 -6.87 40.57 10.57
CA ASP C 43 -5.45 40.80 10.89
C ASP C 43 -4.94 40.08 12.15
N LEU C 44 -5.81 39.38 12.86
CA LEU C 44 -5.38 38.48 13.92
C LEU C 44 -4.39 37.44 13.37
N ILE C 45 -4.77 36.80 12.27
CA ILE C 45 -3.91 35.79 11.62
C ILE C 45 -2.73 36.52 10.97
N LYS C 46 -1.61 36.51 11.66
CA LYS C 46 -0.40 37.16 11.17
C LYS C 46 0.23 36.33 10.04
N ALA C 47 0.45 36.97 8.89
CA ALA C 47 1.17 36.33 7.79
C ALA C 47 2.64 36.18 8.16
N LYS C 48 3.29 35.16 7.58
CA LYS C 48 4.64 34.79 7.96
C LYS C 48 5.67 35.80 7.48
N LYS C 49 6.88 35.66 7.99
CA LYS C 49 7.97 36.49 7.55
C LYS C 49 8.24 36.18 6.08
N ILE C 50 8.54 37.24 5.33
CA ILE C 50 8.65 37.17 3.88
C ILE C 50 9.63 36.10 3.40
N ASN C 51 10.56 35.70 4.27
CA ASN C 51 11.50 34.61 3.97
C ASN C 51 10.91 33.21 4.21
N GLU C 52 9.73 33.15 4.82
CA GLU C 52 8.93 31.92 4.84
C GLU C 52 7.57 32.09 4.17
N SER C 53 7.29 33.28 3.62
CA SER C 53 6.16 33.48 2.70
C SER C 53 6.30 32.47 1.59
N TYR C 54 5.28 32.32 0.73
CA TYR C 54 5.16 31.11 -0.08
C TYR C 54 6.46 30.69 -0.78
N PRO C 55 6.70 31.05 -2.04
CA PRO C 55 7.65 30.23 -2.80
C PRO C 55 8.85 29.70 -1.99
N ARG C 56 9.39 30.50 -1.07
CA ARG C 56 10.49 30.08 -0.19
C ARG C 56 10.20 28.94 0.78
N ILE C 57 8.92 28.63 0.99
CA ILE C 57 8.49 27.40 1.62
C ILE C 57 8.87 26.23 0.70
N LYS C 58 9.41 25.17 1.27
CA LYS C 58 9.67 23.95 0.50
C LYS C 58 8.91 22.76 1.11
N PRO C 59 7.89 22.22 0.40
CA PRO C 59 7.14 21.10 0.97
C PRO C 59 8.04 19.91 1.21
N VAL C 60 7.65 19.07 2.15
CA VAL C 60 8.38 17.84 2.43
C VAL C 60 7.39 16.71 2.58
N PHE C 61 7.50 15.74 1.68
CA PHE C 61 6.75 14.51 1.75
C PHE C 61 7.64 13.37 1.33
N GLY C 62 7.31 12.16 1.74
CA GLY C 62 8.06 10.98 1.34
C GLY C 62 7.93 10.73 -0.15
N LYS C 63 9.05 10.39 -0.77
CA LYS C 63 9.07 10.14 -2.21
C LYS C 63 9.52 8.70 -2.41
N THR C 64 9.22 8.16 -3.57
CA THR C 64 9.30 6.73 -3.78
C THR C 64 10.01 6.43 -5.07
N HIS C 65 10.72 5.30 -5.14
CA HIS C 65 11.55 4.99 -6.31
C HIS C 65 10.81 4.18 -7.37
N PRO C 66 11.00 4.51 -8.66
CA PRO C 66 10.22 3.83 -9.70
C PRO C 66 10.40 2.32 -9.71
N VAL C 67 11.63 1.84 -9.85
CA VAL C 67 11.89 0.40 -9.79
C VAL C 67 11.17 -0.27 -8.60
N ASN C 68 11.21 0.38 -7.44
CA ASN C 68 10.58 -0.16 -6.25
C ASN C 68 9.05 -0.15 -6.34
N ASP C 69 8.50 0.90 -6.95
CA ASP C 69 7.06 0.96 -7.16
C ASP C 69 6.58 -0.13 -8.12
N THR C 70 7.33 -0.33 -9.21
CA THR C 70 7.06 -1.43 -10.14
C THR C 70 7.08 -2.79 -9.44
N ILE C 71 8.10 -3.03 -8.62
CA ILE C 71 8.19 -4.29 -7.89
C ILE C 71 6.94 -4.49 -7.04
N GLU C 72 6.38 -3.42 -6.49
CA GLU C 72 5.19 -3.54 -5.67
C GLU C 72 3.96 -3.78 -6.54
N ASN C 73 3.85 -3.00 -7.62
CA ASN C 73 2.72 -3.14 -8.53
C ASN C 73 2.66 -4.51 -9.18
N LEU C 74 3.83 -5.09 -9.45
CA LEU C 74 3.91 -6.44 -9.97
C LEU C 74 3.42 -7.45 -8.92
N ARG C 75 3.99 -7.39 -7.72
CA ARG C 75 3.54 -8.32 -6.69
C ARG C 75 2.05 -8.14 -6.36
N GLN C 76 1.47 -7.01 -6.71
CA GLN C 76 0.03 -6.84 -6.55
C GLN C 76 -0.71 -7.46 -7.71
N ALA C 77 -0.19 -7.30 -8.92
CA ALA C 77 -0.80 -7.90 -10.10
C ALA C 77 -0.86 -9.40 -9.93
N TYR C 78 0.25 -10.01 -9.50
CA TYR C 78 0.27 -11.45 -9.22
C TYR C 78 -0.71 -11.81 -8.11
N LEU C 79 -0.73 -11.04 -7.03
CA LEU C 79 -1.59 -11.37 -5.90
C LEU C 79 -3.08 -11.43 -6.29
N ARG C 80 -3.47 -10.58 -7.23
CA ARG C 80 -4.85 -10.53 -7.71
C ARG C 80 -5.17 -11.65 -8.68
N MET C 81 -4.16 -12.27 -9.29
CA MET C 81 -4.34 -13.46 -10.10
C MET C 81 -4.27 -14.72 -9.21
N GLY C 82 -4.26 -14.52 -7.90
CA GLY C 82 -4.29 -15.63 -6.96
C GLY C 82 -2.98 -16.37 -6.75
N PHE C 83 -1.87 -15.79 -7.19
CA PHE C 83 -0.55 -16.44 -7.07
C PHE C 83 -0.07 -16.40 -5.63
N GLU C 84 0.88 -17.27 -5.31
CA GLU C 84 1.46 -17.34 -3.96
C GLU C 84 2.94 -16.96 -4.00
N GLU C 85 3.40 -16.22 -2.99
CA GLU C 85 4.69 -15.54 -3.07
C GLU C 85 5.83 -16.39 -2.54
N TYR C 86 6.98 -16.30 -3.20
CA TYR C 86 8.14 -17.09 -2.82
C TYR C 86 9.47 -16.33 -2.93
N ILE C 87 10.42 -16.70 -2.07
CA ILE C 87 11.83 -16.31 -2.24
C ILE C 87 12.60 -17.58 -2.62
N ASN C 88 13.19 -17.58 -3.81
CA ASN C 88 14.00 -18.70 -4.28
C ASN C 88 15.48 -18.37 -4.08
N PRO C 89 16.33 -19.40 -3.98
CA PRO C 89 17.77 -19.17 -3.90
C PRO C 89 18.29 -18.14 -4.91
N VAL C 90 19.17 -17.26 -4.41
CA VAL C 90 19.91 -16.32 -5.24
C VAL C 90 21.31 -16.85 -5.53
N ILE C 91 21.85 -17.68 -4.62
CA ILE C 91 23.12 -18.35 -4.85
C ILE C 91 22.82 -19.77 -5.35
N VAL C 92 23.07 -20.00 -6.63
CA VAL C 92 22.81 -21.29 -7.27
C VAL C 92 24.14 -21.98 -7.57
N ASP C 93 24.27 -23.22 -7.11
CA ASP C 93 25.51 -24.00 -7.24
C ASP C 93 25.75 -24.37 -8.71
N GLU C 94 27.02 -24.40 -9.11
CA GLU C 94 27.39 -24.73 -10.49
C GLU C 94 26.67 -25.99 -10.98
N ARG C 95 26.69 -27.03 -10.16
CA ARG C 95 25.96 -28.30 -10.39
C ARG C 95 24.61 -28.09 -11.06
N ASP C 96 23.75 -27.33 -10.37
CA ASP C 96 22.37 -27.17 -10.78
C ASP C 96 22.24 -26.48 -12.13
N ILE C 97 23.12 -25.51 -12.39
CA ILE C 97 23.12 -24.82 -13.69
C ILE C 97 23.44 -25.80 -14.82
N TYR C 98 24.34 -26.74 -14.55
CA TYR C 98 24.64 -27.79 -15.53
C TYR C 98 23.42 -28.66 -15.79
N LYS C 99 22.79 -29.16 -14.73
CA LYS C 99 21.66 -30.08 -14.88
C LYS C 99 20.42 -29.37 -15.45
N GLN C 100 20.34 -28.05 -15.23
CA GLN C 100 19.23 -27.25 -15.75
C GLN C 100 19.38 -26.99 -17.24
N PHE C 101 20.50 -26.37 -17.61
CA PHE C 101 20.68 -25.87 -18.98
C PHE C 101 21.38 -26.85 -19.92
N GLY C 102 21.83 -27.98 -19.39
CA GLY C 102 22.44 -29.03 -20.20
C GLY C 102 23.59 -28.49 -21.05
N PRO C 103 23.46 -28.58 -22.39
CA PRO C 103 24.50 -28.02 -23.27
C PRO C 103 24.68 -26.51 -23.14
N GLU C 104 23.60 -25.81 -22.82
CA GLU C 104 23.64 -24.36 -22.70
C GLU C 104 24.32 -23.89 -21.41
N ALA C 105 24.63 -24.83 -20.51
CA ALA C 105 25.36 -24.52 -19.29
C ALA C 105 26.63 -23.73 -19.54
N MET C 106 27.33 -24.02 -20.64
CA MET C 106 28.54 -23.27 -20.97
C MET C 106 28.21 -21.81 -21.28
N ALA C 107 27.17 -21.59 -22.08
CA ALA C 107 26.76 -20.24 -22.44
C ALA C 107 26.35 -19.45 -21.20
N VAL C 108 25.61 -20.10 -20.30
CA VAL C 108 25.13 -19.45 -19.08
C VAL C 108 26.28 -19.17 -18.11
N LEU C 109 27.10 -20.18 -17.83
CA LEU C 109 28.17 -20.03 -16.84
C LEU C 109 29.21 -18.98 -17.26
N ASP C 110 29.37 -18.79 -18.56
CA ASP C 110 30.26 -17.74 -19.07
C ASP C 110 29.78 -16.36 -18.62
N ARG C 111 28.45 -16.16 -18.60
CA ARG C 111 27.87 -14.87 -18.21
C ARG C 111 27.34 -14.88 -16.78
N CYS C 112 28.14 -15.46 -15.87
CA CYS C 112 27.78 -15.56 -14.46
C CYS C 112 28.74 -14.78 -13.60
N PHE C 113 28.33 -14.60 -12.36
CA PHE C 113 29.26 -14.19 -11.33
C PHE C 113 29.49 -15.41 -10.46
N TYR C 114 30.75 -15.82 -10.36
CA TYR C 114 31.12 -16.84 -9.40
C TYR C 114 31.47 -16.16 -8.10
N LEU C 115 31.04 -16.72 -6.98
CA LEU C 115 31.33 -16.16 -5.68
C LEU C 115 32.73 -16.57 -5.22
N ALA C 116 33.62 -15.59 -5.04
CA ALA C 116 34.96 -15.86 -4.54
C ALA C 116 35.10 -15.32 -3.13
N GLY C 117 36.16 -15.72 -2.44
CA GLY C 117 36.41 -15.29 -1.08
C GLY C 117 37.88 -15.36 -0.73
N LEU C 118 38.32 -14.48 0.18
CA LEU C 118 39.72 -14.43 0.59
C LEU C 118 40.09 -15.59 1.51
N PRO C 119 41.23 -16.24 1.26
CA PRO C 119 41.66 -17.31 2.14
C PRO C 119 42.23 -16.76 3.44
N ARG C 120 42.32 -17.62 4.45
CA ARG C 120 42.90 -17.25 5.73
C ARG C 120 43.67 -18.42 6.33
N PHE C 190 49.44 -11.32 6.61
CA PHE C 190 50.26 -10.29 5.97
C PHE C 190 49.50 -9.45 4.92
N LYS C 191 48.18 -9.62 4.84
CA LYS C 191 47.33 -8.88 3.89
C LYS C 191 47.74 -9.09 2.42
N ASP C 192 47.08 -8.35 1.51
CA ASP C 192 47.34 -8.43 0.06
C ASP C 192 47.11 -9.84 -0.47
N LEU C 193 45.89 -10.33 -0.25
CA LEU C 193 45.51 -11.68 -0.62
C LEU C 193 44.63 -11.65 -1.86
N THR C 194 44.71 -12.70 -2.67
CA THR C 194 43.84 -12.90 -3.82
C THR C 194 42.62 -13.70 -3.39
N ALA C 195 41.44 -13.31 -3.87
CA ALA C 195 40.23 -14.09 -3.61
C ALA C 195 40.24 -15.35 -4.47
N VAL C 196 39.73 -16.45 -3.91
CA VAL C 196 39.65 -17.73 -4.60
C VAL C 196 38.20 -18.04 -4.95
N SER C 197 37.94 -18.42 -6.19
CA SER C 197 36.57 -18.73 -6.64
C SER C 197 36.07 -20.01 -6.00
N SER C 198 34.77 -20.29 -6.14
CA SER C 198 34.14 -21.32 -5.32
C SER C 198 33.03 -22.16 -5.96
N LYS C 199 32.99 -22.23 -7.28
CA LYS C 199 31.99 -23.08 -7.97
C LYS C 199 30.55 -22.81 -7.47
N LEU C 200 30.32 -21.58 -7.02
CA LEU C 200 29.05 -21.16 -6.42
C LEU C 200 28.61 -19.88 -7.13
N THR C 201 27.53 -19.98 -7.91
CA THR C 201 27.15 -18.93 -8.84
C THR C 201 26.08 -18.00 -8.29
N LEU C 202 26.07 -16.77 -8.78
CA LEU C 202 24.96 -15.83 -8.53
C LEU C 202 23.89 -15.97 -9.59
N ARG C 203 22.66 -16.22 -9.16
CA ARG C 203 21.53 -16.43 -10.06
C ARG C 203 21.38 -15.30 -11.06
N SER C 204 21.48 -15.64 -12.34
CA SER C 204 21.18 -14.68 -13.41
C SER C 204 19.78 -14.90 -13.94
N HIS C 205 19.33 -16.15 -13.95
CA HIS C 205 17.98 -16.51 -14.39
C HIS C 205 17.07 -16.85 -13.21
N MET C 206 15.93 -16.17 -13.11
CA MET C 206 14.94 -16.51 -12.07
C MET C 206 14.53 -17.99 -12.15
N THR C 207 14.46 -18.49 -13.38
CA THR C 207 14.06 -19.87 -13.65
C THR C 207 14.95 -20.88 -12.91
N SER C 208 16.24 -20.62 -12.83
CA SER C 208 17.15 -21.55 -12.14
C SER C 208 16.82 -21.71 -10.66
N GLY C 209 16.10 -20.74 -10.09
CA GLY C 209 15.60 -20.87 -8.72
C GLY C 209 14.31 -21.68 -8.61
N TRP C 210 13.47 -21.61 -9.66
CA TRP C 210 12.20 -22.33 -9.68
C TRP C 210 12.41 -23.83 -9.65
N PHE C 211 13.30 -24.32 -10.50
CA PHE C 211 13.63 -25.74 -10.52
C PHE C 211 13.87 -26.23 -9.11
N LEU C 212 14.66 -25.47 -8.36
CA LEU C 212 15.00 -25.83 -6.99
C LEU C 212 13.78 -25.79 -6.07
N THR C 213 13.01 -24.70 -6.10
CA THR C 213 11.83 -24.56 -5.25
C THR C 213 10.74 -25.58 -5.56
N VAL C 214 10.37 -25.66 -6.85
CA VAL C 214 9.31 -26.59 -7.28
C VAL C 214 9.71 -28.03 -6.98
N SER C 215 10.95 -28.40 -7.29
CA SER C 215 11.41 -29.76 -7.03
C SER C 215 11.08 -30.16 -5.60
N ASP C 216 11.46 -29.31 -4.65
CA ASP C 216 11.28 -29.61 -3.22
C ASP C 216 9.83 -29.52 -2.78
N LEU C 217 8.98 -28.87 -3.56
CA LEU C 217 7.54 -28.78 -3.26
C LEU C 217 6.78 -30.03 -3.66
N MET C 218 7.28 -30.76 -4.66
CA MET C 218 6.55 -31.91 -5.19
C MET C 218 6.39 -32.95 -4.09
N ASN C 219 5.19 -33.48 -3.99
CA ASN C 219 4.85 -34.48 -2.95
C ASN C 219 4.85 -33.93 -1.50
N LYS C 220 4.82 -32.60 -1.39
CA LYS C 220 4.59 -31.91 -0.12
C LYS C 220 3.34 -31.06 -0.31
N LYS C 221 3.48 -30.05 -1.17
CA LYS C 221 2.43 -29.08 -1.43
C LYS C 221 1.51 -29.68 -2.50
N PRO C 222 0.21 -29.71 -2.24
CA PRO C 222 -0.70 -30.25 -3.24
C PRO C 222 -0.77 -29.39 -4.49
N LEU C 223 -0.80 -30.03 -5.66
CA LEU C 223 -0.88 -29.33 -6.94
C LEU C 223 -2.32 -28.89 -7.18
N PRO C 224 -2.53 -27.96 -8.13
CA PRO C 224 -1.51 -27.22 -8.85
C PRO C 224 -1.07 -26.08 -7.98
N PHE C 225 0.02 -25.44 -8.35
CA PHE C 225 0.37 -24.22 -7.65
C PHE C 225 0.81 -23.12 -8.59
N LYS C 226 0.27 -21.93 -8.33
CA LYS C 226 0.68 -20.71 -9.00
C LYS C 226 1.63 -20.00 -8.04
N LEU C 227 2.88 -19.83 -8.46
CA LEU C 227 3.93 -19.26 -7.60
C LEU C 227 4.52 -18.08 -8.30
N PHE C 228 4.80 -17.01 -7.56
CA PHE C 228 5.45 -15.83 -8.13
C PHE C 228 6.58 -15.33 -7.24
N SER C 229 7.47 -14.55 -7.83
CA SER C 229 8.58 -13.95 -7.13
C SER C 229 9.23 -12.86 -7.98
N ILE C 230 9.13 -11.61 -7.53
CA ILE C 230 9.89 -10.52 -8.12
C ILE C 230 11.10 -10.28 -7.25
N ASP C 231 12.29 -10.34 -7.83
CA ASP C 231 13.52 -10.42 -7.04
C ASP C 231 14.76 -10.07 -7.86
N ARG C 232 15.90 -9.99 -7.18
CA ARG C 232 17.14 -9.49 -7.75
C ARG C 232 17.92 -10.61 -8.46
N CYS C 233 18.66 -10.22 -9.48
CA CYS C 233 19.44 -11.16 -10.30
C CYS C 233 20.71 -10.48 -10.78
N PHE C 234 21.69 -11.28 -11.16
CA PHE C 234 23.02 -10.77 -11.46
C PHE C 234 23.57 -11.43 -12.71
N ARG C 235 24.01 -10.62 -13.65
CA ARG C 235 24.57 -11.13 -14.89
C ARG C 235 25.82 -10.34 -15.26
N ARG C 236 26.89 -11.06 -15.52
CA ARG C 236 28.16 -10.45 -15.84
C ARG C 236 27.99 -9.65 -17.13
N GLU C 237 28.39 -8.38 -17.10
CA GLU C 237 28.27 -7.50 -18.28
C GLU C 237 29.56 -6.73 -18.49
N GLN C 238 30.12 -6.84 -19.69
CA GLN C 238 31.36 -6.13 -20.05
C GLN C 238 31.29 -4.63 -19.83
N LYS C 239 30.08 -4.11 -19.91
CA LYS C 239 29.85 -2.68 -19.78
C LYS C 239 28.39 -2.36 -19.58
N GLU C 240 28.11 -1.62 -18.50
CA GLU C 240 26.78 -1.12 -18.29
C GLU C 240 26.58 0.04 -19.25
N ASP C 241 25.33 0.35 -19.56
CA ASP C 241 25.00 1.46 -20.45
C ASP C 241 23.57 1.94 -20.16
N LYS C 242 22.90 2.49 -21.17
CA LYS C 242 21.49 2.85 -21.07
C LYS C 242 20.57 1.62 -20.95
N SER C 243 21.01 0.50 -21.52
CA SER C 243 20.17 -0.68 -21.67
C SER C 243 20.72 -1.96 -21.02
N HIS C 244 21.77 -1.85 -20.21
CA HIS C 244 22.37 -3.03 -19.57
C HIS C 244 22.91 -2.75 -18.17
N LEU C 245 22.51 -3.58 -17.20
CA LEU C 245 23.03 -3.47 -15.85
C LEU C 245 23.52 -4.82 -15.35
N MET C 246 24.47 -4.80 -14.43
CA MET C 246 25.02 -6.02 -13.84
C MET C 246 24.06 -6.63 -12.79
N THR C 247 23.40 -5.79 -12.02
CA THR C 247 22.32 -6.25 -11.17
C THR C 247 21.02 -5.78 -11.81
N TYR C 248 19.92 -6.43 -11.46
CA TYR C 248 18.59 -6.05 -11.94
C TYR C 248 17.56 -6.88 -11.20
N HIS C 249 16.29 -6.58 -11.45
CA HIS C 249 15.19 -7.30 -10.82
C HIS C 249 14.33 -7.92 -11.91
N SER C 250 13.85 -9.12 -11.60
CA SER C 250 13.07 -9.89 -12.55
C SER C 250 11.78 -10.34 -11.87
N ALA C 251 10.65 -10.06 -12.52
CA ALA C 251 9.35 -10.55 -12.08
C ALA C 251 9.19 -11.92 -12.71
N SER C 252 8.79 -12.91 -11.91
CA SER C 252 8.76 -14.29 -12.39
C SER C 252 7.71 -15.10 -11.72
N CYS C 253 7.11 -16.03 -12.45
CA CYS C 253 6.14 -16.96 -11.89
C CYS C 253 6.26 -18.35 -12.49
N ALA C 254 5.77 -19.33 -11.74
CA ALA C 254 5.77 -20.72 -12.17
C ALA C 254 4.42 -21.34 -11.85
N ILE C 255 3.82 -22.00 -12.84
CA ILE C 255 2.60 -22.77 -12.65
C ILE C 255 2.86 -24.23 -12.95
N ALA C 256 2.75 -25.09 -11.95
CA ALA C 256 2.91 -26.52 -12.15
C ALA C 256 1.57 -27.19 -11.95
N GLY C 257 1.20 -28.07 -12.87
CA GLY C 257 -0.04 -28.83 -12.70
C GLY C 257 -0.35 -29.71 -13.88
N GLU C 258 -1.33 -30.59 -13.68
CA GLU C 258 -1.87 -31.39 -14.77
C GLU C 258 -2.38 -30.47 -15.87
N GLY C 259 -1.98 -30.74 -17.10
CA GLY C 259 -2.53 -30.06 -18.26
C GLY C 259 -2.12 -28.60 -18.41
N VAL C 260 -1.02 -28.21 -17.78
CA VAL C 260 -0.50 -26.85 -17.92
C VAL C 260 0.25 -26.78 -19.23
N ASP C 261 0.06 -25.70 -19.98
CA ASP C 261 0.67 -25.58 -21.33
C ASP C 261 0.85 -24.13 -21.76
N ILE C 262 1.18 -23.91 -23.03
CA ILE C 262 1.35 -22.55 -23.57
C ILE C 262 0.18 -21.62 -23.26
N ASN C 263 -1.04 -22.14 -23.29
CA ASN C 263 -2.23 -21.31 -23.04
C ASN C 263 -2.18 -20.61 -21.68
N ASP C 264 -1.67 -21.32 -20.68
CA ASP C 264 -1.47 -20.73 -19.34
C ASP C 264 -0.49 -19.56 -19.37
N GLY C 265 0.56 -19.68 -20.18
CA GLY C 265 1.50 -18.59 -20.38
C GLY C 265 0.83 -17.37 -20.94
N LYS C 266 0.01 -17.56 -21.98
CA LYS C 266 -0.69 -16.46 -22.65
C LYS C 266 -1.71 -15.80 -21.73
N ALA C 267 -2.40 -16.63 -20.94
CA ALA C 267 -3.46 -16.13 -20.06
C ALA C 267 -2.89 -15.25 -18.95
N ILE C 268 -1.76 -15.66 -18.37
CA ILE C 268 -1.09 -14.88 -17.33
C ILE C 268 -0.39 -13.66 -17.91
N ALA C 269 0.31 -13.83 -19.02
CA ALA C 269 0.90 -12.70 -19.74
C ALA C 269 -0.12 -11.58 -19.90
N GLU C 270 -1.35 -11.94 -20.27
CA GLU C 270 -2.43 -10.96 -20.44
C GLU C 270 -2.87 -10.40 -19.11
N GLY C 271 -3.22 -11.29 -18.18
CA GLY C 271 -3.72 -10.86 -16.88
C GLY C 271 -2.77 -9.96 -16.12
N LEU C 272 -1.48 -10.25 -16.21
CA LEU C 272 -0.44 -9.42 -15.62
C LEU C 272 -0.31 -8.10 -16.36
N LEU C 273 0.04 -8.16 -17.64
CA LEU C 273 0.34 -6.95 -18.42
C LEU C 273 -0.87 -6.04 -18.67
N SER C 274 -2.08 -6.59 -18.63
CA SER C 274 -3.27 -5.78 -18.83
C SER C 274 -3.51 -4.92 -17.60
N GLN C 275 -3.08 -5.41 -16.44
CA GLN C 275 -3.11 -4.61 -15.21
C GLN C 275 -2.11 -3.46 -15.20
N PHE C 276 -1.33 -3.31 -16.28
CA PHE C 276 -0.42 -2.18 -16.43
C PHE C 276 -0.80 -1.38 -17.67
N GLY C 277 -2.07 -1.41 -18.01
CA GLY C 277 -2.58 -0.55 -19.07
C GLY C 277 -2.23 -0.93 -20.49
N PHE C 278 -1.68 -2.12 -20.67
CA PHE C 278 -1.49 -2.67 -22.02
C PHE C 278 -2.82 -3.24 -22.50
N THR C 279 -3.12 -2.99 -23.77
CA THR C 279 -4.45 -3.22 -24.32
C THR C 279 -4.53 -4.48 -25.17
N ASN C 280 -3.63 -4.58 -26.14
CA ASN C 280 -3.55 -5.72 -27.05
C ASN C 280 -2.28 -6.55 -26.80
N PHE C 281 -2.22 -7.75 -27.38
CA PHE C 281 -1.10 -8.68 -27.13
C PHE C 281 -0.77 -9.57 -28.33
N LYS C 282 0.52 -9.77 -28.59
CA LYS C 282 0.97 -10.73 -29.59
C LYS C 282 1.93 -11.72 -28.93
N PHE C 283 1.93 -12.96 -29.43
CA PHE C 283 2.75 -14.04 -28.85
C PHE C 283 3.64 -14.67 -29.93
N ILE C 284 4.74 -13.96 -30.23
CA ILE C 284 5.71 -14.39 -31.22
C ILE C 284 6.60 -15.52 -30.66
N PRO C 285 6.78 -16.61 -31.41
CA PRO C 285 7.70 -17.65 -30.96
C PRO C 285 9.16 -17.18 -30.99
N ASP C 286 9.90 -17.52 -29.94
CA ASP C 286 11.28 -17.08 -29.79
C ASP C 286 12.18 -17.94 -30.66
N GLU C 287 12.93 -17.28 -31.53
CA GLU C 287 13.86 -17.97 -32.44
C GLU C 287 14.96 -18.73 -31.70
N LYS C 288 15.22 -18.35 -30.45
CA LYS C 288 16.24 -19.02 -29.64
C LYS C 288 16.00 -20.52 -29.55
N LYS C 289 14.80 -20.89 -29.09
CA LYS C 289 14.44 -22.28 -28.78
C LYS C 289 15.40 -22.83 -27.72
N SER C 290 15.42 -22.13 -26.58
CA SER C 290 16.23 -22.54 -25.42
C SER C 290 15.78 -23.91 -24.93
N LYS C 291 16.75 -24.81 -24.78
CA LYS C 291 16.49 -26.25 -24.64
C LYS C 291 16.16 -26.71 -23.21
N TYR C 292 15.99 -25.76 -22.29
CA TYR C 292 15.34 -26.04 -21.01
C TYR C 292 13.83 -25.70 -21.11
N TYR C 293 13.39 -25.33 -22.31
CA TYR C 293 11.98 -25.20 -22.63
C TYR C 293 11.58 -26.22 -23.70
N THR C 294 10.42 -26.85 -23.54
CA THR C 294 9.82 -27.70 -24.58
C THR C 294 9.87 -27.01 -25.95
N PRO C 295 10.26 -27.75 -27.02
CA PRO C 295 10.47 -27.17 -28.34
C PRO C 295 9.50 -26.06 -28.79
N GLU C 296 8.25 -26.41 -29.10
CA GLU C 296 7.35 -25.45 -29.76
C GLU C 296 6.75 -24.44 -28.77
N THR C 297 7.16 -24.56 -27.51
CA THR C 297 6.88 -23.58 -26.48
C THR C 297 7.93 -22.47 -26.54
N GLN C 298 8.01 -21.65 -25.50
CA GLN C 298 8.88 -20.47 -25.44
C GLN C 298 8.42 -19.36 -26.38
N THR C 299 7.70 -18.42 -25.79
CA THR C 299 7.14 -17.31 -26.50
C THR C 299 7.75 -16.03 -25.94
N GLU C 300 7.85 -15.01 -26.80
CA GLU C 300 8.15 -13.66 -26.34
C GLU C 300 6.90 -12.79 -26.50
N VAL C 301 6.46 -12.19 -25.38
CA VAL C 301 5.21 -11.43 -25.34
C VAL C 301 5.43 -10.01 -25.82
N TYR C 302 4.60 -9.56 -26.74
CA TYR C 302 4.60 -8.17 -27.21
C TYR C 302 3.27 -7.53 -26.84
N ALA C 303 3.30 -6.60 -25.90
CA ALA C 303 2.09 -5.87 -25.50
C ALA C 303 2.03 -4.52 -26.20
N TYR C 304 0.81 -4.06 -26.47
CA TYR C 304 0.59 -2.73 -27.02
C TYR C 304 0.19 -1.76 -25.91
N HIS C 305 0.76 -0.56 -25.92
CA HIS C 305 0.36 0.46 -24.95
C HIS C 305 -0.14 1.70 -25.66
N PRO C 306 -1.38 2.14 -25.33
CA PRO C 306 -1.97 3.25 -26.07
C PRO C 306 -1.27 4.59 -25.81
N LYS C 307 -0.97 4.88 -24.54
CA LYS C 307 -0.15 6.06 -24.18
C LYS C 307 1.11 6.15 -25.05
N LEU C 308 1.89 5.07 -25.08
CA LEU C 308 3.07 5.02 -25.95
C LEU C 308 2.70 4.91 -27.43
N LYS C 309 1.53 4.35 -27.72
CA LYS C 309 1.05 4.15 -29.09
C LYS C 309 2.04 3.29 -29.86
N GLU C 310 2.35 2.11 -29.30
CA GLU C 310 3.50 1.31 -29.70
C GLU C 310 3.43 -0.11 -29.14
N TRP C 311 3.80 -1.09 -29.97
CA TRP C 311 4.00 -2.47 -29.51
C TRP C 311 5.38 -2.59 -28.88
N LEU C 312 5.48 -3.29 -27.76
CA LEU C 312 6.74 -3.45 -27.05
C LEU C 312 6.90 -4.87 -26.55
N GLU C 313 8.07 -5.46 -26.80
CA GLU C 313 8.44 -6.69 -26.12
C GLU C 313 8.48 -6.36 -24.63
N VAL C 314 7.97 -7.25 -23.80
CA VAL C 314 7.76 -6.90 -22.40
C VAL C 314 7.90 -8.08 -21.45
N ALA C 315 7.40 -9.26 -21.84
CA ALA C 315 7.62 -10.48 -21.06
C ALA C 315 7.97 -11.65 -21.96
N THR C 316 8.30 -12.77 -21.32
CA THR C 316 8.70 -13.99 -22.00
C THR C 316 8.30 -15.18 -21.16
N PHE C 317 7.63 -16.15 -21.78
CA PHE C 317 7.27 -17.40 -21.09
C PHE C 317 7.62 -18.62 -21.93
N GLY C 318 7.75 -19.75 -21.25
CA GLY C 318 7.90 -21.05 -21.90
C GLY C 318 7.41 -22.14 -20.95
N VAL C 319 7.35 -23.36 -21.45
CA VAL C 319 7.03 -24.52 -20.62
C VAL C 319 8.28 -25.36 -20.47
N TYR C 320 8.72 -25.60 -19.23
CA TYR C 320 9.98 -26.31 -19.00
C TYR C 320 9.94 -27.68 -19.66
N SER C 321 11.07 -28.05 -20.25
CA SER C 321 11.21 -29.36 -20.87
C SER C 321 11.13 -30.46 -19.82
N PRO C 322 10.32 -31.51 -20.08
CA PRO C 322 10.33 -32.72 -19.28
C PRO C 322 11.73 -33.27 -18.95
N VAL C 323 12.70 -33.10 -19.86
CA VAL C 323 14.07 -33.55 -19.60
C VAL C 323 14.66 -32.87 -18.36
N ALA C 324 14.66 -31.54 -18.35
CA ALA C 324 15.16 -30.78 -17.21
C ALA C 324 14.29 -30.97 -15.96
N LEU C 325 12.97 -31.05 -16.18
CA LEU C 325 12.01 -31.27 -15.09
C LEU C 325 12.19 -32.62 -14.39
N SER C 326 12.35 -33.69 -15.15
CA SER C 326 12.51 -35.02 -14.56
C SER C 326 13.89 -35.20 -13.93
N LYS C 327 14.87 -34.44 -14.40
CA LYS C 327 16.17 -34.36 -13.70
C LYS C 327 16.01 -33.79 -12.30
N TYR C 328 14.95 -33.00 -12.08
CA TYR C 328 14.59 -32.46 -10.75
C TYR C 328 13.39 -33.18 -10.11
N GLY C 329 12.97 -34.28 -10.72
CA GLY C 329 11.87 -35.08 -10.21
C GLY C 329 10.54 -34.36 -10.22
N ILE C 330 10.29 -33.61 -11.28
CA ILE C 330 9.02 -32.90 -11.45
C ILE C 330 8.21 -33.64 -12.52
N ASP C 331 7.12 -34.26 -12.09
CA ASP C 331 6.31 -35.11 -12.96
C ASP C 331 5.29 -34.36 -13.78
N VAL C 332 4.71 -33.31 -13.22
CA VAL C 332 3.77 -32.46 -13.97
C VAL C 332 4.55 -31.45 -14.81
N PRO C 333 3.93 -30.90 -15.86
CA PRO C 333 4.56 -29.80 -16.59
C PRO C 333 4.52 -28.51 -15.79
N VAL C 334 5.44 -27.61 -16.12
CA VAL C 334 5.55 -26.33 -15.42
C VAL C 334 5.74 -25.19 -16.44
N MET C 335 4.81 -24.24 -16.42
CA MET C 335 4.91 -23.07 -17.29
C MET C 335 5.52 -21.92 -16.50
N ASN C 336 6.40 -21.16 -17.16
CA ASN C 336 7.17 -20.10 -16.49
C ASN C 336 7.18 -18.81 -17.29
N LEU C 337 6.61 -17.75 -16.71
CA LEU C 337 6.54 -16.43 -17.35
C LEU C 337 7.49 -15.50 -16.62
N GLY C 338 8.15 -14.62 -17.37
CA GLY C 338 9.19 -13.74 -16.83
C GLY C 338 9.11 -12.34 -17.39
N LEU C 339 9.43 -11.37 -16.54
CA LEU C 339 9.19 -9.95 -16.85
C LEU C 339 10.31 -9.10 -16.25
N GLY C 340 10.89 -8.23 -17.07
CA GLY C 340 11.95 -7.33 -16.62
C GLY C 340 11.41 -6.13 -15.86
N VAL C 341 11.52 -6.17 -14.55
CA VAL C 341 11.05 -5.06 -13.70
C VAL C 341 11.59 -3.72 -14.20
N GLU C 342 12.91 -3.66 -14.31
CA GLU C 342 13.59 -2.45 -14.75
C GLU C 342 12.90 -1.88 -16.01
N ARG C 343 12.70 -2.72 -17.01
CA ARG C 343 12.15 -2.26 -18.29
C ARG C 343 10.69 -1.85 -18.21
N LEU C 344 9.91 -2.56 -17.41
CA LEU C 344 8.51 -2.17 -17.20
C LEU C 344 8.53 -0.77 -16.62
N ALA C 345 9.33 -0.61 -15.56
CA ALA C 345 9.54 0.67 -14.88
C ALA C 345 9.97 1.77 -15.85
N MET C 346 10.82 1.45 -16.82
CA MET C 346 11.19 2.41 -17.87
C MET C 346 10.00 2.83 -18.71
N ILE C 347 9.29 1.85 -19.26
CA ILE C 347 8.17 2.11 -20.16
C ILE C 347 7.12 2.98 -19.48
N SER C 348 6.65 2.51 -18.33
CA SER C 348 5.61 3.21 -17.61
C SER C 348 6.12 4.54 -17.03
N GLY C 349 7.39 4.60 -16.64
CA GLY C 349 7.97 5.85 -16.13
C GLY C 349 8.53 6.80 -17.20
N ASN C 350 8.29 6.45 -18.46
CA ASN C 350 8.93 7.07 -19.61
C ASN C 350 10.39 7.46 -19.39
N PHE C 351 11.19 6.51 -18.91
CA PHE C 351 12.64 6.68 -18.75
C PHE C 351 13.37 6.17 -19.97
N ALA C 352 14.31 6.96 -20.47
CA ALA C 352 15.06 6.59 -21.66
C ALA C 352 16.40 5.92 -21.34
N ASP C 353 16.69 5.60 -20.08
CA ASP C 353 18.01 5.11 -19.70
C ASP C 353 17.98 4.43 -18.34
N VAL C 354 18.16 3.11 -18.30
CA VAL C 354 18.08 2.36 -17.05
C VAL C 354 19.10 2.82 -16.01
N ARG C 355 20.28 3.21 -16.46
CA ARG C 355 21.35 3.59 -15.53
C ARG C 355 20.98 4.84 -14.73
N GLU C 356 20.40 5.83 -15.40
CA GLU C 356 19.88 7.02 -14.71
C GLU C 356 18.67 6.72 -13.86
N MET C 357 17.70 6.01 -14.42
CA MET C 357 16.47 5.66 -13.71
C MET C 357 16.75 4.92 -12.39
N VAL C 358 17.67 3.96 -12.41
CA VAL C 358 17.95 3.16 -11.21
C VAL C 358 18.76 3.95 -10.21
N TYR C 359 19.79 4.64 -10.70
CA TYR C 359 20.73 5.38 -9.85
C TYR C 359 20.78 6.84 -10.28
N PRO C 360 19.71 7.60 -10.05
CA PRO C 360 19.69 8.98 -10.49
C PRO C 360 20.61 9.90 -9.69
N GLN C 361 21.06 9.43 -8.53
CA GLN C 361 22.02 10.18 -7.70
C GLN C 361 23.32 10.55 -8.43
N PHE C 362 23.74 9.71 -9.38
CA PHE C 362 25.00 9.92 -10.07
C PHE C 362 24.79 10.71 -11.34
N TYR C 363 23.65 11.37 -11.46
CA TYR C 363 23.29 12.09 -12.68
C TYR C 363 22.74 13.47 -12.37
N GLU C 364 22.52 14.22 -13.44
CA GLU C 364 21.95 15.55 -13.35
C GLU C 364 20.74 15.60 -12.45
N HIS C 365 20.67 16.66 -11.65
CA HIS C 365 19.53 16.87 -10.77
C HIS C 365 18.91 18.21 -11.16
N LYS C 366 17.90 18.16 -12.01
CA LYS C 366 17.18 19.36 -12.42
C LYS C 366 16.45 20.04 -11.27
N LEU C 367 16.56 21.37 -11.21
CA LEU C 367 15.81 22.18 -10.24
C LEU C 367 14.59 22.80 -10.89
N ASN C 368 13.42 22.26 -10.54
CA ASN C 368 12.14 22.77 -10.99
C ASN C 368 12.06 24.29 -10.86
N ASP C 369 11.49 24.91 -11.88
CA ASP C 369 11.23 26.36 -11.88
C ASP C 369 10.69 26.88 -10.53
N ARG C 370 9.80 26.10 -9.94
CA ARG C 370 9.23 26.39 -8.62
C ARG C 370 10.29 26.32 -7.53
N ASN C 371 11.09 25.27 -7.55
CA ASN C 371 12.17 25.13 -6.57
C ASN C 371 13.15 26.31 -6.58
N VAL C 372 13.62 26.67 -7.78
CA VAL C 372 14.55 27.80 -7.95
C VAL C 372 14.01 29.05 -7.26
N ALA C 373 12.70 29.28 -7.42
CA ALA C 373 12.02 30.37 -6.73
C ALA C 373 12.28 30.33 -5.23
N SER C 374 12.29 29.13 -4.66
CA SER C 374 12.49 28.98 -3.21
C SER C 374 13.91 29.30 -2.75
N MET C 375 14.87 29.23 -3.66
CA MET C 375 16.27 29.45 -3.33
C MET C 375 16.66 30.92 -3.44
N VAL C 376 15.76 31.75 -3.95
CA VAL C 376 15.91 33.21 -3.94
C VAL C 376 15.33 33.79 -2.65
N LYS C 377 16.21 34.35 -1.82
CA LYS C 377 15.84 34.84 -0.48
C LYS C 377 16.38 36.24 -0.19
N LEU C 378 15.81 36.91 0.82
CA LEU C 378 16.33 38.20 1.28
C LEU C 378 17.61 37.95 2.07
N ASP C 379 18.72 38.52 1.60
CA ASP C 379 20.03 38.31 2.24
C ASP C 379 20.04 38.86 3.66
N LYS C 380 19.99 40.19 3.77
CA LYS C 380 20.03 40.85 5.07
C LYS C 380 18.67 41.46 5.38
N VAL C 381 18.02 40.89 6.40
CA VAL C 381 16.79 41.41 6.96
C VAL C 381 16.97 41.42 8.47
N PRO C 382 16.42 42.45 9.17
CA PRO C 382 16.64 42.53 10.61
C PRO C 382 15.98 41.39 11.34
N SER C 442 9.79 53.77 -11.29
CA SER C 442 9.32 52.43 -11.62
C SER C 442 10.04 51.35 -10.77
N ILE C 443 9.49 51.09 -9.58
CA ILE C 443 10.19 50.30 -8.53
C ILE C 443 9.43 49.05 -8.04
N LEU C 444 8.11 49.00 -8.26
CA LEU C 444 7.31 47.83 -7.91
C LEU C 444 7.93 46.50 -8.35
N ASN C 445 8.60 46.52 -9.50
CA ASN C 445 9.16 45.32 -10.13
C ASN C 445 9.20 44.09 -9.21
N GLU C 446 8.32 43.14 -9.53
CA GLU C 446 8.19 41.89 -8.79
C GLU C 446 9.09 40.84 -9.43
N ILE C 447 9.89 40.17 -8.62
CA ILE C 447 10.91 39.26 -9.15
C ILE C 447 10.34 37.85 -9.27
N TYR C 448 10.65 37.23 -10.39
CA TYR C 448 9.93 36.07 -10.93
C TYR C 448 10.93 35.01 -11.38
N VAL C 449 10.54 33.74 -11.38
CA VAL C 449 11.36 32.68 -11.97
C VAL C 449 10.58 32.00 -13.10
N TYR C 450 11.14 32.09 -14.31
CA TYR C 450 10.51 31.61 -15.54
C TYR C 450 11.46 30.74 -16.35
N ASP C 451 11.06 29.49 -16.64
CA ASP C 451 11.91 28.55 -17.38
C ASP C 451 13.41 28.80 -17.19
N GLY C 452 13.93 28.45 -16.01
CA GLY C 452 15.38 28.46 -15.75
C GLY C 452 16.04 29.77 -15.32
N ASN C 453 15.41 30.92 -15.57
CA ASN C 453 16.00 32.23 -15.19
C ASN C 453 15.18 33.02 -14.19
N VAL C 454 15.84 33.98 -13.56
CA VAL C 454 15.26 34.78 -12.49
C VAL C 454 15.12 36.22 -12.96
N ILE C 455 14.04 36.54 -13.68
CA ILE C 455 14.01 37.77 -14.50
C ILE C 455 13.76 39.09 -13.75
N GLY C 456 12.66 39.22 -13.03
CA GLY C 456 12.27 40.51 -12.42
C GLY C 456 11.42 41.40 -13.32
N ILE C 457 10.12 41.12 -13.35
CA ILE C 457 9.18 41.76 -14.28
C ILE C 457 8.62 43.07 -13.69
N PRO C 458 8.35 44.08 -14.55
CA PRO C 458 7.58 45.27 -14.12
C PRO C 458 6.05 45.13 -14.29
N GLU C 459 5.33 46.14 -13.79
CA GLU C 459 3.86 46.15 -13.73
C GLU C 459 3.21 46.86 -14.92
N LYS C 525 19.26 37.20 -2.77
CA LYS C 525 20.33 36.25 -2.55
C LYS C 525 19.87 34.93 -3.13
N ILE C 526 20.71 34.31 -3.95
CA ILE C 526 20.40 33.04 -4.59
C ILE C 526 21.30 31.96 -4.02
N ASP C 527 20.75 30.77 -3.81
CA ASP C 527 21.54 29.66 -3.29
C ASP C 527 22.38 29.05 -4.42
N ASP C 528 23.62 28.68 -4.08
CA ASP C 528 24.61 28.28 -5.08
C ASP C 528 24.15 27.23 -6.06
N ILE C 529 23.32 26.30 -5.61
CA ILE C 529 22.79 25.25 -6.47
C ILE C 529 21.91 25.83 -7.57
N ALA C 530 21.15 26.89 -7.24
CA ALA C 530 20.32 27.60 -8.22
C ALA C 530 21.22 28.29 -9.24
N LEU C 531 22.26 28.96 -8.75
CA LEU C 531 23.29 29.56 -9.61
C LEU C 531 23.88 28.53 -10.58
N LYS C 532 24.59 27.53 -10.04
CA LYS C 532 25.19 26.48 -10.87
C LYS C 532 24.32 26.16 -12.08
N GLN C 533 23.04 25.93 -11.85
CA GLN C 533 22.13 25.56 -12.92
C GLN C 533 21.94 26.72 -13.89
N ILE C 534 21.50 27.85 -13.34
CA ILE C 534 21.26 29.08 -14.13
C ILE C 534 22.46 29.37 -15.05
N MET C 535 23.65 29.22 -14.47
CA MET C 535 24.90 29.38 -15.20
C MET C 535 25.06 28.28 -16.24
N SER C 536 25.15 27.04 -15.79
CA SER C 536 25.40 25.92 -16.69
C SER C 536 24.37 25.82 -17.83
N LYS C 537 23.10 26.10 -17.52
CA LYS C 537 22.05 26.05 -18.54
C LYS C 537 21.91 27.39 -19.30
N ASN C 538 22.93 28.24 -19.22
CA ASN C 538 22.94 29.55 -19.88
C ASN C 538 21.67 30.35 -19.63
N UNK C 557 17.25 41.44 13.59
CA UNK C 557 16.35 40.41 14.10
C UNK C 557 15.19 41.03 14.90
N UNK C 558 15.49 41.43 16.14
CA UNK C 558 14.51 42.06 17.04
C UNK C 558 13.19 42.51 16.37
N UNK C 559 12.17 41.68 16.51
CA UNK C 559 10.81 41.92 15.97
C UNK C 559 10.50 43.36 15.53
N UNK C 560 10.51 44.29 16.49
CA UNK C 560 10.09 45.68 16.28
C UNK C 560 10.72 46.35 15.05
N UNK C 561 12.02 46.14 14.86
CA UNK C 561 12.74 46.70 13.72
C UNK C 561 12.16 46.18 12.41
N UNK C 562 11.97 44.86 12.34
CA UNK C 562 11.40 44.20 11.16
C UNK C 562 10.04 44.80 10.81
N UNK C 563 9.15 44.86 11.80
CA UNK C 563 7.80 45.38 11.63
C UNK C 563 7.76 46.81 11.05
N UNK C 564 8.79 47.61 11.35
CA UNK C 564 8.91 48.96 10.79
C UNK C 564 9.03 48.95 9.27
N UNK C 565 9.70 47.91 8.74
CA UNK C 565 9.89 47.75 7.30
C UNK C 565 8.57 47.78 6.53
N UNK C 566 7.48 47.38 7.20
CA UNK C 566 6.15 47.36 6.61
C UNK C 566 5.68 48.78 6.31
N UNK C 567 5.73 49.63 7.32
CA UNK C 567 5.29 51.02 7.20
C UNK C 567 6.13 51.76 6.15
N UNK C 568 7.44 51.55 6.19
CA UNK C 568 8.36 52.16 5.22
C UNK C 568 7.93 51.80 3.80
N UNK C 569 7.72 50.50 3.55
CA UNK C 569 7.32 50.02 2.23
C UNK C 569 5.92 50.51 1.86
N UNK C 570 5.00 50.47 2.83
CA UNK C 570 3.60 50.87 2.63
C UNK C 570 3.46 52.38 2.40
N UNK C 571 4.36 53.17 2.98
CA UNK C 571 4.36 54.62 2.82
C UNK C 571 5.00 55.03 1.51
N UNK C 572 6.06 54.32 1.11
CA UNK C 572 6.70 54.54 -0.19
C UNK C 572 5.79 54.03 -1.33
N UNK C 573 5.03 52.98 -1.03
CA UNK C 573 4.06 52.43 -1.98
C UNK C 573 3.02 53.47 -2.41
N UNK C 574 2.44 54.17 -1.43
CA UNK C 574 1.48 55.24 -1.71
C UNK C 574 2.13 56.42 -2.44
N UNK C 575 3.30 56.85 -1.98
CA UNK C 575 4.07 57.92 -2.62
C UNK C 575 4.79 57.41 -3.86
N UNK C 576 9.86 65.98 -3.85
CA UNK C 576 9.24 65.24 -2.75
C UNK C 576 10.26 64.82 -1.70
N UNK C 577 9.83 64.76 -0.44
CA UNK C 577 10.70 64.39 0.68
C UNK C 577 9.95 63.61 1.76
N UNK C 578 10.11 62.28 1.77
CA UNK C 578 9.51 61.42 2.80
C UNK C 578 10.28 61.55 4.11
N UNK C 579 9.61 61.26 5.23
CA UNK C 579 10.24 61.38 6.54
C UNK C 579 9.48 60.64 7.65
N UNK C 580 9.95 59.43 7.96
CA UNK C 580 9.42 58.65 9.08
C UNK C 580 10.09 59.05 10.39
N UNK C 581 9.54 58.57 11.51
CA UNK C 581 10.12 58.82 12.83
C UNK C 581 9.46 57.93 13.89
N UNK C 582 10.26 57.06 14.52
CA UNK C 582 9.76 56.16 15.56
C UNK C 582 10.29 56.56 16.94
N UNK C 583 15.65 57.09 19.20
CA UNK C 583 14.91 58.11 18.46
C UNK C 583 15.41 58.22 17.02
N UNK C 584 15.06 57.25 16.19
CA UNK C 584 15.49 57.18 14.79
C UNK C 584 14.55 57.95 13.86
N UNK C 585 15.11 58.47 12.76
CA UNK C 585 14.35 59.26 11.79
C UNK C 585 14.86 59.01 10.37
N UNK C 586 14.08 58.26 9.59
CA UNK C 586 14.43 57.91 8.21
C UNK C 586 13.86 58.92 7.21
N UNK C 587 14.74 59.51 6.39
CA UNK C 587 14.34 60.52 5.40
C UNK C 587 14.56 59.99 3.98
N UNK C 588 13.58 60.23 3.10
CA UNK C 588 13.63 59.76 1.72
C UNK C 588 13.57 60.92 0.74
N UNK C 589 14.73 61.33 0.23
CA UNK C 589 14.83 62.44 -0.74
C UNK C 589 14.37 62.02 -2.13
N UNK C 590 12.07 42.21 -26.00
CA UNK C 590 11.86 41.20 -24.95
C UNK C 590 10.40 41.15 -24.47
N UNK C 591 9.47 41.66 -25.30
CA UNK C 591 8.06 41.74 -24.95
C UNK C 591 7.45 40.38 -24.61
N UNK C 592 7.63 39.41 -25.50
CA UNK C 592 7.10 38.06 -25.31
C UNK C 592 7.64 37.38 -24.05
N UNK C 593 8.94 37.55 -23.79
CA UNK C 593 9.58 36.94 -22.62
C UNK C 593 8.96 37.44 -21.34
N UNK C 594 8.95 38.76 -21.16
CA UNK C 594 8.36 39.37 -19.96
C UNK C 594 6.84 39.16 -19.89
N UNK C 595 6.20 39.05 -21.05
CA UNK C 595 4.77 38.76 -21.14
C UNK C 595 4.51 37.32 -20.72
N UNK C 596 5.24 36.39 -21.32
CA UNK C 596 5.11 34.96 -21.00
C UNK C 596 5.50 34.66 -19.54
N UNK C 597 6.47 35.40 -19.00
CA UNK C 597 6.96 35.19 -17.64
C UNK C 597 5.93 35.54 -16.56
N UNK C 598 5.33 36.72 -16.67
CA UNK C 598 4.29 37.14 -15.73
C UNK C 598 3.13 36.15 -15.69
N UNK C 599 2.84 35.53 -16.84
CA UNK C 599 1.72 34.60 -16.97
C UNK C 599 2.09 33.14 -16.64
N UNK C 600 3.33 32.75 -16.92
CA UNK C 600 3.72 31.33 -16.85
C UNK C 600 4.77 30.97 -15.79
N UNK C 601 5.37 31.97 -15.15
CA UNK C 601 6.45 31.73 -14.19
C UNK C 601 5.97 31.80 -12.74
N UNK C 602 6.70 31.15 -11.83
CA UNK C 602 6.38 31.21 -10.41
C UNK C 602 6.75 32.59 -9.87
N UNK C 603 5.75 33.32 -9.38
CA UNK C 603 5.97 34.64 -8.84
C UNK C 603 6.62 34.56 -7.46
N UNK C 604 7.82 35.13 -7.32
CA UNK C 604 8.50 35.18 -6.03
C UNK C 604 7.67 35.95 -5.01
N UNK C 605 7.10 37.08 -5.44
CA UNK C 605 6.32 37.93 -4.54
C UNK C 605 7.22 38.81 -3.66
N UNK C 606 8.50 38.85 -3.98
CA UNK C 606 9.39 39.86 -3.44
C UNK C 606 9.43 40.98 -4.48
N UNK C 607 8.95 42.16 -4.09
CA UNK C 607 8.99 43.34 -4.96
C UNK C 607 10.26 44.11 -4.66
N UNK C 608 10.85 44.73 -5.69
CA UNK C 608 12.07 45.50 -5.52
C UNK C 608 11.99 46.42 -4.31
N UNK C 609 10.91 47.20 -4.23
CA UNK C 609 10.68 48.14 -3.12
C UNK C 609 10.64 47.46 -1.75
N UNK C 610 10.18 46.21 -1.73
CA UNK C 610 10.05 45.41 -0.51
C UNK C 610 11.41 44.89 -0.01
N UNK C 611 12.27 44.44 -0.93
CA UNK C 611 13.58 43.90 -0.56
C UNK C 611 14.54 45.00 -0.04
N UNK C 612 14.49 46.17 -0.69
CA UNK C 612 15.32 47.31 -0.32
C UNK C 612 14.88 47.89 1.02
N UNK C 613 13.56 48.01 1.22
CA UNK C 613 13.02 48.57 2.47
C UNK C 613 13.42 47.76 3.70
N UNK C 614 13.92 46.55 3.49
CA UNK C 614 14.50 45.73 4.56
C UNK C 614 15.99 46.05 4.75
N UNK C 615 16.66 46.44 3.67
CA UNK C 615 18.06 46.87 3.74
C UNK C 615 18.25 48.02 4.72
N UNK C 616 17.34 48.99 4.68
CA UNK C 616 17.33 50.08 5.65
C UNK C 616 17.09 49.52 7.05
N UNK C 617 16.10 48.64 7.17
CA UNK C 617 15.71 48.04 8.46
C UNK C 617 16.80 47.18 9.09
N UNK C 618 17.58 46.50 8.26
CA UNK C 618 18.74 45.70 8.72
C UNK C 618 19.91 46.60 9.12
N UNK C 619 20.04 47.73 8.43
CA UNK C 619 21.08 48.70 8.74
C UNK C 619 20.80 49.41 10.07
N UNK C 620 19.60 49.27 10.61
CA UNK C 620 19.29 49.75 11.96
C UNK C 620 19.80 48.77 13.01
N UNK C 621 19.89 47.49 12.65
CA UNK C 621 20.55 46.49 13.49
C UNK C 621 22.07 46.73 13.51
N UNK C 622 22.59 47.19 12.38
CA UNK C 622 23.99 47.61 12.29
C UNK C 622 24.29 48.80 13.23
N UNK C 623 23.34 49.75 13.31
CA UNK C 623 23.44 50.88 14.23
C UNK C 623 23.27 50.47 15.69
N UNK C 624 22.64 49.31 15.92
CA UNK C 624 22.54 48.73 17.26
C UNK C 624 23.90 48.24 17.78
N UNK C 625 24.86 48.06 16.87
CA UNK C 625 26.26 47.77 17.23
C UNK C 625 27.14 49.03 17.12
N UNK C 626 27.08 49.69 15.97
CA UNK C 626 27.90 50.89 15.72
C UNK C 626 27.37 52.14 16.46
N UNK C 627 26.69 53.04 15.73
CA UNK C 627 26.16 54.27 16.31
C UNK C 627 25.26 55.00 15.32
N UNK C 628 24.06 59.11 10.57
CA UNK C 628 24.40 59.43 9.18
C UNK C 628 24.63 58.17 8.34
N UNK C 629 23.63 57.29 8.30
CA UNK C 629 23.64 56.13 7.41
C UNK C 629 22.88 56.49 6.13
N UNK C 630 23.33 55.99 4.99
CA UNK C 630 22.76 56.36 3.70
C UNK C 630 22.61 55.16 2.76
N UNK C 631 21.37 54.93 2.29
CA UNK C 631 21.10 53.91 1.27
C UNK C 631 21.23 54.54 -0.13
N UNK C 632 22.22 54.07 -0.89
CA UNK C 632 22.53 54.64 -2.19
C UNK C 632 22.34 53.59 -3.27
N UNK C 633 21.35 53.82 -4.14
CA UNK C 633 21.10 52.90 -5.25
C UNK C 633 20.18 53.53 -6.29
N UNK C 634 20.64 53.53 -7.55
CA UNK C 634 19.83 53.99 -8.66
C UNK C 634 20.07 53.12 -9.90
N UNK C 635 19.40 45.07 -4.59
CA UNK C 635 18.05 44.69 -4.18
C UNK C 635 17.99 44.11 -2.76
N UNK C 636 19.14 43.70 -2.23
CA UNK C 636 19.23 43.18 -0.85
C UNK C 636 18.84 41.72 -0.80
N UNK C 637 18.15 41.25 -1.84
CA UNK C 637 18.00 39.83 -2.10
C UNK C 637 19.28 39.41 -2.80
N UNK C 638 16.05 50.46 -13.03
CA UNK C 638 15.95 51.92 -13.01
C UNK C 638 15.05 52.36 -11.86
N UNK C 639 15.65 52.53 -10.69
CA UNK C 639 14.89 52.81 -9.47
C UNK C 639 15.80 53.50 -8.45
N UNK C 640 15.63 54.81 -8.31
CA UNK C 640 16.54 55.61 -7.49
C UNK C 640 15.96 55.94 -6.12
N UNK C 641 16.15 55.03 -5.16
CA UNK C 641 15.82 55.29 -3.76
C UNK C 641 17.05 55.86 -3.05
N UNK C 642 18.71 57.98 -2.00
CA UNK C 642 17.58 58.76 -1.49
C UNK C 642 17.02 58.14 -0.22
N UNK C 643 17.91 57.86 0.73
CA UNK C 643 17.56 57.31 2.04
C UNK C 643 18.59 57.77 3.06
N UNK C 644 18.22 58.75 3.89
CA UNK C 644 19.12 59.31 4.90
C UNK C 644 18.49 59.17 6.29
N UNK C 645 19.04 58.25 7.10
CA UNK C 645 18.49 57.94 8.41
C UNK C 645 19.31 58.57 9.53
N UNK C 646 18.65 58.95 10.62
CA UNK C 646 19.30 59.56 11.78
C UNK C 646 18.71 59.00 13.08
N UNK C 647 45.85 -16.17 5.74
CA UNK C 647 47.07 -16.97 5.61
C UNK C 647 47.38 -17.77 6.87
N UNK C 648 48.08 -18.90 6.70
CA UNK C 648 48.71 -19.61 7.82
C UNK C 648 50.11 -19.02 8.06
N UNK C 649 50.13 -17.79 8.58
CA UNK C 649 51.38 -17.08 8.85
C UNK C 649 51.99 -17.59 10.16
N UNK C 650 53.30 -17.77 10.14
CA UNK C 650 54.03 -18.39 11.25
C UNK C 650 54.69 -17.35 12.16
N UNK C 651 54.71 -17.61 13.47
CA UNK C 651 55.49 -16.81 14.42
C UNK C 651 56.99 -17.15 14.20
N UNK C 652 57.55 -16.54 13.17
CA UNK C 652 58.86 -16.94 12.64
C UNK C 652 60.04 -16.37 13.45
N UNK C 653 61.22 -16.43 12.83
CA UNK C 653 62.47 -15.91 13.39
C UNK C 653 62.46 -14.39 13.30
N UNK C 654 62.32 -13.87 12.09
CA UNK C 654 62.26 -12.42 11.85
C UNK C 654 61.03 -11.80 12.52
N UNK C 655 59.95 -12.57 12.64
CA UNK C 655 58.76 -12.14 13.37
C UNK C 655 59.07 -12.03 14.87
N UNK C 656 59.78 -13.02 15.40
CA UNK C 656 60.21 -13.01 16.79
C UNK C 656 61.23 -11.89 17.04
N UNK C 657 62.14 -11.69 16.08
CA UNK C 657 63.13 -10.61 16.15
C UNK C 657 62.47 -9.24 16.03
N UNK C 658 61.41 -9.14 15.21
CA UNK C 658 60.63 -7.92 15.08
C UNK C 658 59.84 -7.62 16.34
N UNK C 659 59.45 -8.67 17.07
CA UNK C 659 58.74 -8.54 18.34
C UNK C 659 59.62 -7.94 19.45
N UNK C 660 60.94 -8.01 19.27
CA UNK C 660 61.87 -7.39 20.22
C UNK C 660 62.24 -5.97 19.79
N UNK C 661 61.24 -5.19 19.39
CA UNK C 661 61.44 -3.81 18.96
C UNK C 661 60.09 -3.08 18.97
N UNK C 662 59.82 -2.39 20.07
CA UNK C 662 58.52 -1.74 20.27
C UNK C 662 58.60 -0.58 21.25
N UNK C 663 57.77 -15.16 28.25
CA UNK C 663 56.48 -15.84 28.30
C UNK C 663 55.61 -15.42 27.11
N UNK C 664 54.33 -15.82 27.16
CA UNK C 664 53.31 -15.38 26.19
C UNK C 664 53.53 -15.86 24.75
N UNK C 665 54.55 -16.69 24.52
CA UNK C 665 54.95 -17.11 23.18
C UNK C 665 53.93 -18.07 22.56
N UNK C 666 53.67 -19.18 23.25
CA UNK C 666 52.65 -20.14 22.84
C UNK C 666 51.28 -19.49 22.73
N UNK C 667 51.08 -18.40 23.47
CA UNK C 667 49.77 -17.76 23.56
C UNK C 667 49.45 -17.08 22.24
N UNK C 668 50.32 -16.17 21.82
CA UNK C 668 50.13 -15.43 20.57
C UNK C 668 50.27 -16.32 19.34
N UNK C 669 51.12 -17.34 19.45
CA UNK C 669 51.27 -18.35 18.39
C UNK C 669 49.94 -19.06 18.14
N UNK C 670 49.25 -19.41 19.22
CA UNK C 670 47.94 -20.09 19.15
C UNK C 670 46.86 -19.16 18.58
N UNK C 671 46.85 -17.91 19.03
CA UNK C 671 45.89 -16.90 18.55
C UNK C 671 46.01 -16.66 17.04
N UNK C 672 47.23 -16.81 16.51
CA UNK C 672 47.48 -16.71 15.07
C UNK C 672 46.85 -17.88 14.30
N UNK C 673 46.94 -19.08 14.87
CA UNK C 673 46.32 -20.26 14.29
C UNK C 673 44.79 -20.13 14.29
N UNK C 674 44.26 -19.39 15.27
CA UNK C 674 42.82 -19.17 15.37
C UNK C 674 42.26 -18.56 14.09
N UNK C 675 42.90 -17.48 13.61
CA UNK C 675 42.50 -16.85 12.37
C UNK C 675 42.60 -17.86 11.23
N UNK C 676 43.76 -18.48 11.09
CA UNK C 676 43.99 -19.44 10.01
C UNK C 676 42.79 -20.36 9.80
N UNK C 677 42.32 -21.00 10.87
CA UNK C 677 41.22 -21.96 10.78
C UNK C 677 39.87 -21.26 10.67
N UNK C 678 38.02 -14.40 13.86
CA UNK C 678 37.33 -13.14 13.58
C UNK C 678 38.33 -11.99 13.48
N UNK C 679 38.47 -11.41 12.29
CA UNK C 679 39.43 -10.31 12.05
C UNK C 679 39.15 -9.10 12.92
N UNK C 680 37.87 -8.77 13.07
CA UNK C 680 37.45 -7.71 13.96
C UNK C 680 37.85 -8.02 15.41
N UNK C 681 37.95 -9.30 15.76
CA UNK C 681 38.41 -9.71 17.09
C UNK C 681 39.91 -10.01 17.09
N UNK C 682 40.57 -9.93 15.93
CA UNK C 682 41.96 -10.32 15.78
C UNK C 682 42.90 -9.35 16.49
N UNK C 683 42.77 -8.07 16.17
CA UNK C 683 43.58 -7.03 16.80
C UNK C 683 43.37 -6.98 18.32
N UNK C 684 42.14 -7.26 18.74
CA UNK C 684 41.78 -7.27 20.17
C UNK C 684 42.43 -8.43 20.92
N UNK C 685 42.31 -9.64 20.36
CA UNK C 685 42.91 -10.83 20.96
C UNK C 685 44.44 -10.80 20.88
N UNK C 686 44.96 -10.04 19.91
CA UNK C 686 46.40 -9.74 19.84
C UNK C 686 46.77 -8.74 20.92
N UNK C 687 45.94 -7.72 21.10
CA UNK C 687 46.18 -6.67 22.09
C UNK C 687 46.07 -7.21 23.53
N UNK C 688 45.10 -8.08 23.77
CA UNK C 688 44.88 -8.67 25.10
C UNK C 688 46.11 -9.41 25.62
N UNK C 689 46.74 -10.20 24.75
CA UNK C 689 48.00 -10.88 25.10
C UNK C 689 49.10 -9.87 25.46
N UNK C 690 49.07 -8.71 24.79
CA UNK C 690 49.96 -7.60 25.11
C UNK C 690 49.58 -6.98 26.45
N UNK C 691 46.47 -1.82 22.42
CA UNK C 691 45.29 -1.77 21.57
C UNK C 691 45.66 -1.51 20.12
N UNK C 692 46.01 -0.27 19.80
CA UNK C 692 46.38 0.13 18.43
C UNK C 692 47.78 -0.35 18.02
N UNK C 693 48.51 -0.96 18.96
CA UNK C 693 49.84 -1.52 18.67
C UNK C 693 49.75 -2.77 17.81
N UNK C 694 48.59 -3.42 17.83
CA UNK C 694 48.32 -4.55 16.95
C UNK C 694 48.31 -4.16 15.47
N UNK C 695 47.93 -2.92 15.16
CA UNK C 695 47.91 -2.43 13.78
C UNK C 695 49.27 -2.54 13.11
N UNK C 696 50.28 -1.94 13.74
CA UNK C 696 51.66 -2.06 13.25
C UNK C 696 52.20 -3.47 13.45
N UNK C 697 51.76 -4.14 14.53
CA UNK C 697 52.20 -5.50 14.83
C UNK C 697 51.67 -6.53 13.81
N UNK C 698 50.50 -6.26 13.23
CA UNK C 698 49.91 -7.14 12.23
C UNK C 698 50.43 -6.78 10.83
N UNK C 699 50.14 -5.55 10.41
CA UNK C 699 50.49 -5.08 9.07
C UNK C 699 52.00 -5.08 8.85
N UNK C 700 52.77 -4.72 9.88
CA UNK C 700 54.23 -4.57 9.75
C UNK C 700 55.00 -5.82 10.18
N UNK C 701 54.56 -6.46 11.26
CA UNK C 701 55.24 -7.66 11.78
C UNK C 701 54.61 -8.93 11.24
N ARG D 23 -40.43 -18.13 -13.67
CA ARG D 23 -39.93 -16.91 -12.97
C ARG D 23 -41.02 -15.88 -12.71
N GLU D 24 -41.90 -15.70 -13.70
CA GLU D 24 -43.09 -14.87 -13.51
C GLU D 24 -44.08 -15.56 -12.56
N GLU D 25 -43.97 -16.88 -12.47
CA GLU D 25 -44.74 -17.69 -11.52
C GLU D 25 -44.36 -17.36 -10.08
N ILE D 26 -43.06 -17.28 -9.83
CA ILE D 26 -42.56 -17.04 -8.48
C ILE D 26 -43.08 -15.71 -7.92
N ILE D 27 -43.13 -14.68 -8.78
CA ILE D 27 -43.59 -13.36 -8.36
C ILE D 27 -45.07 -13.40 -8.01
N GLU D 28 -45.87 -13.92 -8.93
CA GLU D 28 -47.32 -13.99 -8.74
C GLU D 28 -47.69 -14.94 -7.61
N MET D 29 -46.95 -16.03 -7.46
CA MET D 29 -47.19 -16.94 -6.34
C MET D 29 -46.90 -16.24 -5.03
N ALA D 30 -45.86 -15.41 -5.01
CA ALA D 30 -45.47 -14.64 -3.83
C ALA D 30 -46.48 -13.55 -3.52
N ASN D 31 -47.11 -13.02 -4.56
CA ASN D 31 -48.16 -12.02 -4.39
C ASN D 31 -49.41 -12.65 -3.74
N LYS D 32 -49.74 -13.89 -4.12
CA LYS D 32 -50.87 -14.63 -3.53
C LYS D 32 -50.56 -14.95 -2.07
N ASP D 33 -49.57 -15.82 -1.85
CA ASP D 33 -49.09 -16.13 -0.51
C ASP D 33 -47.57 -16.11 -0.54
N PHE D 34 -46.99 -15.19 0.21
CA PHE D 34 -45.55 -15.01 0.21
C PHE D 34 -44.83 -16.21 0.79
N GLU D 35 -45.14 -16.56 2.04
CA GLU D 35 -44.37 -17.58 2.75
C GLU D 35 -44.39 -18.95 2.08
N LYS D 36 -45.46 -19.28 1.35
CA LYS D 36 -45.44 -20.54 0.59
C LYS D 36 -44.52 -20.37 -0.62
N ALA D 37 -44.60 -19.22 -1.27
CA ALA D 37 -43.67 -18.89 -2.36
C ALA D 37 -42.23 -18.97 -1.86
N TRP D 38 -41.98 -18.48 -0.65
CA TRP D 38 -40.64 -18.43 -0.06
C TRP D 38 -40.12 -19.81 0.36
N ILE D 39 -41.01 -20.64 0.92
CA ILE D 39 -40.65 -21.99 1.39
C ILE D 39 -40.53 -22.98 0.23
N GLU D 40 -41.49 -22.93 -0.70
CA GLU D 40 -41.51 -23.84 -1.84
C GLU D 40 -40.42 -23.53 -2.87
N THR D 41 -39.93 -22.29 -2.85
CA THR D 41 -38.81 -21.88 -3.69
C THR D 41 -37.47 -22.51 -3.30
N LYS D 42 -37.30 -22.82 -2.02
CA LYS D 42 -36.09 -23.47 -1.50
C LYS D 42 -35.31 -24.31 -2.51
N ASP D 43 -35.98 -25.29 -3.10
CA ASP D 43 -35.30 -26.33 -3.88
C ASP D 43 -34.90 -25.93 -5.30
N LEU D 44 -35.27 -24.73 -5.73
CA LEU D 44 -34.73 -24.18 -6.97
C LEU D 44 -33.20 -24.13 -6.93
N ILE D 45 -32.65 -23.55 -5.86
CA ILE D 45 -31.20 -23.47 -5.65
C ILE D 45 -30.61 -24.86 -5.38
N LYS D 46 -30.15 -25.52 -6.44
CA LYS D 46 -29.60 -26.87 -6.36
C LYS D 46 -28.25 -26.88 -5.65
N ALA D 47 -28.13 -27.70 -4.61
CA ALA D 47 -26.85 -27.87 -3.92
C ALA D 47 -25.89 -28.66 -4.82
N LYS D 48 -24.61 -28.43 -4.62
CA LYS D 48 -23.56 -28.98 -5.49
C LYS D 48 -23.36 -30.48 -5.27
N LYS D 49 -22.48 -31.07 -6.09
CA LYS D 49 -22.16 -32.49 -5.98
C LYS D 49 -21.46 -32.75 -4.65
N ILE D 50 -21.60 -33.96 -4.13
CA ILE D 50 -20.97 -34.33 -2.86
C ILE D 50 -19.44 -34.18 -2.91
N ASN D 51 -18.86 -34.39 -4.09
CA ASN D 51 -17.44 -34.13 -4.32
C ASN D 51 -17.10 -32.66 -4.52
N GLU D 52 -18.06 -31.75 -4.27
CA GLU D 52 -17.80 -30.31 -4.30
C GLU D 52 -18.45 -29.50 -3.16
N SER D 53 -18.93 -30.17 -2.11
CA SER D 53 -19.51 -29.49 -0.94
C SER D 53 -18.42 -29.03 0.05
N TYR D 54 -18.81 -28.61 1.27
CA TYR D 54 -17.96 -27.74 2.11
C TYR D 54 -16.54 -28.20 2.40
N PRO D 55 -16.36 -29.44 2.88
CA PRO D 55 -14.98 -29.78 3.22
C PRO D 55 -14.12 -29.95 1.97
N ARG D 56 -14.68 -30.56 0.93
CA ARG D 56 -13.92 -30.82 -0.29
C ARG D 56 -13.58 -29.58 -1.13
N ILE D 57 -14.36 -28.51 -0.98
CA ILE D 57 -14.02 -27.20 -1.54
C ILE D 57 -12.72 -26.68 -0.96
N LYS D 58 -11.89 -26.05 -1.80
CA LYS D 58 -10.66 -25.40 -1.29
C LYS D 58 -10.61 -23.93 -1.75
N PRO D 59 -10.53 -22.99 -0.79
CA PRO D 59 -10.42 -21.60 -1.23
C PRO D 59 -9.10 -21.31 -1.93
N VAL D 60 -9.11 -20.30 -2.80
CA VAL D 60 -7.90 -19.84 -3.47
C VAL D 60 -7.83 -18.33 -3.45
N PHE D 61 -6.81 -17.81 -2.77
CA PHE D 61 -6.54 -16.39 -2.75
C PHE D 61 -5.05 -16.20 -2.80
N GLY D 62 -4.61 -15.04 -3.25
CA GLY D 62 -3.18 -14.73 -3.25
C GLY D 62 -2.61 -14.71 -1.85
N LYS D 63 -1.42 -15.26 -1.68
CA LYS D 63 -0.76 -15.26 -0.39
C LYS D 63 0.56 -14.55 -0.55
N THR D 64 1.10 -14.10 0.57
CA THR D 64 2.18 -13.12 0.56
C THR D 64 3.29 -13.58 1.48
N HIS D 65 4.53 -13.22 1.17
CA HIS D 65 5.70 -13.70 1.93
C HIS D 65 6.08 -12.73 3.06
N PRO D 66 6.39 -13.27 4.26
CA PRO D 66 6.67 -12.39 5.39
C PRO D 66 7.82 -11.41 5.13
N VAL D 67 9.01 -11.90 4.77
CA VAL D 67 10.13 -11.01 4.45
C VAL D 67 9.70 -9.90 3.49
N ASN D 68 8.91 -10.24 2.48
CA ASN D 68 8.47 -9.25 1.50
C ASN D 68 7.47 -8.24 2.10
N ASP D 69 6.61 -8.71 2.98
CA ASP D 69 5.67 -7.82 3.65
C ASP D 69 6.40 -6.84 4.57
N THR D 70 7.40 -7.33 5.32
CA THR D 70 8.25 -6.48 6.13
C THR D 70 8.92 -5.40 5.26
N ILE D 71 9.50 -5.81 4.14
CA ILE D 71 10.16 -4.85 3.25
C ILE D 71 9.19 -3.75 2.86
N GLU D 72 7.93 -4.07 2.68
CA GLU D 72 6.94 -3.08 2.30
C GLU D 72 6.56 -2.21 3.48
N ASN D 73 6.32 -2.85 4.62
CA ASN D 73 5.96 -2.11 5.83
C ASN D 73 7.05 -1.15 6.27
N LEU D 74 8.32 -1.54 6.06
CA LEU D 74 9.44 -0.66 6.33
C LEU D 74 9.43 0.53 5.37
N ARG D 75 9.38 0.27 4.08
CA ARG D 75 9.37 1.37 3.15
C ARG D 75 8.15 2.28 3.36
N GLN D 76 7.11 1.80 4.03
CA GLN D 76 5.98 2.66 4.38
C GLN D 76 6.26 3.47 5.63
N ALA D 77 6.92 2.83 6.61
CA ALA D 77 7.32 3.51 7.83
C ALA D 77 8.24 4.67 7.47
N TYR D 78 9.23 4.44 6.61
CA TYR D 78 10.10 5.52 6.16
C TYR D 78 9.34 6.58 5.39
N LEU D 79 8.45 6.17 4.49
CA LEU D 79 7.70 7.14 3.68
C LEU D 79 6.87 8.10 4.54
N ARG D 80 6.38 7.63 5.67
CA ARG D 80 5.59 8.45 6.60
C ARG D 80 6.43 9.35 7.47
N MET D 81 7.72 9.05 7.58
CA MET D 81 8.67 9.95 8.23
C MET D 81 9.28 10.91 7.21
N GLY D 82 8.70 10.96 6.01
CA GLY D 82 9.09 11.92 4.99
C GLY D 82 10.41 11.63 4.29
N PHE D 83 10.90 10.39 4.40
CA PHE D 83 12.16 10.01 3.75
C PHE D 83 11.99 9.83 2.24
N GLU D 84 13.10 9.88 1.51
CA GLU D 84 13.09 9.72 0.07
C GLU D 84 13.82 8.44 -0.31
N GLU D 85 13.31 7.73 -1.33
CA GLU D 85 13.75 6.37 -1.60
C GLU D 85 14.88 6.29 -2.59
N TYR D 86 15.81 5.36 -2.33
CA TYR D 86 17.00 5.22 -3.17
C TYR D 86 17.43 3.76 -3.39
N ILE D 87 18.01 3.51 -4.56
CA ILE D 87 18.74 2.27 -4.83
C ILE D 87 20.22 2.63 -4.89
N ASN D 88 21.00 2.08 -3.96
CA ASN D 88 22.44 2.30 -3.97
C ASN D 88 23.15 1.11 -4.60
N PRO D 89 24.38 1.30 -5.08
CA PRO D 89 25.16 0.20 -5.61
C PRO D 89 25.16 -1.04 -4.72
N VAL D 90 25.02 -2.20 -5.36
CA VAL D 90 25.15 -3.51 -4.70
C VAL D 90 26.54 -4.08 -4.98
N ILE D 91 27.12 -3.71 -6.11
CA ILE D 91 28.50 -4.08 -6.43
C ILE D 91 29.41 -2.91 -6.05
N VAL D 92 30.15 -3.07 -4.95
CA VAL D 92 31.05 -2.05 -4.44
C VAL D 92 32.48 -2.50 -4.70
N ASP D 93 33.25 -1.62 -5.34
CA ASP D 93 34.65 -1.88 -5.72
C ASP D 93 35.55 -1.96 -4.49
N GLU D 94 36.54 -2.84 -4.52
CA GLU D 94 37.47 -3.02 -3.40
C GLU D 94 38.00 -1.68 -2.88
N ARG D 95 38.43 -0.82 -3.81
CA ARG D 95 38.87 0.55 -3.51
C ARG D 95 38.03 1.20 -2.42
N ASP D 96 36.73 1.31 -2.67
CA ASP D 96 35.83 2.07 -1.83
C ASP D 96 35.74 1.47 -0.42
N ILE D 97 35.77 0.14 -0.32
CA ILE D 97 35.74 -0.53 0.97
C ILE D 97 36.98 -0.17 1.78
N TYR D 98 38.13 -0.05 1.11
CA TYR D 98 39.35 0.39 1.79
C TYR D 98 39.20 1.81 2.32
N LYS D 99 38.76 2.73 1.47
CA LYS D 99 38.68 4.13 1.86
C LYS D 99 37.57 4.36 2.89
N GLN D 100 36.56 3.50 2.89
CA GLN D 100 35.46 3.59 3.86
C GLN D 100 35.86 3.10 5.24
N PHE D 101 36.31 1.86 5.32
CA PHE D 101 36.56 1.19 6.60
C PHE D 101 38.00 1.32 7.11
N GLY D 102 38.88 1.90 6.30
CA GLY D 102 40.25 2.15 6.72
C GLY D 102 40.94 0.89 7.20
N PRO D 103 41.38 0.85 8.48
CA PRO D 103 42.00 -0.36 9.04
C PRO D 103 41.06 -1.58 9.07
N GLU D 104 39.77 -1.33 9.21
CA GLU D 104 38.79 -2.39 9.28
C GLU D 104 38.49 -3.01 7.90
N ALA D 105 39.04 -2.41 6.85
CA ALA D 105 38.91 -2.96 5.50
C ALA D 105 39.32 -4.43 5.43
N MET D 106 40.34 -4.83 6.19
CA MET D 106 40.75 -6.23 6.19
C MET D 106 39.64 -7.11 6.77
N ALA D 107 39.08 -6.69 7.91
CA ALA D 107 38.03 -7.46 8.56
C ALA D 107 36.82 -7.60 7.65
N VAL D 108 36.46 -6.51 6.96
CA VAL D 108 35.31 -6.50 6.06
C VAL D 108 35.55 -7.33 4.81
N LEU D 109 36.68 -7.13 4.15
CA LEU D 109 36.99 -7.83 2.90
C LEU D 109 37.14 -9.35 3.08
N ASP D 110 37.55 -9.77 4.26
CA ASP D 110 37.59 -11.20 4.60
C ASP D 110 36.20 -11.83 4.53
N ARG D 111 35.17 -11.09 4.96
CA ARG D 111 33.78 -11.58 4.95
C ARG D 111 32.97 -11.01 3.80
N CYS D 112 33.58 -11.01 2.61
CA CYS D 112 32.95 -10.51 1.40
C CYS D 112 32.77 -11.62 0.38
N PHE D 113 31.96 -11.33 -0.63
CA PHE D 113 31.97 -12.11 -1.83
C PHE D 113 32.64 -11.26 -2.87
N TYR D 114 33.73 -11.76 -3.45
CA TYR D 114 34.35 -11.14 -4.60
C TYR D 114 33.70 -11.72 -5.84
N LEU D 115 33.40 -10.86 -6.81
CA LEU D 115 32.78 -11.30 -8.07
C LEU D 115 33.83 -11.88 -9.02
N ALA D 116 33.72 -13.16 -9.34
CA ALA D 116 34.62 -13.79 -10.29
C ALA D 116 33.86 -14.09 -11.58
N GLY D 117 34.62 -14.42 -12.63
CA GLY D 117 34.06 -14.72 -13.93
C GLY D 117 34.98 -15.60 -14.78
N LEU D 118 34.39 -16.43 -15.62
CA LEU D 118 35.14 -17.35 -16.46
C LEU D 118 35.86 -16.62 -17.60
N PRO D 119 37.14 -16.94 -17.82
CA PRO D 119 37.85 -16.34 -18.94
C PRO D 119 37.43 -16.96 -20.27
N ARG D 120 37.71 -16.25 -21.36
CA ARG D 120 37.43 -16.74 -22.70
C ARG D 120 38.54 -16.33 -23.66
N PHE D 190 37.53 -25.33 -24.87
CA PHE D 190 37.61 -26.72 -24.41
C PHE D 190 36.90 -26.98 -23.06
N LYS D 191 36.17 -25.98 -22.57
CA LYS D 191 35.43 -26.08 -21.30
C LYS D 191 36.33 -26.39 -20.09
N ASP D 192 35.70 -26.60 -18.94
CA ASP D 192 36.41 -26.90 -17.67
C ASP D 192 37.38 -25.78 -17.29
N LEU D 193 36.81 -24.58 -17.17
CA LEU D 193 37.58 -23.39 -16.87
C LEU D 193 37.38 -22.99 -15.42
N THR D 194 38.42 -22.39 -14.84
CA THR D 194 38.34 -21.80 -13.50
C THR D 194 37.90 -20.34 -13.62
N ALA D 195 37.01 -19.90 -12.73
CA ALA D 195 36.64 -18.49 -12.68
C ALA D 195 37.77 -17.68 -12.04
N VAL D 196 37.98 -16.47 -12.54
CA VAL D 196 39.03 -15.56 -12.04
C VAL D 196 38.39 -14.41 -11.28
N SER D 197 38.87 -14.13 -10.07
CA SER D 197 38.31 -13.05 -9.25
C SER D 197 38.61 -11.69 -9.86
N SER D 198 37.98 -10.64 -9.32
CA SER D 198 37.99 -9.35 -10.03
C SER D 198 38.01 -8.09 -9.17
N LYS D 199 38.48 -8.17 -7.94
CA LYS D 199 38.59 -6.97 -7.08
C LYS D 199 37.28 -6.16 -7.03
N LEU D 200 36.16 -6.84 -7.21
CA LEU D 200 34.85 -6.21 -7.29
C LEU D 200 33.95 -6.96 -6.30
N THR D 201 33.53 -6.27 -5.24
CA THR D 201 32.90 -6.89 -4.09
C THR D 201 31.38 -6.78 -4.14
N LEU D 202 30.69 -7.73 -3.49
CA LEU D 202 29.26 -7.66 -3.25
C LEU D 202 29.01 -6.97 -1.92
N ARG D 203 28.21 -5.92 -1.95
CA ARG D 203 27.88 -5.13 -0.77
C ARG D 203 27.37 -5.98 0.37
N SER D 204 28.09 -5.97 1.49
CA SER D 204 27.61 -6.61 2.73
C SER D 204 27.00 -5.58 3.67
N HIS D 205 27.53 -4.36 3.64
CA HIS D 205 27.02 -3.27 4.46
C HIS D 205 26.24 -2.27 3.60
N MET D 206 25.00 -1.98 3.98
CA MET D 206 24.21 -0.94 3.29
C MET D 206 24.93 0.41 3.31
N THR D 207 25.65 0.66 4.40
CA THR D 207 26.40 1.89 4.61
C THR D 207 27.43 2.15 3.49
N SER D 208 28.08 1.09 3.01
CA SER D 208 29.07 1.26 1.94
C SER D 208 28.46 1.79 0.64
N GLY D 209 27.15 1.64 0.49
CA GLY D 209 26.44 2.25 -0.64
C GLY D 209 26.02 3.70 -0.43
N TRP D 210 25.81 4.08 0.84
CA TRP D 210 25.45 5.47 1.18
C TRP D 210 26.60 6.43 0.91
N PHE D 211 27.81 6.07 1.32
CA PHE D 211 28.98 6.88 1.04
C PHE D 211 29.02 7.25 -0.44
N LEU D 212 28.77 6.27 -1.29
CA LEU D 212 28.77 6.49 -2.74
C LEU D 212 27.62 7.41 -3.20
N THR D 213 26.40 7.13 -2.75
CA THR D 213 25.24 7.92 -3.13
C THR D 213 25.30 9.35 -2.61
N VAL D 214 25.54 9.50 -1.30
CA VAL D 214 25.60 10.81 -0.67
C VAL D 214 26.71 11.66 -1.29
N SER D 215 27.90 11.08 -1.46
CA SER D 215 29.02 11.80 -2.04
C SER D 215 28.59 12.49 -3.33
N ASP D 216 27.98 11.74 -4.23
CA ASP D 216 27.58 12.26 -5.53
C ASP D 216 26.40 13.23 -5.46
N LEU D 217 25.66 13.21 -4.35
CA LEU D 217 24.55 14.14 -4.15
C LEU D 217 25.01 15.52 -3.71
N MET D 218 26.16 15.58 -3.04
CA MET D 218 26.63 16.84 -2.46
C MET D 218 26.84 17.86 -3.56
N ASN D 219 26.36 19.07 -3.33
CA ASN D 219 26.44 20.17 -4.30
C ASN D 219 25.60 19.94 -5.58
N LYS D 220 24.64 19.01 -5.49
CA LYS D 220 23.62 18.83 -6.50
C LYS D 220 22.26 18.99 -5.81
N LYS D 221 21.98 18.06 -4.91
CA LYS D 221 20.72 18.03 -4.18
C LYS D 221 20.88 18.93 -2.98
N PRO D 222 19.95 19.89 -2.80
CA PRO D 222 20.03 20.74 -1.64
C PRO D 222 19.84 19.99 -0.34
N LEU D 223 20.62 20.33 0.67
CA LEU D 223 20.52 19.70 2.00
C LEU D 223 19.38 20.32 2.77
N PRO D 224 18.90 19.65 3.85
CA PRO D 224 19.33 18.33 4.27
C PRO D 224 18.58 17.32 3.46
N PHE D 225 18.99 16.06 3.54
CA PHE D 225 18.18 15.03 2.94
C PHE D 225 18.04 13.82 3.82
N LYS D 226 16.80 13.33 3.90
CA LYS D 226 16.47 12.07 4.54
C LYS D 226 16.33 11.05 3.43
N LEU D 227 17.18 10.01 3.45
CA LEU D 227 17.22 9.01 2.40
C LEU D 227 17.05 7.65 3.02
N PHE D 228 16.27 6.78 2.38
CA PHE D 228 16.13 5.41 2.87
C PHE D 228 16.24 4.42 1.72
N SER D 229 16.51 3.17 2.09
CA SER D 229 16.60 2.09 1.14
C SER D 229 16.61 0.75 1.82
N ILE D 230 15.55 -0.03 1.63
CA ILE D 230 15.53 -1.44 2.07
C ILE D 230 15.92 -2.29 0.86
N ASP D 231 16.93 -3.13 1.03
CA ASP D 231 17.54 -3.79 -0.12
C ASP D 231 18.42 -4.99 0.29
N ARG D 232 18.89 -5.72 -0.72
CA ARG D 232 19.55 -6.98 -0.53
C ARG D 232 21.03 -6.78 -0.26
N CYS D 233 21.63 -7.70 0.48
CA CYS D 233 23.05 -7.64 0.87
C CYS D 233 23.61 -9.05 1.02
N PHE D 234 24.93 -9.16 0.93
CA PHE D 234 25.57 -10.46 0.83
C PHE D 234 26.81 -10.51 1.71
N ARG D 235 26.87 -11.53 2.56
CA ARG D 235 27.99 -11.68 3.45
C ARG D 235 28.41 -13.13 3.50
N ARG D 236 29.69 -13.35 3.29
CA ARG D 236 30.24 -14.69 3.26
C ARG D 236 30.02 -15.32 4.63
N GLU D 237 29.43 -16.51 4.65
CA GLU D 237 29.16 -17.24 5.90
C GLU D 237 29.56 -18.70 5.78
N GLN D 238 30.42 -19.15 6.71
CA GLN D 238 30.89 -20.55 6.72
C GLN D 238 29.77 -21.57 6.72
N LYS D 239 28.63 -21.16 7.27
CA LYS D 239 27.49 -22.05 7.43
C LYS D 239 26.24 -21.28 7.75
N GLU D 240 25.21 -21.49 6.94
CA GLU D 240 23.91 -20.94 7.25
C GLU D 240 23.34 -21.79 8.40
N ASP D 241 22.39 -21.21 9.11
CA ASP D 241 21.72 -21.91 10.20
C ASP D 241 20.35 -21.26 10.46
N LYS D 242 19.88 -21.34 11.71
CA LYS D 242 18.66 -20.68 12.14
C LYS D 242 18.82 -19.15 12.16
N SER D 243 20.06 -18.70 12.40
CA SER D 243 20.34 -17.30 12.67
C SER D 243 21.34 -16.64 11.72
N HIS D 244 21.70 -17.31 10.61
CA HIS D 244 22.67 -16.77 9.63
C HIS D 244 22.36 -17.15 8.18
N LEU D 245 22.34 -16.16 7.31
CA LEU D 245 22.17 -16.41 5.89
C LEU D 245 23.22 -15.66 5.07
N MET D 246 23.53 -16.19 3.90
CA MET D 246 24.52 -15.57 3.01
C MET D 246 23.96 -14.37 2.27
N THR D 247 22.69 -14.44 1.87
CA THR D 247 22.00 -13.27 1.36
C THR D 247 21.04 -12.82 2.45
N TYR D 248 20.62 -11.56 2.40
CA TYR D 248 19.63 -11.03 3.33
C TYR D 248 19.24 -9.64 2.88
N HIS D 249 18.30 -9.04 3.59
CA HIS D 249 17.83 -7.70 3.29
C HIS D 249 18.03 -6.80 4.48
N SER D 250 18.40 -5.56 4.20
CA SER D 250 18.70 -4.61 5.24
C SER D 250 17.94 -3.32 4.98
N ALA D 251 17.21 -2.86 5.99
CA ALA D 251 16.53 -1.57 5.93
C ALA D 251 17.53 -0.54 6.41
N SER D 252 17.66 0.56 5.68
CA SER D 252 18.72 1.52 5.96
C SER D 252 18.33 2.90 5.57
N CYS D 253 18.80 3.88 6.32
CA CYS D 253 18.58 5.29 5.98
C CYS D 253 19.80 6.15 6.31
N ALA D 254 19.85 7.31 5.66
CA ALA D 254 20.92 8.25 5.86
C ALA D 254 20.33 9.65 5.93
N ILE D 255 20.69 10.41 6.96
CA ILE D 255 20.34 11.82 7.07
C ILE D 255 21.59 12.67 7.07
N ALA D 256 21.76 13.49 6.04
CA ALA D 256 22.88 14.42 5.97
C ALA D 256 22.39 15.85 6.12
N GLY D 257 23.01 16.62 6.99
CA GLY D 257 22.65 18.00 7.16
C GLY D 257 23.42 18.71 8.25
N GLU D 258 23.30 20.03 8.28
CA GLU D 258 23.83 20.83 9.36
C GLU D 258 23.23 20.35 10.69
N GLY D 259 24.10 20.15 11.67
CA GLY D 259 23.66 19.84 13.04
C GLY D 259 23.03 18.48 13.25
N VAL D 260 23.30 17.54 12.34
CA VAL D 260 22.81 16.18 12.47
C VAL D 260 23.70 15.45 13.46
N ASP D 261 23.09 14.69 14.37
CA ASP D 261 23.84 14.03 15.44
C ASP D 261 23.12 12.79 15.98
N ILE D 262 23.60 12.24 17.10
CA ILE D 262 23.00 11.06 17.73
C ILE D 262 21.49 11.18 17.96
N ASN D 263 21.03 12.37 18.33
CA ASN D 263 19.61 12.60 18.57
C ASN D 263 18.75 12.23 17.37
N ASP D 264 19.23 12.52 16.17
CA ASP D 264 18.52 12.15 14.95
C ASP D 264 18.40 10.65 14.83
N GLY D 265 19.46 9.93 15.22
CA GLY D 265 19.41 8.47 15.24
C GLY D 265 18.32 7.95 16.16
N LYS D 266 18.24 8.51 17.35
CA LYS D 266 17.27 8.08 18.36
C LYS D 266 15.85 8.44 17.94
N ALA D 267 15.68 9.59 17.32
CA ALA D 267 14.36 10.04 16.92
C ALA D 267 13.78 9.18 15.81
N ILE D 268 14.61 8.79 14.82
CA ILE D 268 14.19 7.88 13.75
C ILE D 268 14.02 6.44 14.24
N ALA D 269 14.99 5.97 15.02
CA ALA D 269 14.87 4.66 15.63
C ALA D 269 13.51 4.51 16.27
N GLU D 270 13.03 5.54 16.95
CA GLU D 270 11.72 5.51 17.60
C GLU D 270 10.59 5.56 16.58
N GLY D 271 10.63 6.56 15.71
CA GLY D 271 9.58 6.75 14.72
C GLY D 271 9.37 5.56 13.81
N LEU D 272 10.47 4.91 13.44
CA LEU D 272 10.41 3.67 12.66
C LEU D 272 9.83 2.52 13.51
N LEU D 273 10.56 2.16 14.57
CA LEU D 273 10.22 0.97 15.36
C LEU D 273 8.91 1.09 16.11
N SER D 274 8.44 2.30 16.40
CA SER D 274 7.17 2.46 17.10
C SER D 274 6.03 2.16 16.13
N GLN D 275 6.26 2.38 14.84
CA GLN D 275 5.29 1.99 13.81
C GLN D 275 5.19 0.48 13.63
N PHE D 276 5.98 -0.29 14.37
CA PHE D 276 5.88 -1.74 14.37
C PHE D 276 5.48 -2.26 15.73
N GLY D 277 4.75 -1.43 16.48
CA GLY D 277 4.19 -1.86 17.76
C GLY D 277 5.16 -2.00 18.93
N PHE D 278 6.40 -1.51 18.77
CA PHE D 278 7.34 -1.42 19.88
C PHE D 278 7.01 -0.17 20.69
N THR D 279 7.06 -0.30 22.01
CA THR D 279 6.50 0.66 22.94
C THR D 279 7.56 1.52 23.61
N ASN D 280 8.56 0.86 24.20
CA ASN D 280 9.67 1.53 24.86
C ASN D 280 10.99 1.32 24.11
N PHE D 281 12.02 2.09 24.46
CA PHE D 281 13.29 2.05 23.74
C PHE D 281 14.50 2.33 24.63
N LYS D 282 15.59 1.59 24.41
CA LYS D 282 16.86 1.86 25.06
C LYS D 282 17.94 2.03 24.00
N PHE D 283 18.93 2.87 24.29
CA PHE D 283 20.00 3.19 23.33
C PHE D 283 21.37 2.91 23.95
N ILE D 284 21.73 1.63 23.95
CA ILE D 284 23.00 1.16 24.51
C ILE D 284 24.15 1.47 23.54
N PRO D 285 25.26 2.05 24.04
CA PRO D 285 26.44 2.26 23.17
C PRO D 285 27.12 0.95 22.78
N ASP D 286 27.46 0.83 21.50
CA ASP D 286 28.05 -0.38 20.96
C ASP D 286 29.51 -0.47 21.36
N GLU D 287 29.86 -1.57 22.03
CA GLU D 287 31.24 -1.81 22.48
C GLU D 287 32.23 -1.89 21.31
N LYS D 288 31.73 -2.18 20.11
CA LYS D 288 32.58 -2.27 18.93
C LYS D 288 33.37 -0.99 18.70
N LYS D 289 32.67 0.14 18.64
CA LYS D 289 33.28 1.43 18.29
C LYS D 289 33.92 1.32 16.90
N SER D 290 33.11 0.96 15.92
CA SER D 290 33.53 0.87 14.53
C SER D 290 34.01 2.24 14.05
N LYS D 291 35.18 2.26 13.42
CA LYS D 291 35.91 3.50 13.20
C LYS D 291 35.52 4.25 11.91
N TYR D 292 34.47 3.79 11.23
CA TYR D 292 33.81 4.61 10.22
C TYR D 292 32.63 5.37 10.85
N TYR D 293 32.49 5.25 12.17
CA TYR D 293 31.54 6.04 12.96
C TYR D 293 32.30 6.90 13.95
N THR D 294 31.90 8.16 14.10
CA THR D 294 32.42 9.04 15.15
C THR D 294 32.46 8.33 16.51
N PRO D 295 33.56 8.49 17.27
CA PRO D 295 33.74 7.75 18.52
C PRO D 295 32.49 7.53 19.40
N GLU D 296 31.99 8.56 20.07
CA GLU D 296 30.98 8.37 21.11
C GLU D 296 29.58 8.15 20.52
N THR D 297 29.52 8.13 19.20
CA THR D 297 28.34 7.75 18.46
C THR D 297 28.31 6.21 18.33
N GLN D 298 27.47 5.69 17.44
CA GLN D 298 27.25 4.25 17.24
C GLN D 298 26.52 3.63 18.41
N THR D 299 25.22 3.50 18.24
CA THR D 299 24.33 2.96 19.24
C THR D 299 23.69 1.69 18.70
N GLU D 300 23.37 0.77 19.60
CA GLU D 300 22.52 -0.36 19.27
C GLU D 300 21.16 -0.18 19.94
N VAL D 301 20.10 -0.17 19.13
CA VAL D 301 18.76 0.10 19.61
C VAL D 301 18.11 -1.17 20.16
N TYR D 302 17.56 -1.07 21.36
CA TYR D 302 16.78 -2.15 21.97
C TYR D 302 15.34 -1.67 22.15
N ALA D 303 14.42 -2.25 21.38
CA ALA D 303 13.00 -1.92 21.52
C ALA D 303 12.30 -2.96 22.38
N TYR D 304 11.27 -2.53 23.09
CA TYR D 304 10.41 -3.42 23.87
C TYR D 304 9.14 -3.71 23.10
N HIS D 305 8.72 -4.97 23.06
CA HIS D 305 7.45 -5.33 22.43
C HIS D 305 6.52 -5.99 23.43
N PRO D 306 5.31 -5.44 23.59
CA PRO D 306 4.41 -5.96 24.62
C PRO D 306 3.91 -7.38 24.33
N LYS D 307 3.48 -7.63 23.08
CA LYS D 307 3.12 -8.99 22.64
C LYS D 307 4.18 -10.02 23.06
N LEU D 308 5.43 -9.76 22.68
CA LEU D 308 6.55 -10.63 23.09
C LEU D 308 6.85 -10.48 24.58
N LYS D 309 6.56 -9.31 25.15
CA LYS D 309 6.83 -9.03 26.57
C LYS D 309 8.32 -9.18 26.86
N GLU D 310 9.12 -8.44 26.07
CA GLU D 310 10.56 -8.66 25.95
C GLU D 310 11.27 -7.49 25.26
N TRP D 311 12.46 -7.13 25.76
CA TRP D 311 13.35 -6.19 25.08
C TRP D 311 14.14 -6.95 24.03
N LEU D 312 14.30 -6.35 22.86
CA LEU D 312 15.01 -7.00 21.77
C LEU D 312 15.91 -6.00 21.06
N GLU D 313 17.16 -6.38 20.82
CA GLU D 313 17.99 -5.64 19.88
C GLU D 313 17.29 -5.72 18.52
N VAL D 314 17.28 -4.61 17.79
CA VAL D 314 16.44 -4.54 16.61
C VAL D 314 17.02 -3.65 15.52
N ALA D 315 17.57 -2.49 15.90
CA ALA D 315 18.29 -1.65 14.94
C ALA D 315 19.60 -1.13 15.51
N THR D 316 20.36 -0.46 14.65
CA THR D 316 21.66 0.10 14.98
C THR D 316 21.92 1.35 14.17
N PHE D 317 22.32 2.43 14.83
CA PHE D 317 22.68 3.66 14.13
C PHE D 317 23.99 4.22 14.64
N GLY D 318 24.61 5.05 13.81
CA GLY D 318 25.79 5.81 14.18
C GLY D 318 25.89 7.04 13.31
N VAL D 319 26.84 7.93 13.62
CA VAL D 319 27.10 9.11 12.80
C VAL D 319 28.45 8.92 12.14
N TYR D 320 28.50 8.96 10.81
CA TYR D 320 29.73 8.67 10.09
C TYR D 320 30.86 9.59 10.53
N SER D 321 32.05 9.03 10.67
CA SER D 321 33.23 9.82 11.02
C SER D 321 33.54 10.83 9.91
N PRO D 322 33.80 12.09 10.28
CA PRO D 322 34.36 13.08 9.37
C PRO D 322 35.53 12.58 8.52
N VAL D 323 36.36 11.69 9.07
CA VAL D 323 37.49 11.14 8.31
C VAL D 323 37.03 10.44 7.06
N ALA D 324 36.13 9.46 7.22
CA ALA D 324 35.58 8.70 6.09
C ALA D 324 34.73 9.61 5.20
N LEU D 325 33.99 10.52 5.82
CA LEU D 325 33.11 11.45 5.10
C LEU D 325 33.89 12.40 4.18
N SER D 326 34.96 12.99 4.71
CA SER D 326 35.77 13.94 3.93
C SER D 326 36.60 13.23 2.86
N LYS D 327 36.91 11.96 3.07
CA LYS D 327 37.48 11.11 2.01
C LYS D 327 36.50 10.98 0.83
N TYR D 328 35.21 11.16 1.09
CA TYR D 328 34.18 11.16 0.05
C TYR D 328 33.67 12.56 -0.26
N GLY D 329 34.33 13.57 0.32
CA GLY D 329 33.94 14.95 0.08
C GLY D 329 32.56 15.29 0.62
N ILE D 330 32.25 14.79 1.80
CA ILE D 330 30.99 15.09 2.46
C ILE D 330 31.29 16.02 3.63
N ASP D 331 30.83 17.27 3.52
CA ASP D 331 31.16 18.34 4.48
C ASP D 331 30.25 18.36 5.69
N VAL D 332 28.98 18.05 5.50
CA VAL D 332 28.04 17.95 6.62
C VAL D 332 28.18 16.58 7.28
N PRO D 333 27.73 16.45 8.54
CA PRO D 333 27.66 15.13 9.15
C PRO D 333 26.48 14.33 8.61
N VAL D 334 26.60 13.01 8.71
CA VAL D 334 25.59 12.08 8.19
C VAL D 334 25.31 11.00 9.23
N MET D 335 24.05 10.91 9.65
CA MET D 335 23.64 9.87 10.60
C MET D 335 23.00 8.72 9.82
N ASN D 336 23.31 7.51 10.24
CA ASN D 336 22.90 6.31 9.51
C ASN D 336 22.30 5.23 10.42
N LEU D 337 21.02 4.92 10.21
CA LEU D 337 20.29 3.92 11.01
C LEU D 337 20.06 2.70 10.14
N GLY D 338 20.18 1.51 10.74
CA GLY D 338 20.12 0.25 10.01
C GLY D 338 19.30 -0.80 10.74
N LEU D 339 18.58 -1.61 9.97
CA LEU D 339 17.59 -2.53 10.53
C LEU D 339 17.57 -3.82 9.71
N GLY D 340 17.64 -4.96 10.42
CA GLY D 340 17.60 -6.26 9.79
C GLY D 340 16.19 -6.69 9.42
N VAL D 341 15.84 -6.56 8.15
CA VAL D 341 14.53 -6.95 7.66
C VAL D 341 14.17 -8.36 8.13
N GLU D 342 15.03 -9.30 7.79
CA GLU D 342 14.83 -10.71 8.14
C GLU D 342 14.41 -10.82 9.61
N ARG D 343 15.18 -10.19 10.50
CA ARG D 343 14.91 -10.32 11.93
C ARG D 343 13.64 -9.65 12.40
N LEU D 344 13.31 -8.51 11.82
CA LEU D 344 12.06 -7.84 12.15
C LEU D 344 10.96 -8.81 11.78
N ALA D 345 11.01 -9.31 10.55
CA ALA D 345 10.07 -10.29 10.05
C ALA D 345 9.95 -11.52 10.97
N MET D 346 11.07 -11.97 11.53
CA MET D 346 11.01 -13.06 12.49
C MET D 346 10.20 -12.66 13.71
N ILE D 347 10.56 -11.54 14.34
CA ILE D 347 9.95 -11.11 15.60
C ILE D 347 8.47 -10.94 15.42
N SER D 348 8.09 -10.14 14.43
CA SER D 348 6.68 -9.88 14.20
C SER D 348 5.94 -11.11 13.68
N GLY D 349 6.60 -11.96 12.91
CA GLY D 349 5.99 -13.20 12.42
C GLY D 349 6.07 -14.39 13.37
N ASN D 350 6.58 -14.15 14.57
CA ASN D 350 6.97 -15.19 15.50
C ASN D 350 7.61 -16.42 14.86
N PHE D 351 8.61 -16.19 14.01
CA PHE D 351 9.41 -17.27 13.42
C PHE D 351 10.66 -17.56 14.26
N ALA D 352 10.92 -18.83 14.53
CA ALA D 352 12.09 -19.22 15.33
C ALA D 352 13.33 -19.59 14.50
N ASP D 353 13.30 -19.35 13.18
CA ASP D 353 14.39 -19.82 12.31
C ASP D 353 14.36 -19.13 10.95
N VAL D 354 15.35 -18.28 10.68
CA VAL D 354 15.37 -17.52 9.43
C VAL D 354 15.38 -18.38 8.18
N ARG D 355 16.06 -19.52 8.26
CA ARG D 355 16.22 -20.41 7.10
C ARG D 355 14.88 -20.96 6.65
N GLU D 356 14.06 -21.39 7.60
CA GLU D 356 12.70 -21.81 7.29
C GLU D 356 11.79 -20.67 6.84
N MET D 357 11.82 -19.58 7.60
CA MET D 357 10.98 -18.43 7.31
C MET D 357 11.21 -17.88 5.89
N VAL D 358 12.48 -17.81 5.46
CA VAL D 358 12.80 -17.25 4.15
C VAL D 358 12.50 -18.24 3.04
N TYR D 359 12.87 -19.51 3.26
CA TYR D 359 12.73 -20.55 2.26
C TYR D 359 11.94 -21.71 2.85
N PRO D 360 10.63 -21.53 3.07
CA PRO D 360 9.84 -22.58 3.67
C PRO D 360 9.54 -23.76 2.75
N GLN D 361 9.76 -23.58 1.45
CA GLN D 361 9.65 -24.67 0.46
C GLN D 361 10.52 -25.91 0.75
N PHE D 362 11.67 -25.71 1.41
CA PHE D 362 12.60 -26.78 1.67
C PHE D 362 12.31 -27.47 3.04
N TYR D 363 11.09 -27.33 3.57
CA TYR D 363 10.72 -27.77 4.96
C TYR D 363 9.30 -28.35 5.08
N GLU D 364 8.95 -28.89 6.26
CA GLU D 364 7.62 -29.51 6.51
C GLU D 364 6.47 -28.63 6.11
N HIS D 365 5.46 -29.24 5.49
CA HIS D 365 4.24 -28.55 5.10
C HIS D 365 3.05 -29.22 5.78
N LYS D 366 2.66 -28.71 6.94
CA LYS D 366 1.52 -29.24 7.69
C LYS D 366 0.21 -29.09 6.93
N LEU D 367 -0.60 -30.15 6.94
CA LEU D 367 -1.94 -30.11 6.35
C LEU D 367 -2.99 -29.92 7.45
N ASN D 368 -3.53 -28.71 7.51
CA ASN D 368 -4.63 -28.37 8.40
C ASN D 368 -5.72 -29.44 8.42
N ASP D 369 -6.20 -29.73 9.61
CA ASP D 369 -7.32 -30.67 9.81
C ASP D 369 -8.45 -30.47 8.78
N ARG D 370 -8.75 -29.21 8.50
CA ARG D 370 -9.76 -28.84 7.50
C ARG D 370 -9.32 -29.27 6.09
N ASN D 371 -8.07 -28.98 5.74
CA ASN D 371 -7.55 -29.38 4.44
C ASN D 371 -7.63 -30.88 4.20
N VAL D 372 -7.15 -31.67 5.14
CA VAL D 372 -7.20 -33.14 5.04
C VAL D 372 -8.62 -33.61 4.69
N ALA D 373 -9.62 -32.99 5.32
CA ALA D 373 -11.02 -33.28 5.02
C ALA D 373 -11.30 -33.13 3.52
N SER D 374 -10.69 -32.12 2.90
CA SER D 374 -10.90 -31.86 1.49
C SER D 374 -10.29 -32.93 0.58
N MET D 375 -9.29 -33.64 1.09
CA MET D 375 -8.56 -34.64 0.29
C MET D 375 -9.23 -36.02 0.35
N VAL D 376 -10.25 -36.15 1.20
CA VAL D 376 -11.09 -37.34 1.25
C VAL D 376 -12.29 -37.17 0.31
N LYS D 377 -12.32 -37.99 -0.75
CA LYS D 377 -13.32 -37.87 -1.82
C LYS D 377 -13.95 -39.23 -2.17
N LEU D 378 -15.09 -39.20 -2.86
CA LEU D 378 -15.71 -40.41 -3.40
C LEU D 378 -14.89 -40.87 -4.60
N ASP D 379 -14.36 -42.10 -4.54
CA ASP D 379 -13.51 -42.65 -5.60
C ASP D 379 -14.29 -42.84 -6.89
N LYS D 380 -15.25 -43.77 -6.87
CA LYS D 380 -16.07 -44.04 -8.04
C LYS D 380 -17.51 -43.58 -7.80
N VAL D 381 -17.90 -42.56 -8.55
CA VAL D 381 -19.28 -42.08 -8.61
C VAL D 381 -19.64 -41.91 -10.09
N PRO D 382 -20.90 -42.21 -10.47
CA PRO D 382 -21.26 -42.14 -11.88
C PRO D 382 -21.21 -40.70 -12.39
N GLU D 446 -21.07 -41.08 9.84
CA GLU D 446 -20.56 -39.90 9.14
C GLU D 446 -19.06 -39.81 9.33
N ILE D 447 -18.33 -39.66 8.24
CA ILE D 447 -16.87 -39.69 8.32
C ILE D 447 -16.31 -38.28 8.53
N TYR D 448 -15.32 -38.21 9.41
CA TYR D 448 -14.87 -37.00 10.08
C TYR D 448 -13.35 -36.93 10.07
N VAL D 449 -12.79 -35.72 10.10
CA VAL D 449 -11.34 -35.54 10.31
C VAL D 449 -11.07 -34.75 11.58
N TYR D 450 -10.38 -35.39 12.53
CA TYR D 450 -10.11 -34.85 13.87
C TYR D 450 -8.64 -34.96 14.21
N ASP D 451 -8.00 -33.83 14.51
CA ASP D 451 -6.56 -33.78 14.84
C ASP D 451 -5.76 -34.88 14.15
N GLY D 452 -5.56 -34.73 12.83
CA GLY D 452 -4.65 -35.58 12.08
C GLY D 452 -5.19 -36.88 11.51
N ASN D 453 -6.27 -37.42 12.08
CA ASN D 453 -6.82 -38.70 11.60
C ASN D 453 -8.22 -38.60 11.04
N VAL D 454 -8.59 -39.63 10.28
CA VAL D 454 -9.86 -39.67 9.57
C VAL D 454 -10.74 -40.77 10.17
N ILE D 455 -11.50 -40.44 11.22
CA ILE D 455 -12.05 -41.49 12.10
C ILE D 455 -13.33 -42.21 11.64
N GLY D 456 -14.39 -41.47 11.32
CA GLY D 456 -15.68 -42.10 10.99
C GLY D 456 -16.55 -42.39 12.21
N ILE D 457 -17.26 -41.37 12.67
CA ILE D 457 -18.04 -41.41 13.92
C ILE D 457 -19.47 -41.92 13.66
N PRO D 458 -20.05 -42.69 14.61
CA PRO D 458 -21.49 -43.02 14.57
C PRO D 458 -22.40 -41.99 15.26
N GLU D 459 -23.71 -42.22 15.14
CA GLU D 459 -24.75 -41.28 15.62
C GLU D 459 -25.29 -41.63 17.02
N LEU D 524 -14.51 -44.51 -0.15
CA LEU D 524 -14.03 -43.17 -0.43
C LEU D 524 -12.62 -43.29 -0.96
N LYS D 525 -11.82 -42.24 -0.81
CA LYS D 525 -10.49 -42.16 -1.40
C LYS D 525 -9.75 -40.99 -0.77
N ILE D 526 -8.50 -41.21 -0.40
CA ILE D 526 -7.67 -40.16 0.22
C ILE D 526 -6.50 -39.83 -0.68
N ASP D 527 -6.19 -38.54 -0.80
CA ASP D 527 -5.08 -38.10 -1.64
C ASP D 527 -3.76 -38.39 -0.93
N ASP D 528 -2.76 -38.84 -1.69
CA ASP D 528 -1.49 -39.34 -1.14
C ASP D 528 -0.80 -38.42 -0.17
N ILE D 529 -0.92 -37.11 -0.36
CA ILE D 529 -0.35 -36.14 0.56
C ILE D 529 -0.99 -36.24 1.94
N ALA D 530 -2.31 -36.48 1.99
CA ALA D 530 -3.03 -36.69 3.25
C ALA D 530 -2.53 -37.95 3.92
N LEU D 531 -2.39 -39.02 3.14
CA LEU D 531 -1.81 -40.29 3.62
C LEU D 531 -0.42 -40.09 4.23
N LYS D 532 0.54 -39.68 3.42
CA LYS D 532 1.90 -39.41 3.90
C LYS D 532 1.89 -38.84 5.31
N GLN D 533 1.10 -37.79 5.52
CA GLN D 533 1.05 -37.15 6.83
C GLN D 533 0.46 -38.07 7.87
N ILE D 534 -0.78 -38.53 7.62
CA ILE D 534 -1.49 -39.45 8.51
C ILE D 534 -0.57 -40.61 8.95
N MET D 535 0.18 -41.14 7.98
CA MET D 535 1.17 -42.19 8.23
C MET D 535 2.31 -41.65 9.06
N SER D 536 3.05 -40.69 8.52
CA SER D 536 4.24 -40.16 9.19
C SER D 536 3.96 -39.66 10.61
N LYS D 537 2.82 -39.01 10.81
CA LYS D 537 2.43 -38.51 12.13
C LYS D 537 1.68 -39.55 12.97
N ASN D 538 1.83 -40.83 12.63
CA ASN D 538 1.19 -41.93 13.35
C ASN D 538 -0.26 -41.69 13.72
N LYS D 539 -1.04 -41.20 12.78
CA LYS D 539 -2.47 -41.00 12.98
C LYS D 539 -3.20 -42.17 12.34
N VAL D 540 -4.51 -42.25 12.58
CA VAL D 540 -5.35 -43.17 11.82
C VAL D 540 -6.04 -42.38 10.70
N UNK D 557 -21.06 -41.16 -14.97
CA UNK D 557 -21.16 -39.72 -15.18
C UNK D 557 -22.62 -39.32 -15.49
N UNK D 558 -23.09 -39.61 -16.70
CA UNK D 558 -24.45 -39.28 -17.14
C UNK D 558 -25.41 -38.91 -16.00
N UNK D 559 -25.62 -37.60 -15.82
CA UNK D 559 -26.53 -37.02 -14.82
C UNK D 559 -27.56 -37.98 -14.20
N UNK D 560 -28.47 -38.51 -15.03
CA UNK D 560 -29.60 -39.34 -14.58
C UNK D 560 -29.23 -40.48 -13.63
N UNK D 561 -28.13 -41.17 -13.93
CA UNK D 561 -27.64 -42.26 -13.09
C UNK D 561 -27.27 -41.75 -11.70
N UNK D 562 -26.53 -40.64 -11.66
CA UNK D 562 -26.12 -40.03 -10.39
C UNK D 562 -27.32 -39.68 -9.53
N UNK D 563 -28.29 -38.99 -10.14
CA UNK D 563 -29.50 -38.55 -9.45
C UNK D 563 -30.29 -39.70 -8.81
N UNK D 564 -30.21 -40.90 -9.40
CA UNK D 564 -30.85 -42.10 -8.81
C UNK D 564 -30.25 -42.43 -7.43
N UNK D 565 -28.96 -42.16 -7.26
CA UNK D 565 -28.26 -42.41 -6.00
C UNK D 565 -28.95 -41.74 -4.81
N UNK D 566 -29.65 -40.63 -5.08
CA UNK D 566 -30.38 -39.90 -4.05
C UNK D 566 -31.52 -40.70 -3.49
N UNK D 567 -32.36 -41.21 -4.39
CA UNK D 567 -33.53 -42.01 -4.01
C UNK D 567 -33.11 -43.29 -3.30
N UNK D 568 -32.07 -43.94 -3.82
CA UNK D 568 -31.54 -45.15 -3.21
C UNK D 568 -31.14 -44.90 -1.76
N UNK D 569 -30.38 -43.82 -1.54
CA UNK D 569 -29.92 -43.44 -0.20
C UNK D 569 -31.08 -42.97 0.68
N UNK D 570 -32.00 -42.20 0.11
CA UNK D 570 -33.15 -41.66 0.84
C UNK D 570 -34.16 -42.75 1.22
N UNK D 571 -34.26 -43.80 0.40
CA UNK D 571 -35.16 -44.93 0.65
C UNK D 571 -34.56 -45.89 1.70
N UNK D 572 -33.25 -46.12 1.62
CA UNK D 572 -32.54 -46.92 2.62
C UNK D 572 -32.48 -46.17 3.95
N UNK D 573 -32.40 -44.84 3.89
CA UNK D 573 -32.42 -43.97 5.07
C UNK D 573 -33.67 -44.18 5.91
N UNK D 574 -34.83 -44.17 5.26
CA UNK D 574 -36.11 -44.42 5.93
C UNK D 574 -36.19 -45.85 6.47
N UNK D 575 -35.79 -46.82 5.65
CA UNK D 575 -35.76 -48.23 6.06
C UNK D 575 -34.54 -48.52 6.93
N UNK D 576 -36.72 -58.22 5.70
CA UNK D 576 -36.98 -57.06 4.85
C UNK D 576 -36.33 -57.20 3.47
N UNK D 577 -36.99 -56.64 2.46
CA UNK D 577 -36.50 -56.71 1.08
C UNK D 577 -36.85 -55.44 0.29
N UNK D 578 -35.88 -54.54 0.14
CA UNK D 578 -36.05 -53.32 -0.67
C UNK D 578 -36.03 -53.67 -2.16
N UNK D 579 -36.65 -52.81 -2.99
CA UNK D 579 -36.71 -53.06 -4.43
C UNK D 579 -37.08 -51.81 -5.24
N UNK D 580 -36.07 -51.15 -5.79
CA UNK D 580 -36.29 -50.01 -6.69
C UNK D 580 -36.47 -50.50 -8.13
N UNK D 581 -36.91 -49.59 -9.00
CA UNK D 581 -37.10 -49.91 -10.43
C UNK D 581 -37.30 -48.62 -11.25
N UNK D 582 -36.37 -48.35 -12.18
CA UNK D 582 -36.43 -47.16 -13.03
C UNK D 582 -36.76 -47.55 -14.47
N UNK D 583 -34.15 -50.94 -18.47
CA UNK D 583 -35.09 -51.37 -17.44
C UNK D 583 -34.37 -52.04 -16.26
N UNK D 584 -33.71 -51.22 -15.44
CA UNK D 584 -32.92 -51.71 -14.30
C UNK D 584 -33.78 -51.86 -13.03
N UNK D 585 -33.39 -52.80 -12.17
CA UNK D 585 -34.15 -53.10 -10.94
C UNK D 585 -33.20 -53.50 -9.80
N UNK D 586 -32.98 -52.57 -8.86
CA UNK D 586 -32.07 -52.79 -7.73
C UNK D 586 -32.81 -53.36 -6.51
N UNK D 587 -32.35 -54.51 -6.03
CA UNK D 587 -32.96 -55.19 -4.89
C UNK D 587 -32.01 -55.18 -3.69
N UNK D 588 -32.56 -54.92 -2.50
CA UNK D 588 -31.78 -54.85 -1.27
C UNK D 588 -32.27 -55.87 -0.24
N UNK D 589 -31.58 -57.02 -0.15
CA UNK D 589 -31.94 -58.09 0.79
C UNK D 589 -31.57 -57.74 2.24
N UNK D 590 -12.65 -45.72 23.83
CA UNK D 590 -12.47 -44.64 22.85
C UNK D 590 -13.59 -43.60 22.91
N UNK D 591 -14.29 -43.55 24.05
CA UNK D 591 -15.44 -42.66 24.24
C UNK D 591 -15.09 -41.18 24.04
N UNK D 592 -14.04 -40.73 24.73
CA UNK D 592 -13.59 -39.33 24.64
C UNK D 592 -13.16 -38.95 23.22
N UNK D 593 -12.47 -39.85 22.53
CA UNK D 593 -11.99 -39.57 21.17
C UNK D 593 -13.14 -39.32 20.22
N UNK D 594 -14.08 -40.27 20.16
CA UNK D 594 -15.26 -40.13 19.29
C UNK D 594 -16.18 -39.00 19.76
N UNK D 595 -16.18 -38.75 21.07
CA UNK D 595 -16.95 -37.64 21.63
C UNK D 595 -16.34 -36.31 21.23
N UNK D 596 -15.03 -36.19 21.46
CA UNK D 596 -14.29 -34.97 21.11
C UNK D 596 -14.31 -34.70 19.59
N UNK D 597 -14.27 -35.78 18.81
CA UNK D 597 -14.22 -35.68 17.34
C UNK D 597 -15.49 -35.11 16.75
N UNK D 598 -16.64 -35.64 17.15
CA UNK D 598 -17.93 -35.12 16.67
C UNK D 598 -18.07 -33.62 16.98
N UNK D 599 -17.52 -33.20 18.11
CA UNK D 599 -17.64 -31.82 18.57
C UNK D 599 -16.55 -30.88 18.05
N UNK D 600 -15.35 -31.42 17.83
CA UNK D 600 -14.16 -30.60 17.50
C UNK D 600 -13.55 -30.80 16.09
N UNK D 601 -13.98 -31.81 15.36
CA UNK D 601 -13.40 -32.13 14.05
C UNK D 601 -14.23 -31.61 12.90
N UNK D 602 -13.60 -31.43 11.74
CA UNK D 602 -14.31 -31.01 10.52
C UNK D 602 -15.13 -32.19 10.01
N UNK D 603 -16.44 -32.00 9.93
CA UNK D 603 -17.34 -33.04 9.43
C UNK D 603 -17.26 -33.12 7.92
N UNK D 604 -16.83 -34.28 7.41
CA UNK D 604 -16.79 -34.51 5.97
C UNK D 604 -18.20 -34.41 5.40
N UNK D 605 -19.18 -34.97 6.09
CA UNK D 605 -20.56 -34.96 5.60
C UNK D 605 -20.80 -36.01 4.51
N UNK D 606 -19.84 -36.93 4.35
CA UNK D 606 -20.07 -38.16 3.61
C UNK D 606 -20.43 -39.21 4.65
N UNK D 607 -21.65 -39.73 4.55
CA UNK D 607 -22.13 -40.80 5.44
C UNK D 607 -21.85 -42.12 4.75
N UNK D 608 -21.53 -43.15 5.54
CA UNK D 608 -21.24 -44.48 4.98
C UNK D 608 -22.31 -44.90 3.95
N UNK D 609 -23.58 -44.79 4.32
CA UNK D 609 -24.70 -45.15 3.43
C UNK D 609 -24.71 -44.34 2.13
N UNK D 610 -24.21 -43.11 2.17
CA UNK D 610 -24.15 -42.21 1.03
C UNK D 610 -23.04 -42.60 0.04
N UNK D 611 -21.87 -42.96 0.57
CA UNK D 611 -20.73 -43.33 -0.28
C UNK D 611 -20.94 -44.65 -1.02
N UNK D 612 -21.53 -45.61 -0.31
CA UNK D 612 -21.82 -46.93 -0.87
C UNK D 612 -22.93 -46.84 -1.93
N UNK D 613 -23.99 -46.08 -1.63
CA UNK D 613 -25.13 -45.93 -2.56
C UNK D 613 -24.71 -45.35 -3.91
N UNK D 614 -23.51 -44.78 -3.98
CA UNK D 614 -22.92 -44.33 -5.25
C UNK D 614 -22.18 -45.48 -5.94
N UNK D 615 -21.64 -46.41 -5.15
CA UNK D 615 -20.96 -47.60 -5.67
C UNK D 615 -21.88 -48.41 -6.58
N UNK D 616 -23.13 -48.57 -6.15
CA UNK D 616 -24.16 -49.19 -6.96
C UNK D 616 -24.40 -48.37 -8.23
N UNK D 617 -24.55 -47.05 -8.05
CA UNK D 617 -24.84 -46.11 -9.15
C UNK D 617 -23.72 -46.03 -10.19
N UNK D 618 -22.47 -46.16 -9.74
CA UNK D 618 -21.30 -46.19 -10.63
C UNK D 618 -21.22 -47.52 -11.37
N UNK D 619 -21.63 -48.60 -10.69
CA UNK D 619 -21.64 -49.93 -11.27
C UNK D 619 -22.73 -50.06 -12.35
N UNK D 620 -23.64 -49.09 -12.44
CA UNK D 620 -24.58 -49.01 -13.56
C UNK D 620 -23.92 -48.39 -14.79
N UNK D 621 -22.91 -47.56 -14.58
CA UNK D 621 -22.08 -47.06 -15.68
C UNK D 621 -21.22 -48.20 -16.21
N GLU D 622 -20.79 -49.08 -15.29
CA GLU D 622 -20.09 -50.32 -15.65
C GLU D 622 -20.95 -51.20 -16.59
N UNK D 623 -22.23 -51.32 -16.27
CA UNK D 623 -23.19 -52.08 -17.08
C UNK D 623 -23.50 -51.39 -18.41
N UNK D 624 -23.24 -50.07 -18.49
CA UNK D 624 -23.35 -49.33 -19.74
C UNK D 624 -22.26 -49.75 -20.75
N UNK D 625 -21.20 -50.38 -20.25
CA UNK D 625 -20.17 -50.98 -21.10
C UNK D 625 -20.35 -52.49 -21.22
N UNK D 626 -20.45 -53.18 -20.08
CA UNK D 626 -20.59 -54.63 -20.05
C UNK D 626 -22.00 -55.10 -20.44
N UNK D 627 -22.81 -55.48 -19.46
CA UNK D 627 -24.17 -55.96 -19.73
C UNK D 627 -24.97 -56.09 -18.43
N UNK D 628 -26.96 -59.33 -13.30
CA UNK D 628 -26.51 -60.04 -12.10
C UNK D 628 -25.26 -59.40 -11.48
N UNK D 629 -25.36 -58.11 -11.15
CA UNK D 629 -24.31 -57.41 -10.41
C UNK D 629 -24.69 -57.43 -8.93
N UNK D 630 -23.68 -57.55 -8.07
CA UNK D 630 -23.92 -57.69 -6.62
C UNK D 630 -22.94 -56.88 -5.78
N UNK D 631 -23.48 -56.02 -4.92
CA UNK D 631 -22.68 -55.26 -3.95
C UNK D 631 -22.55 -56.07 -2.64
N UNK D 632 -21.32 -56.48 -2.32
CA UNK D 632 -21.07 -57.34 -1.18
C UNK D 632 -20.18 -56.63 -0.18
N UNK D 633 -20.72 -56.33 1.00
CA UNK D 633 -19.95 -55.69 2.06
C UNK D 633 -20.66 -55.78 3.40
N UNK D 634 -19.95 -56.29 4.41
CA UNK D 634 -20.47 -56.32 5.77
C UNK D 634 -19.35 -56.03 6.76
N UNK D 635 -16.22 -48.60 1.46
CA UNK D 635 -17.01 -47.37 1.55
C UNK D 635 -17.11 -46.63 0.21
N UNK D 636 -16.22 -46.97 -0.75
CA UNK D 636 -16.25 -46.42 -2.10
C UNK D 636 -15.58 -45.06 -2.16
N UNK D 637 -6.97 -44.19 9.40
CA UNK D 637 -8.41 -44.16 9.23
C UNK D 637 -9.05 -45.27 10.08
N UNK D 638 -10.30 -45.05 10.50
CA UNK D 638 -11.10 -46.11 11.16
C UNK D 638 -12.58 -46.03 10.76
N UNK D 639 -19.40 -52.11 10.95
CA UNK D 639 -20.44 -53.14 11.07
C UNK D 639 -21.71 -52.69 10.35
N UNK D 640 -21.77 -52.98 9.05
CA UNK D 640 -22.85 -52.48 8.20
C UNK D 640 -23.00 -53.38 6.96
N UNK D 641 -24.01 -54.25 6.98
CA UNK D 641 -24.17 -55.27 5.95
C UNK D 641 -25.23 -54.90 4.92
N UNK D 642 -24.82 -54.16 3.90
CA UNK D 642 -25.66 -53.89 2.73
C UNK D 642 -25.41 -54.97 1.68
N UNK D 643 -25.97 -57.44 0.24
CA UNK D 643 -27.41 -57.17 0.24
C UNK D 643 -27.78 -56.12 -0.79
N UNK D 644 -27.29 -56.31 -2.01
CA UNK D 644 -27.60 -55.43 -3.14
C UNK D 644 -27.50 -56.24 -4.43
N UNK D 645 -28.65 -56.59 -5.00
CA UNK D 645 -28.71 -57.40 -6.22
C UNK D 645 -29.49 -56.63 -7.30
N UNK D 646 -28.77 -56.15 -8.31
CA UNK D 646 -29.34 -55.33 -9.38
C UNK D 646 -29.54 -56.13 -10.67
N UNK D 647 -30.61 -55.79 -11.42
CA UNK D 647 -30.92 -56.44 -12.69
C UNK D 647 -31.38 -55.41 -13.72
N UNK D 648 46.54 -29.09 -35.32
CA UNK D 648 46.81 -30.30 -36.09
C UNK D 648 45.90 -31.43 -35.63
N UNK D 649 46.00 -31.78 -34.34
CA UNK D 649 45.16 -32.82 -33.75
C UNK D 649 43.68 -32.45 -33.77
N UNK D 650 43.40 -31.14 -33.69
CA UNK D 650 42.03 -30.63 -33.83
C UNK D 650 41.52 -30.84 -35.25
N UNK D 651 42.38 -30.55 -36.23
CA UNK D 651 42.06 -30.78 -37.64
C UNK D 651 41.94 -32.27 -37.94
N UNK D 652 42.83 -33.07 -37.34
CA UNK D 652 42.78 -34.53 -37.48
C UNK D 652 41.55 -35.12 -36.78
N UNK D 653 41.16 -34.54 -35.65
CA UNK D 653 39.94 -34.93 -34.94
C UNK D 653 38.68 -34.56 -35.73
N UNK D 654 38.76 -33.48 -36.51
CA UNK D 654 37.66 -33.06 -37.39
C UNK D 654 37.37 -34.08 -38.51
N UNK D 655 38.28 -35.04 -38.71
CA UNK D 655 37.99 -36.22 -39.52
C UNK D 655 38.50 -37.49 -38.81
N UNK D 656 38.14 -37.65 -37.54
CA UNK D 656 38.51 -38.84 -36.76
C UNK D 656 37.74 -38.90 -35.45
N UNK D 657 36.50 -20.35 -41.85
CA UNK D 657 35.22 -19.96 -41.30
C UNK D 657 35.14 -20.31 -39.82
N UNK D 658 35.33 -21.59 -39.51
CA UNK D 658 35.28 -22.08 -38.12
C UNK D 658 36.46 -21.59 -37.29
N UNK D 659 37.61 -21.36 -37.94
CA UNK D 659 38.78 -20.76 -37.29
C UNK D 659 38.46 -19.36 -36.78
N UNK D 660 37.75 -18.59 -37.62
CA UNK D 660 37.33 -17.22 -37.26
C UNK D 660 36.29 -17.22 -36.14
N UNK D 661 35.31 -18.12 -36.23
CA UNK D 661 34.27 -18.26 -35.20
C UNK D 661 34.85 -18.61 -33.82
N UNK D 662 35.97 -19.34 -33.81
CA UNK D 662 36.69 -19.65 -32.57
C UNK D 662 37.33 -18.42 -31.96
N UNK D 663 37.89 -17.55 -32.80
CA UNK D 663 38.45 -16.27 -32.36
C UNK D 663 37.35 -15.34 -31.80
N UNK D 664 36.13 -15.47 -32.31
CA UNK D 664 34.99 -14.68 -31.84
C UNK D 664 34.78 -14.82 -30.34
N UNK D 665 34.75 -16.07 -29.86
CA UNK D 665 34.64 -16.35 -28.43
C UNK D 665 35.81 -15.72 -27.69
N UNK D 666 37.03 -16.04 -28.12
CA UNK D 666 38.24 -15.54 -27.47
C UNK D 666 38.13 -14.05 -27.10
N UNK D 667 37.76 -13.22 -28.06
CA UNK D 667 37.64 -11.78 -27.84
C UNK D 667 36.36 -11.43 -27.08
N UNK D 668 25.53 -18.76 -27.98
CA UNK D 668 25.51 -18.72 -29.44
C UNK D 668 26.68 -19.50 -30.05
N UNK D 669 27.56 -20.03 -29.20
CA UNK D 669 28.80 -20.69 -29.66
C UNK D 669 28.51 -22.01 -30.39
N UNK D 670 27.77 -22.89 -29.72
CA UNK D 670 27.39 -24.17 -30.30
C UNK D 670 26.57 -23.99 -31.59
N UNK D 671 25.75 -22.94 -31.62
CA UNK D 671 24.91 -22.62 -32.78
C UNK D 671 25.73 -22.15 -33.98
N UNK D 672 26.63 -21.20 -33.73
CA UNK D 672 27.51 -20.67 -34.78
C UNK D 672 28.53 -21.72 -35.24
N UNK D 673 28.82 -22.69 -34.36
CA UNK D 673 29.61 -23.86 -34.73
C UNK D 673 28.77 -24.81 -35.58
N UNK D 674 27.51 -25.00 -35.19
CA UNK D 674 26.59 -25.89 -35.90
C UNK D 674 26.21 -25.33 -37.27
N UNK D 675 23.21 -32.31 -30.74
CA UNK D 675 24.18 -31.24 -30.90
C UNK D 675 25.58 -31.81 -31.15
N UNK D 676 25.99 -31.86 -32.41
CA UNK D 676 27.31 -32.35 -32.79
C UNK D 676 28.42 -31.40 -32.30
N UNK D 677 28.04 -30.14 -32.07
CA UNK D 677 28.94 -29.15 -31.47
C UNK D 677 29.33 -29.50 -30.03
N UNK D 678 28.44 -30.20 -29.32
CA UNK D 678 28.71 -30.62 -27.94
C UNK D 678 29.96 -31.49 -27.84
N UNK D 679 30.00 -32.56 -28.61
CA UNK D 679 31.18 -33.44 -28.69
C UNK D 679 32.33 -32.74 -29.42
N UNK D 680 31.99 -31.89 -30.39
CA UNK D 680 32.99 -31.14 -31.15
C UNK D 680 33.71 -30.07 -30.33
N UNK D 681 33.03 -29.52 -29.33
CA UNK D 681 33.62 -28.51 -28.44
C UNK D 681 34.33 -29.20 -27.27
N UNK D 682 33.57 -29.94 -26.48
CA UNK D 682 34.08 -30.60 -25.27
C UNK D 682 35.17 -31.62 -25.59
N UNK D 683 35.02 -32.35 -26.70
CA UNK D 683 35.94 -33.44 -27.06
C UNK D 683 37.04 -33.00 -28.03
N UNK D 684 36.67 -32.17 -29.02
CA UNK D 684 37.64 -31.72 -30.03
C UNK D 684 38.27 -30.35 -29.71
N UNK D 685 37.43 -29.36 -29.44
CA UNK D 685 37.92 -27.98 -29.26
C UNK D 685 38.14 -27.66 -27.78
#